data_5JYO
#
_entry.id   5JYO
#
_cell.length_a   126.404
_cell.length_b   126.629
_cell.length_c   126.269
_cell.angle_alpha   112.88
_cell.angle_beta   102.81
_cell.angle_gamma   112.74
#
_symmetry.space_group_name_H-M   'P 1'
#
loop_
_entity.id
_entity.type
_entity.pdbx_description
1 polymer 'Glutaminase kidney isoform, mitochondrial'
2 non-polymer 2-(pyridin-2-yl)-N-(5-{4-[6-({[3-(trifluoromethoxy)phenyl]acetyl}amino)pyridazin-3-yl]butyl}-1,3,4-thiadiazol-2-yl)acetamide
3 water water
#
_entity_poly.entity_id   1
_entity_poly.type   'polypeptide(L)'
_entity_poly.pdbx_seq_one_letter_code
;MGSSHHHHHHSSGLVPRGSMIPDFMSFTSHIDELYESAKKQSGGKVADYIPQLAKFSPDLWGVSVCTVDGQRHSTGDTKV
PFCLQSCVKPLKYAIAVNDLGTEYVHRYVGKEPSGLRFNKLFLNEDDKPHNPMVNAGAIVVTSLIKQGVNNAEKFDYVMQ
FLNKMAGNEYVGFSNATFQSERESGDRNFAIGYYLKEKKCFPEGTDMVGILDFYFQLCSIEVTCESASVMAATLANGGFC
PITGERVLSPEAVRNTLSLMHSCGMYDFSGQFAFHVGLPAKSGVAGGILLVVPNVMGMMCWSPPLDKMGNSVKGIHFCHD
LVSLCNFHNYDNL
;
_entity_poly.pdbx_strand_id   D,A,B,C,E,F,G,H
#
loop_
_chem_comp.id
_chem_comp.type
_chem_comp.name
_chem_comp.formula
63J non-polymer 2-(pyridin-2-yl)-N-(5-{4-[6-({[3-(trifluoromethoxy)phenyl]acetyl}amino)pyridazin-3-yl]butyl}-1,3,4-thiadiazol-2-yl)acetamide 'C26 H24 F3 N7 O3 S'
#
# COMPACT_ATOMS: atom_id res chain seq x y z
N GLY A 18 36.51 27.19 12.19
CA GLY A 18 35.96 26.65 10.96
C GLY A 18 35.75 27.69 9.87
N SER A 19 36.82 28.03 9.16
CA SER A 19 36.77 29.06 8.12
C SER A 19 36.71 28.38 6.75
N MET A 20 35.48 28.11 6.29
CA MET A 20 35.22 27.76 4.90
C MET A 20 34.69 28.94 4.09
N ILE A 21 34.40 30.06 4.75
CA ILE A 21 34.18 31.33 4.07
C ILE A 21 35.37 32.20 4.43
N PRO A 22 36.47 32.12 3.68
CA PRO A 22 37.64 32.96 3.99
C PRO A 22 37.36 34.44 3.83
N ASP A 23 36.75 34.85 2.70
CA ASP A 23 36.49 36.25 2.40
C ASP A 23 34.98 36.46 2.28
N PHE A 24 34.39 37.06 3.32
CA PHE A 24 32.94 37.23 3.33
C PHE A 24 32.45 38.10 2.18
N MET A 25 33.23 39.13 1.82
CA MET A 25 32.81 40.02 0.74
C MET A 25 32.82 39.33 -0.62
N SER A 26 33.76 38.42 -0.85
CA SER A 26 33.72 37.67 -2.11
C SER A 26 32.60 36.65 -2.09
N PHE A 27 32.29 36.11 -0.91
CA PHE A 27 31.18 35.16 -0.80
C PHE A 27 29.85 35.82 -1.14
N THR A 28 29.60 37.01 -0.59
CA THR A 28 28.35 37.73 -0.90
C THR A 28 28.29 38.09 -2.38
N SER A 29 29.44 38.37 -2.99
CA SER A 29 29.47 38.59 -4.43
C SER A 29 28.97 37.36 -5.19
N HIS A 30 29.31 36.16 -4.70
CA HIS A 30 28.81 34.94 -5.34
C HIS A 30 27.34 34.72 -5.01
N ILE A 31 26.91 35.06 -3.79
CA ILE A 31 25.49 34.97 -3.46
C ILE A 31 24.67 35.80 -4.44
N ASP A 32 25.12 37.04 -4.70
CA ASP A 32 24.41 37.94 -5.62
C ASP A 32 24.33 37.35 -7.02
N GLU A 33 25.40 36.70 -7.49
CA GLU A 33 25.36 36.10 -8.83
C GLU A 33 24.38 34.94 -8.88
N LEU A 34 24.40 34.08 -7.86
CA LEU A 34 23.40 33.01 -7.78
C LEU A 34 21.99 33.59 -7.68
N TYR A 35 21.83 34.65 -6.88
CA TYR A 35 20.55 35.34 -6.83
C TYR A 35 20.09 35.77 -8.22
N GLU A 36 20.96 36.42 -8.98
CA GLU A 36 20.58 36.90 -10.30
C GLU A 36 20.24 35.74 -11.23
N SER A 37 21.01 34.65 -11.16
CA SER A 37 20.73 33.50 -12.01
C SER A 37 19.37 32.90 -11.68
N ALA A 38 19.09 32.68 -10.39
CA ALA A 38 17.78 32.16 -9.99
C ALA A 38 16.64 33.06 -10.43
N LYS A 39 16.89 34.38 -10.49
CA LYS A 39 15.84 35.34 -10.82
C LYS A 39 15.22 35.05 -12.19
N LYS A 40 16.00 34.46 -13.10
CA LYS A 40 15.51 34.16 -14.44
C LYS A 40 14.54 32.98 -14.47
N GLN A 41 14.50 32.17 -13.41
CA GLN A 41 13.61 31.01 -13.34
C GLN A 41 12.20 31.47 -13.02
N SER A 42 11.35 31.55 -14.05
CA SER A 42 10.02 32.12 -13.91
C SER A 42 8.93 31.07 -13.73
N GLY A 43 9.27 29.78 -13.72
CA GLY A 43 8.26 28.74 -13.60
C GLY A 43 7.58 28.72 -12.23
N GLY A 44 6.60 27.83 -12.13
CA GLY A 44 5.94 27.59 -10.87
C GLY A 44 4.64 28.34 -10.73
N LYS A 45 3.89 27.98 -9.70
CA LYS A 45 2.58 28.54 -9.44
C LYS A 45 2.51 29.03 -8.01
N VAL A 46 2.07 30.29 -7.84
CA VAL A 46 1.82 30.82 -6.50
C VAL A 46 0.66 30.07 -5.88
N ALA A 47 0.81 29.66 -4.63
CA ALA A 47 -0.27 28.97 -3.93
C ALA A 47 -1.51 29.84 -3.88
N ASP A 48 -2.67 29.23 -4.11
CA ASP A 48 -3.88 30.03 -4.17
C ASP A 48 -5.06 29.39 -3.47
N TYR A 49 -4.84 28.49 -2.51
CA TYR A 49 -5.99 27.90 -1.85
C TYR A 49 -6.59 28.83 -0.81
N ILE A 50 -5.87 29.84 -0.35
CA ILE A 50 -6.49 30.96 0.38
C ILE A 50 -6.09 32.27 -0.28
N PRO A 51 -6.92 33.30 -0.19
CA PRO A 51 -6.60 34.57 -0.85
C PRO A 51 -5.31 35.19 -0.32
N GLN A 52 -5.03 35.02 0.97
CA GLN A 52 -3.82 35.60 1.56
C GLN A 52 -2.55 35.05 0.94
N LEU A 53 -2.60 33.87 0.28
CA LEU A 53 -1.45 33.42 -0.47
C LEU A 53 -1.53 33.82 -1.93
N ALA A 54 -2.72 33.73 -2.51
CA ALA A 54 -2.90 34.04 -3.94
C ALA A 54 -2.53 35.48 -4.26
N LYS A 55 -2.52 36.37 -3.26
CA LYS A 55 -2.22 37.78 -3.47
C LYS A 55 -0.79 38.00 -3.94
N PHE A 56 0.14 37.12 -3.55
CA PHE A 56 1.54 37.47 -3.63
C PHE A 56 1.99 37.50 -5.08
N SER A 57 2.83 38.47 -5.41
CA SER A 57 3.42 38.58 -6.74
C SER A 57 4.37 37.41 -7.00
N PRO A 58 4.30 36.81 -8.20
CA PRO A 58 5.28 35.77 -8.56
C PRO A 58 6.71 36.29 -8.67
N ASP A 59 6.91 37.60 -8.76
CA ASP A 59 8.24 38.15 -8.98
C ASP A 59 8.98 38.49 -7.70
N LEU A 60 8.35 38.38 -6.54
CA LEU A 60 9.08 38.60 -5.30
C LEU A 60 10.14 37.51 -5.15
N TRP A 61 11.35 37.91 -4.75
CA TRP A 61 12.49 37.00 -4.69
C TRP A 61 13.52 37.61 -3.75
N GLY A 62 13.77 36.97 -2.62
CA GLY A 62 14.73 37.47 -1.66
C GLY A 62 15.61 36.36 -1.12
N VAL A 63 16.87 36.70 -0.84
CA VAL A 63 17.82 35.80 -0.19
C VAL A 63 18.53 36.57 0.92
N SER A 64 18.51 36.03 2.13
CA SER A 64 19.23 36.60 3.26
C SER A 64 20.15 35.56 3.86
N VAL A 65 21.34 36.01 4.23
CA VAL A 65 22.36 35.18 4.85
C VAL A 65 22.72 35.78 6.20
N CYS A 66 22.89 34.92 7.19
CA CYS A 66 23.46 35.32 8.49
C CYS A 66 24.46 34.23 8.88
N THR A 67 25.74 34.59 9.00
CA THR A 67 26.75 33.60 9.35
C THR A 67 26.71 33.31 10.85
N VAL A 68 27.50 32.31 11.26
CA VAL A 68 27.60 32.00 12.67
C VAL A 68 28.40 33.07 13.41
N ASP A 69 29.16 33.88 12.65
CA ASP A 69 29.82 35.07 13.20
C ASP A 69 28.83 36.18 13.51
N GLY A 70 27.76 36.29 12.75
CA GLY A 70 26.88 37.43 12.80
C GLY A 70 26.99 38.34 11.61
N GLN A 71 27.74 37.96 10.58
CA GLN A 71 27.80 38.76 9.38
C GLN A 71 26.55 38.55 8.54
N ARG A 72 26.08 39.63 7.91
CA ARG A 72 24.78 39.63 7.26
C ARG A 72 24.92 40.03 5.81
N HIS A 73 24.01 39.53 4.98
CA HIS A 73 23.92 39.96 3.60
C HIS A 73 22.53 39.61 3.08
N SER A 74 21.88 40.58 2.44
CA SER A 74 20.59 40.36 1.81
C SER A 74 20.66 40.87 0.38
N THR A 75 19.84 40.27 -0.48
CA THR A 75 19.65 40.76 -1.83
C THR A 75 18.21 40.46 -2.24
N GLY A 76 17.58 41.43 -2.94
CA GLY A 76 16.19 41.27 -3.34
C GLY A 76 15.20 41.68 -2.25
N ASP A 77 14.05 41.00 -2.24
CA ASP A 77 12.89 41.43 -1.45
C ASP A 77 12.93 40.81 -0.05
N THR A 78 13.88 41.28 0.75
CA THR A 78 14.21 40.62 2.02
C THR A 78 13.57 41.27 3.23
N LYS A 79 12.70 42.27 3.02
CA LYS A 79 12.00 42.94 4.12
C LYS A 79 10.49 42.88 3.93
N VAL A 80 10.01 42.09 2.98
CA VAL A 80 8.57 41.90 2.78
C VAL A 80 8.13 40.75 3.67
N PRO A 81 7.22 40.97 4.63
CA PRO A 81 6.82 39.89 5.52
C PRO A 81 6.01 38.83 4.78
N PHE A 82 6.14 37.59 5.25
CA PHE A 82 5.39 36.47 4.70
C PHE A 82 5.26 35.40 5.78
N CYS A 83 4.28 34.51 5.62
CA CYS A 83 3.98 33.53 6.66
C CYS A 83 4.97 32.36 6.64
N LEU A 84 5.35 31.91 7.84
CA LEU A 84 6.24 30.77 7.95
C LEU A 84 5.64 29.53 7.31
N GLN A 85 4.35 29.25 7.58
CA GLN A 85 3.66 28.03 7.14
C GLN A 85 4.51 26.84 7.61
N SER A 86 4.81 25.86 6.75
CA SER A 86 5.53 24.67 7.20
C SER A 86 6.93 24.99 7.71
N CYS A 87 7.49 26.16 7.33
CA CYS A 87 8.78 26.57 7.84
C CYS A 87 8.79 26.65 9.37
N VAL A 88 7.63 26.79 10.00
CA VAL A 88 7.61 26.80 11.46
C VAL A 88 7.75 25.41 12.06
N LYS A 89 7.56 24.34 11.27
CA LYS A 89 7.54 22.99 11.86
C LYS A 89 8.86 22.61 12.52
N PRO A 90 10.03 22.81 11.91
CA PRO A 90 11.27 22.50 12.65
C PRO A 90 11.43 23.35 13.89
N LEU A 91 10.92 24.58 13.89
CA LEU A 91 11.10 25.47 15.02
C LEU A 91 10.26 25.01 16.22
N LYS A 92 8.99 24.66 16.01
CA LYS A 92 8.23 24.21 17.17
C LYS A 92 8.67 22.82 17.62
N TYR A 93 9.19 21.97 16.72
CA TYR A 93 9.77 20.71 17.17
C TYR A 93 10.99 20.96 18.04
N ALA A 94 11.83 21.93 17.66
CA ALA A 94 13.00 22.27 18.46
C ALA A 94 12.60 22.73 19.86
N ILE A 95 11.56 23.57 19.95
CA ILE A 95 11.07 24.02 21.25
C ILE A 95 10.63 22.83 22.08
N ALA A 96 9.89 21.89 21.47
CA ALA A 96 9.40 20.74 22.23
C ALA A 96 10.56 19.88 22.75
N VAL A 97 11.54 19.59 21.91
CA VAL A 97 12.68 18.79 22.37
C VAL A 97 13.46 19.56 23.44
N ASN A 98 13.65 20.87 23.22
CA ASN A 98 14.36 21.70 24.19
C ASN A 98 13.72 21.63 25.58
N ASP A 99 12.39 21.70 25.65
CA ASP A 99 11.71 21.70 26.94
C ASP A 99 11.48 20.29 27.48
N LEU A 100 11.37 19.27 26.62
CA LEU A 100 10.87 17.98 27.07
C LEU A 100 11.80 16.80 26.83
N GLY A 101 12.82 16.95 25.98
CA GLY A 101 13.76 15.86 25.70
C GLY A 101 13.34 14.99 24.54
N THR A 102 14.33 14.39 23.89
CA THR A 102 14.10 13.54 22.70
C THR A 102 13.12 12.42 23.01
N GLU A 103 13.32 11.72 24.13
CA GLU A 103 12.59 10.50 24.41
C GLU A 103 11.09 10.77 24.56
N TYR A 104 10.74 11.76 25.36
CA TYR A 104 9.34 12.11 25.55
C TYR A 104 8.68 12.52 24.22
N VAL A 105 9.33 13.40 23.47
CA VAL A 105 8.71 13.86 22.21
C VAL A 105 8.45 12.69 21.29
N HIS A 106 9.40 11.77 21.18
CA HIS A 106 9.24 10.71 20.20
C HIS A 106 8.45 9.52 20.74
N ARG A 107 7.87 9.63 21.94
CA ARG A 107 6.74 8.79 22.27
C ARG A 107 5.52 9.09 21.42
N TYR A 108 5.44 10.31 20.87
CA TYR A 108 4.25 10.76 20.16
C TYR A 108 4.44 10.91 18.67
N VAL A 109 5.68 10.95 18.17
CA VAL A 109 5.91 11.22 16.76
C VAL A 109 7.14 10.45 16.31
N GLY A 110 7.11 10.00 15.06
CA GLY A 110 8.19 9.25 14.47
C GLY A 110 9.40 10.10 14.15
N LYS A 111 10.38 9.44 13.53
CA LYS A 111 11.72 9.99 13.33
C LYS A 111 12.23 9.83 11.91
N GLU A 112 11.38 9.55 10.94
CA GLU A 112 11.96 9.25 9.63
C GLU A 112 10.94 9.55 8.53
N PRO A 113 11.40 9.68 7.28
CA PRO A 113 10.48 9.92 6.16
C PRO A 113 9.48 8.80 5.98
N SER A 114 8.31 9.17 5.46
CA SER A 114 7.25 8.20 5.21
C SER A 114 7.50 7.39 3.94
N GLY A 115 8.04 8.01 2.90
CA GLY A 115 8.07 7.40 1.58
C GLY A 115 6.81 7.71 0.79
N ASN A 119 3.03 11.14 0.73
CA ASN A 119 2.28 10.11 1.47
C ASN A 119 0.95 10.64 2.02
N LYS A 120 -0.09 9.84 1.83
CA LYS A 120 -1.44 10.23 2.17
C LYS A 120 -1.91 9.67 3.51
N LEU A 121 -1.16 8.75 4.11
CA LEU A 121 -1.53 8.14 5.39
C LEU A 121 -1.20 9.08 6.55
N PHE A 122 -2.10 9.13 7.54
CA PHE A 122 -1.87 10.00 8.68
C PHE A 122 -0.87 9.41 9.66
N LEU A 123 -0.76 8.08 9.75
CA LEU A 123 0.01 7.44 10.81
C LEU A 123 0.84 6.30 10.24
N ASN A 124 2.02 6.09 10.83
CA ASN A 124 2.82 4.92 10.52
C ASN A 124 2.23 3.68 11.22
N GLU A 125 2.98 2.58 11.14
CA GLU A 125 2.53 1.28 11.64
C GLU A 125 2.46 1.22 13.16
N ASP A 126 3.19 2.08 13.86
CA ASP A 126 3.10 2.22 15.31
C ASP A 126 2.01 3.18 15.74
N ASP A 127 1.10 3.57 14.84
CA ASP A 127 0.04 4.54 15.15
C ASP A 127 0.62 5.88 15.63
N LYS A 128 1.75 6.28 15.05
CA LYS A 128 2.32 7.59 15.31
C LYS A 128 2.52 8.32 13.99
N PRO A 129 2.36 9.64 13.96
CA PRO A 129 2.69 10.39 12.74
C PRO A 129 4.15 10.15 12.37
N HIS A 130 4.41 10.15 11.06
CA HIS A 130 5.69 9.64 10.56
C HIS A 130 6.87 10.44 11.10
N ASN A 131 6.71 11.76 11.26
CA ASN A 131 7.81 12.62 11.67
C ASN A 131 7.26 14.03 11.90
N PRO A 132 8.00 14.93 12.54
CA PRO A 132 7.43 16.25 12.87
C PRO A 132 7.27 17.18 11.67
N MET A 133 7.78 16.82 10.49
CA MET A 133 7.70 17.71 9.34
C MET A 133 6.44 17.53 8.49
N VAL A 134 5.61 16.54 8.75
CA VAL A 134 4.34 16.41 8.05
C VAL A 134 3.23 16.93 8.95
N ASN A 135 2.05 17.21 8.37
CA ASN A 135 1.01 17.93 9.11
C ASN A 135 0.62 17.18 10.39
N ALA A 136 0.39 15.86 10.30
CA ALA A 136 -0.02 15.09 11.47
C ALA A 136 1.04 15.14 12.56
N GLY A 137 2.31 15.08 12.17
CA GLY A 137 3.37 15.20 13.16
C GLY A 137 3.42 16.57 13.80
N ALA A 138 3.28 17.62 12.99
CA ALA A 138 3.35 18.96 13.56
C ALA A 138 2.18 19.24 14.48
N ILE A 139 1.00 18.67 14.18
CA ILE A 139 -0.15 18.81 15.06
C ILE A 139 0.11 18.13 16.40
N VAL A 140 0.71 16.93 16.38
CA VAL A 140 1.01 16.26 17.65
C VAL A 140 2.08 17.05 18.41
N VAL A 141 3.12 17.51 17.70
CA VAL A 141 4.15 18.30 18.37
C VAL A 141 3.54 19.55 19.01
N THR A 142 2.61 20.20 18.31
CA THR A 142 1.93 21.37 18.86
C THR A 142 1.24 21.04 20.19
N SER A 143 0.62 19.86 20.29
CA SER A 143 -0.04 19.46 21.53
C SER A 143 0.93 19.22 22.68
N LEU A 144 2.23 19.14 22.42
CA LEU A 144 3.17 18.86 23.50
C LEU A 144 3.72 20.11 24.17
N ILE A 145 3.62 21.28 23.52
CA ILE A 145 4.30 22.47 23.99
C ILE A 145 3.50 23.14 25.10
N LYS A 146 4.16 23.43 26.21
CA LYS A 146 3.62 24.26 27.29
C LYS A 146 2.21 23.79 27.70
N GLN A 147 2.12 22.50 28.00
CA GLN A 147 0.83 21.91 28.29
C GLN A 147 0.26 22.50 29.58
N GLY A 148 -1.07 22.61 29.61
CA GLY A 148 -1.72 23.09 30.82
C GLY A 148 -2.15 24.54 30.79
N VAL A 149 -1.36 25.42 30.17
CA VAL A 149 -1.73 26.83 30.09
C VAL A 149 -2.66 27.01 28.90
N ASN A 150 -3.35 28.15 28.83
CA ASN A 150 -4.30 28.37 27.77
C ASN A 150 -3.59 28.77 26.48
N ASN A 151 -4.37 28.91 25.42
CA ASN A 151 -3.79 29.10 24.09
C ASN A 151 -3.08 30.44 23.98
N ALA A 152 -3.60 31.48 24.61
CA ALA A 152 -2.93 32.78 24.54
C ALA A 152 -1.53 32.69 25.16
N GLU A 153 -1.41 32.02 26.31
CA GLU A 153 -0.10 31.84 26.93
C GLU A 153 0.78 30.93 26.09
N LYS A 154 0.21 29.87 25.48
CA LYS A 154 1.01 29.02 24.60
C LYS A 154 1.59 29.82 23.45
N PHE A 155 0.76 30.64 22.81
CA PHE A 155 1.23 31.45 21.68
C PHE A 155 2.29 32.44 22.12
N ASP A 156 2.06 33.13 23.24
CA ASP A 156 3.04 34.09 23.74
C ASP A 156 4.36 33.40 24.06
N TYR A 157 4.30 32.19 24.61
CA TYR A 157 5.50 31.44 24.92
C TYR A 157 6.31 31.14 23.66
N VAL A 158 5.63 30.67 22.60
CA VAL A 158 6.35 30.37 21.37
C VAL A 158 6.86 31.64 20.71
N MET A 159 6.07 32.72 20.76
CA MET A 159 6.51 33.98 20.17
C MET A 159 7.79 34.48 20.82
N GLN A 160 7.87 34.40 22.15
CA GLN A 160 9.09 34.83 22.83
C GLN A 160 10.27 33.97 22.41
N PHE A 161 10.02 32.67 22.23
CA PHE A 161 11.07 31.79 21.74
C PHE A 161 11.53 32.18 20.34
N LEU A 162 10.58 32.46 19.43
CA LEU A 162 10.99 32.86 18.08
C LEU A 162 11.72 34.20 18.08
N ASN A 163 11.33 35.11 18.98
CA ASN A 163 12.06 36.38 19.12
C ASN A 163 13.53 36.13 19.47
N LYS A 164 13.81 35.20 20.38
CA LYS A 164 15.19 34.88 20.74
C LYS A 164 15.93 34.24 19.57
N MET A 165 15.26 33.34 18.84
CA MET A 165 15.90 32.72 17.68
C MET A 165 16.27 33.77 16.65
N ALA A 166 15.41 34.77 16.45
CA ALA A 166 15.63 35.79 15.44
C ALA A 166 16.43 36.99 15.97
N GLY A 167 16.98 36.88 17.17
CA GLY A 167 17.67 38.04 17.76
C GLY A 167 16.81 39.29 17.77
N ASN A 168 15.51 39.14 18.05
CA ASN A 168 14.54 40.21 18.19
C ASN A 168 14.26 40.96 16.89
N GLU A 169 14.58 40.37 15.75
CA GLU A 169 14.18 40.96 14.47
C GLU A 169 12.74 40.55 14.18
N TYR A 170 12.25 40.90 12.98
CA TYR A 170 10.83 40.85 12.61
C TYR A 170 10.19 39.49 12.86
N VAL A 171 9.31 39.40 13.85
CA VAL A 171 8.40 38.27 14.00
C VAL A 171 7.01 38.85 14.19
N GLY A 172 6.15 38.68 13.19
CA GLY A 172 4.80 39.18 13.23
C GLY A 172 3.75 38.08 13.21
N PHE A 173 2.52 38.47 12.89
CA PHE A 173 1.39 37.56 12.88
C PHE A 173 0.38 38.06 11.86
N SER A 174 -0.10 37.15 11.00
CA SER A 174 -1.10 37.46 9.99
C SER A 174 -2.45 36.89 10.45
N ASN A 175 -3.27 37.75 11.05
CA ASN A 175 -4.60 37.33 11.46
C ASN A 175 -5.44 36.88 10.27
N ALA A 176 -5.26 37.52 9.11
CA ALA A 176 -6.05 37.14 7.93
C ALA A 176 -5.69 35.73 7.44
N THR A 177 -4.40 35.37 7.47
CA THR A 177 -4.02 34.01 7.11
C THR A 177 -4.57 33.01 8.12
N PHE A 178 -4.46 33.33 9.40
CA PHE A 178 -5.00 32.47 10.45
C PHE A 178 -6.49 32.20 10.25
N GLN A 179 -7.29 33.25 10.02
CA GLN A 179 -8.72 33.05 9.83
C GLN A 179 -9.01 32.21 8.60
N SER A 180 -8.33 32.48 7.48
CA SER A 180 -8.57 31.70 6.27
C SER A 180 -8.09 30.26 6.42
N GLU A 181 -6.94 30.07 7.07
CA GLU A 181 -6.40 28.71 7.22
C GLU A 181 -7.35 27.85 8.04
N ARG A 182 -7.87 28.40 9.13
CA ARG A 182 -8.75 27.62 10.00
C ARG A 182 -10.07 27.31 9.31
N GLU A 183 -10.66 28.28 8.60
CA GLU A 183 -11.96 28.03 7.99
C GLU A 183 -11.88 27.08 6.81
N SER A 184 -10.72 26.90 6.18
CA SER A 184 -10.61 25.99 5.05
C SER A 184 -9.78 24.75 5.35
N GLY A 185 -9.44 24.50 6.61
CA GLY A 185 -8.53 23.41 6.94
C GLY A 185 -9.20 22.07 7.23
N ASP A 186 -10.09 21.62 6.33
CA ASP A 186 -10.79 20.35 6.55
C ASP A 186 -9.82 19.18 6.70
N ARG A 187 -8.73 19.17 5.91
CA ARG A 187 -7.81 18.05 6.01
C ARG A 187 -7.14 18.02 7.38
N ASN A 188 -6.83 19.18 7.95
CA ASN A 188 -6.24 19.21 9.28
C ASN A 188 -7.23 18.81 10.35
N PHE A 189 -8.52 19.12 10.17
CA PHE A 189 -9.52 18.62 11.11
C PHE A 189 -9.70 17.11 10.96
N ALA A 190 -9.61 16.60 9.74
CA ALA A 190 -9.67 15.16 9.54
C ALA A 190 -8.51 14.48 10.27
N ILE A 191 -7.30 15.05 10.14
CA ILE A 191 -6.15 14.55 10.88
C ILE A 191 -6.40 14.65 12.39
N GLY A 192 -6.90 15.79 12.85
CA GLY A 192 -7.14 15.98 14.27
C GLY A 192 -8.03 14.91 14.87
N TYR A 193 -9.17 14.65 14.21
CA TYR A 193 -10.09 13.63 14.71
C TYR A 193 -9.50 12.23 14.62
N TYR A 194 -8.78 11.92 13.54
CA TYR A 194 -8.15 10.61 13.46
C TYR A 194 -7.12 10.41 14.55
N LEU A 195 -6.30 11.42 14.83
CA LEU A 195 -5.30 11.32 15.89
C LEU A 195 -5.95 11.16 17.26
N LYS A 196 -7.08 11.84 17.48
CA LYS A 196 -7.82 11.69 18.71
C LYS A 196 -8.36 10.27 18.84
N GLU A 197 -8.90 9.73 17.76
CA GLU A 197 -9.44 8.38 17.79
C GLU A 197 -8.36 7.33 18.08
N LYS A 198 -7.15 7.52 17.53
CA LYS A 198 -6.05 6.59 17.78
C LYS A 198 -5.23 6.94 19.03
N LYS A 199 -5.72 7.86 19.86
CA LYS A 199 -5.11 8.15 21.16
C LYS A 199 -3.68 8.69 21.01
N CYS A 200 -3.45 9.53 20.00
CA CYS A 200 -2.12 10.05 19.72
C CYS A 200 -1.73 11.27 20.56
N PHE A 201 -2.68 11.95 21.18
CA PHE A 201 -2.37 13.13 21.97
C PHE A 201 -2.11 12.74 23.42
N PRO A 202 -1.39 13.57 24.18
CA PRO A 202 -1.32 13.38 25.63
C PRO A 202 -2.70 13.49 26.26
N GLU A 203 -2.88 12.76 27.36
CA GLU A 203 -4.11 12.80 28.15
C GLU A 203 -4.51 14.24 28.46
N GLY A 204 -5.80 14.52 28.30
CA GLY A 204 -6.34 15.84 28.60
C GLY A 204 -6.27 16.84 27.47
N THR A 205 -5.86 16.44 26.27
CA THR A 205 -5.72 17.38 25.17
C THR A 205 -7.09 17.81 24.66
N ASP A 206 -7.29 19.11 24.49
CA ASP A 206 -8.44 19.62 23.75
C ASP A 206 -8.04 19.71 22.28
N MET A 207 -8.53 18.75 21.47
CA MET A 207 -8.03 18.64 20.10
C MET A 207 -8.34 19.90 19.28
N VAL A 208 -9.59 20.36 19.31
CA VAL A 208 -9.96 21.54 18.55
C VAL A 208 -9.10 22.74 18.93
N GLY A 209 -8.81 22.90 20.23
CA GLY A 209 -7.93 23.97 20.67
C GLY A 209 -6.51 23.81 20.17
N ILE A 210 -6.04 22.57 20.04
CA ILE A 210 -4.71 22.35 19.48
C ILE A 210 -4.69 22.77 18.02
N LEU A 211 -5.73 22.43 17.26
CA LEU A 211 -5.79 22.85 15.86
C LEU A 211 -5.74 24.37 15.75
N ASP A 212 -6.40 25.09 16.67
CA ASP A 212 -6.36 26.55 16.66
C ASP A 212 -4.95 27.06 16.85
N PHE A 213 -4.27 26.55 17.88
CA PHE A 213 -2.88 26.90 18.14
C PHE A 213 -2.02 26.58 16.93
N TYR A 214 -2.29 25.45 16.29
CA TYR A 214 -1.54 25.03 15.10
C TYR A 214 -1.70 26.03 13.95
N PHE A 215 -2.96 26.41 13.67
CA PHE A 215 -3.21 27.40 12.63
C PHE A 215 -2.52 28.73 12.93
N GLN A 216 -2.53 29.13 14.20
CA GLN A 216 -1.85 30.37 14.60
C GLN A 216 -0.36 30.32 14.31
N LEU A 217 0.30 29.22 14.70
CA LEU A 217 1.74 29.09 14.48
C LEU A 217 2.08 29.14 13.01
N CYS A 218 1.25 28.52 12.16
CA CYS A 218 1.48 28.58 10.73
C CYS A 218 1.34 29.99 10.18
N SER A 219 0.64 30.88 10.91
CA SER A 219 0.39 32.24 10.45
C SER A 219 1.37 33.27 11.00
N ILE A 220 2.39 32.83 11.74
CA ILE A 220 3.44 33.74 12.17
C ILE A 220 4.23 34.23 10.96
N GLU A 221 4.55 35.52 10.95
CA GLU A 221 5.17 36.20 9.83
C GLU A 221 6.62 36.52 10.14
N VAL A 222 7.47 36.41 9.13
CA VAL A 222 8.87 36.78 9.22
C VAL A 222 9.21 37.51 7.93
N THR A 223 10.42 38.03 7.88
CA THR A 223 11.06 38.42 6.63
C THR A 223 12.21 37.48 6.35
N CYS A 224 12.74 37.56 5.13
CA CYS A 224 13.97 36.84 4.81
C CYS A 224 15.06 37.16 5.81
N GLU A 225 15.17 38.43 6.22
CA GLU A 225 16.26 38.85 7.09
C GLU A 225 16.10 38.26 8.49
N SER A 226 14.91 38.33 9.06
CA SER A 226 14.75 37.80 10.42
C SER A 226 14.82 36.27 10.40
N ALA A 227 14.32 35.64 9.34
CA ALA A 227 14.31 34.19 9.28
C ALA A 227 15.72 33.63 9.15
N SER A 228 16.58 34.30 8.38
CA SER A 228 17.95 33.83 8.23
C SER A 228 18.67 33.80 9.57
N VAL A 229 18.32 34.72 10.46
CA VAL A 229 18.88 34.70 11.80
C VAL A 229 18.39 33.47 12.58
N MET A 230 17.10 33.13 12.43
CA MET A 230 16.60 31.89 13.04
C MET A 230 17.38 30.69 12.53
N ALA A 231 17.57 30.59 11.21
CA ALA A 231 18.34 29.49 10.64
C ALA A 231 19.79 29.50 11.13
N ALA A 232 20.36 30.70 11.29
CA ALA A 232 21.73 30.82 11.77
C ALA A 232 21.85 30.38 13.22
N THR A 233 20.78 30.54 14.01
CA THR A 233 20.80 30.00 15.36
C THR A 233 20.90 28.48 15.33
N LEU A 234 20.21 27.83 14.38
CA LEU A 234 20.32 26.38 14.25
C LEU A 234 21.70 26.00 13.72
N ALA A 235 22.26 26.81 12.84
CA ALA A 235 23.59 26.55 12.32
C ALA A 235 24.66 26.71 13.38
N ASN A 236 24.37 27.43 14.46
CA ASN A 236 25.35 27.82 15.46
C ASN A 236 25.13 27.07 16.78
N GLY A 237 24.71 25.80 16.69
CA GLY A 237 24.56 24.98 17.89
C GLY A 237 23.57 25.50 18.90
N GLY A 238 22.60 26.31 18.47
CA GLY A 238 21.59 26.78 19.39
C GLY A 238 21.86 28.14 20.01
N PHE A 239 22.93 28.81 19.62
CA PHE A 239 23.25 30.16 20.09
C PHE A 239 22.90 31.18 19.02
N CYS A 240 22.11 32.18 19.38
CA CYS A 240 21.76 33.23 18.41
C CYS A 240 23.01 34.00 18.03
N PRO A 241 23.38 34.07 16.75
CA PRO A 241 24.68 34.67 16.38
C PRO A 241 24.75 36.18 16.54
N ILE A 242 23.63 36.88 16.69
CA ILE A 242 23.68 38.33 16.81
C ILE A 242 23.37 38.81 18.22
N THR A 243 23.13 37.89 19.16
CA THR A 243 23.01 38.22 20.57
C THR A 243 23.89 37.37 21.48
N GLY A 244 24.45 36.26 20.97
CA GLY A 244 25.18 35.32 21.80
C GLY A 244 24.35 34.54 22.79
N GLU A 245 23.05 34.78 22.87
CA GLU A 245 22.20 34.07 23.80
C GLU A 245 22.04 32.60 23.41
N ARG A 246 21.93 31.75 24.43
CA ARG A 246 21.62 30.34 24.23
C ARG A 246 20.10 30.19 24.16
N VAL A 247 19.62 29.73 23.00
CA VAL A 247 18.18 29.65 22.75
C VAL A 247 17.68 28.21 22.79
N LEU A 248 18.44 27.28 22.22
CA LEU A 248 18.03 25.89 22.09
C LEU A 248 19.14 24.99 22.61
N SER A 249 18.73 23.87 23.21
CA SER A 249 19.69 22.87 23.65
C SER A 249 20.40 22.24 22.46
N PRO A 250 21.65 21.79 22.66
CA PRO A 250 22.35 21.05 21.58
C PRO A 250 21.56 19.85 21.08
N GLU A 251 20.86 19.16 21.97
CA GLU A 251 20.02 18.03 21.58
C GLU A 251 18.90 18.48 20.64
N ALA A 252 18.20 19.57 20.99
CA ALA A 252 17.13 20.07 20.15
C ALA A 252 17.66 20.41 18.76
N VAL A 253 18.80 21.09 18.69
CA VAL A 253 19.36 21.48 17.40
C VAL A 253 19.69 20.25 16.56
N ARG A 254 20.46 19.32 17.14
CA ARG A 254 20.87 18.12 16.42
C ARG A 254 19.68 17.38 15.85
N ASN A 255 18.66 17.12 16.68
CA ASN A 255 17.45 16.44 16.24
C ASN A 255 16.78 17.18 15.11
N THR A 256 16.61 18.50 15.27
CA THR A 256 15.90 19.28 14.26
C THR A 256 16.63 19.23 12.93
N LEU A 257 17.96 19.34 12.95
CA LEU A 257 18.71 19.31 11.70
C LEU A 257 18.59 17.96 11.01
N SER A 258 18.57 16.86 11.77
CA SER A 258 18.51 15.53 11.15
C SER A 258 17.19 15.35 10.41
N LEU A 259 16.09 15.76 11.05
CA LEU A 259 14.77 15.64 10.43
C LEU A 259 14.58 16.62 9.28
N MET A 260 15.18 17.82 9.39
CA MET A 260 15.18 18.73 8.24
C MET A 260 15.93 18.11 7.08
N HIS A 261 17.07 17.45 7.37
CA HIS A 261 17.87 16.84 6.33
C HIS A 261 17.05 15.81 5.54
N SER A 262 16.24 15.02 6.25
CA SER A 262 15.59 13.89 5.60
C SER A 262 14.12 14.13 5.27
N CYS A 263 13.44 15.06 5.94
CA CYS A 263 11.99 15.17 5.79
C CYS A 263 11.54 16.60 5.45
N GLY A 264 12.45 17.50 5.11
CA GLY A 264 12.16 18.93 5.15
C GLY A 264 11.57 19.54 3.89
N MET A 265 11.60 18.84 2.77
CA MET A 265 11.26 19.37 1.45
C MET A 265 10.11 18.61 0.82
N TYR A 266 9.13 18.19 1.63
CA TYR A 266 7.95 17.45 1.15
C TYR A 266 8.39 16.22 0.35
N ASP A 267 7.73 15.92 -0.78
CA ASP A 267 8.12 14.73 -1.54
C ASP A 267 9.42 14.89 -2.28
N PHE A 268 10.02 16.08 -2.29
CA PHE A 268 11.34 16.28 -2.86
C PHE A 268 12.45 15.99 -1.84
N SER A 269 12.10 15.62 -0.59
CA SER A 269 13.09 15.49 0.47
C SER A 269 14.23 14.54 0.10
N GLY A 270 13.91 13.37 -0.46
CA GLY A 270 14.95 12.40 -0.80
C GLY A 270 15.91 12.91 -1.85
N GLN A 271 15.37 13.49 -2.93
CA GLN A 271 16.22 14.10 -3.96
C GLN A 271 17.07 15.21 -3.37
N PHE A 272 16.49 16.00 -2.48
CA PHE A 272 17.21 17.16 -1.95
C PHE A 272 18.35 16.71 -1.03
N ALA A 273 18.08 15.72 -0.18
CA ALA A 273 19.16 15.16 0.63
C ALA A 273 20.30 14.64 -0.24
N PHE A 274 19.97 14.01 -1.37
CA PHE A 274 21.01 13.43 -2.22
C PHE A 274 21.82 14.50 -2.94
N HIS A 275 21.16 15.44 -3.63
CA HIS A 275 21.87 16.41 -4.47
C HIS A 275 22.37 17.63 -3.72
N VAL A 276 21.70 18.04 -2.65
CA VAL A 276 22.05 19.26 -1.93
C VAL A 276 22.69 18.94 -0.58
N GLY A 277 22.09 18.03 0.18
CA GLY A 277 22.74 17.54 1.39
C GLY A 277 22.81 18.52 2.54
N LEU A 278 21.90 19.47 2.60
CA LEU A 278 21.84 20.41 3.71
C LEU A 278 20.50 20.30 4.40
N PRO A 279 20.43 20.53 5.71
CA PRO A 279 19.12 20.61 6.37
C PRO A 279 18.38 21.84 5.86
N ALA A 280 17.14 21.63 5.40
CA ALA A 280 16.33 22.72 4.86
C ALA A 280 14.86 22.40 5.13
N LYS A 281 14.04 23.45 5.15
CA LYS A 281 12.59 23.29 5.33
C LYS A 281 11.86 24.27 4.43
N SER A 282 11.02 23.75 3.55
CA SER A 282 10.22 24.62 2.70
C SER A 282 8.82 24.84 3.28
N GLY A 283 8.08 25.75 2.63
CA GLY A 283 6.77 26.18 3.07
C GLY A 283 5.97 26.72 1.90
N VAL A 284 4.64 26.69 2.06
CA VAL A 284 3.78 26.99 0.91
C VAL A 284 3.79 28.47 0.54
N ALA A 285 4.31 29.34 1.41
CA ALA A 285 4.49 30.75 1.07
C ALA A 285 5.66 30.96 0.14
N GLY A 286 6.46 29.92 -0.14
CA GLY A 286 7.62 30.05 -0.99
C GLY A 286 8.93 30.22 -0.24
N GLY A 287 8.90 30.15 1.08
CA GLY A 287 10.13 30.19 1.84
C GLY A 287 10.86 28.86 1.86
N ILE A 288 12.18 28.93 1.87
CA ILE A 288 13.06 27.78 2.17
C ILE A 288 14.05 28.23 3.24
N LEU A 289 13.88 27.75 4.46
CA LEU A 289 14.84 27.93 5.54
C LEU A 289 15.99 26.95 5.35
N LEU A 290 17.21 27.47 5.18
CA LEU A 290 18.37 26.65 4.84
C LEU A 290 19.45 26.80 5.90
N VAL A 291 20.03 25.68 6.34
CA VAL A 291 21.06 25.69 7.37
C VAL A 291 22.33 25.06 6.80
N VAL A 292 23.44 25.80 6.91
CA VAL A 292 24.77 25.25 6.66
C VAL A 292 25.46 25.12 8.01
N PRO A 293 25.46 23.93 8.62
CA PRO A 293 25.91 23.82 10.02
C PRO A 293 27.32 24.37 10.21
N ASN A 294 27.50 25.10 11.31
CA ASN A 294 28.74 25.76 11.69
C ASN A 294 29.19 26.83 10.69
N VAL A 295 28.36 27.19 9.72
CA VAL A 295 28.73 28.23 8.77
C VAL A 295 27.71 29.36 8.77
N MET A 296 26.45 29.04 8.43
CA MET A 296 25.49 30.12 8.24
C MET A 296 24.06 29.57 8.18
N GLY A 297 23.11 30.49 8.40
CA GLY A 297 21.71 30.25 8.10
C GLY A 297 21.29 31.11 6.93
N MET A 298 20.31 30.62 6.17
CA MET A 298 19.75 31.36 5.05
C MET A 298 18.24 31.19 5.02
N MET A 299 17.57 32.21 4.46
CA MET A 299 16.17 32.13 4.08
C MET A 299 16.06 32.63 2.65
N CYS A 300 15.59 31.77 1.76
CA CYS A 300 15.23 32.11 0.40
C CYS A 300 13.72 32.21 0.31
N TRP A 301 13.23 33.12 -0.52
CA TRP A 301 11.79 33.29 -0.60
C TRP A 301 11.39 33.73 -2.00
N SER A 302 10.59 32.91 -2.64
CA SER A 302 9.91 33.27 -3.87
C SER A 302 8.60 32.50 -3.96
N PRO A 303 7.46 33.19 -4.01
CA PRO A 303 6.14 32.53 -3.84
C PRO A 303 5.81 31.45 -4.85
N PRO A 304 6.26 31.50 -6.11
CA PRO A 304 5.83 30.45 -7.05
C PRO A 304 6.45 29.09 -6.72
N LEU A 305 5.61 28.07 -6.63
CA LEU A 305 5.98 26.75 -6.17
C LEU A 305 6.00 25.74 -7.33
N ASP A 306 6.91 24.77 -7.27
CA ASP A 306 6.81 23.68 -8.22
C ASP A 306 5.68 22.73 -7.80
N LYS A 307 5.51 21.66 -8.57
CA LYS A 307 4.41 20.73 -8.36
C LYS A 307 4.54 19.92 -7.07
N MET A 308 5.73 19.90 -6.47
CA MET A 308 5.89 19.28 -5.15
C MET A 308 5.74 20.26 -4.00
N GLY A 309 5.48 21.54 -4.27
CA GLY A 309 5.25 22.50 -3.21
C GLY A 309 6.46 23.30 -2.78
N ASN A 310 7.59 23.18 -3.46
CA ASN A 310 8.79 23.93 -3.10
C ASN A 310 8.99 25.11 -4.05
N SER A 311 9.49 26.22 -3.51
CA SER A 311 9.76 27.41 -4.30
C SER A 311 10.70 27.10 -5.47
N VAL A 312 10.26 27.42 -6.69
CA VAL A 312 11.08 27.16 -7.89
C VAL A 312 12.42 27.88 -7.81
N LYS A 313 12.41 29.18 -7.53
CA LYS A 313 13.67 29.93 -7.46
C LYS A 313 14.54 29.46 -6.31
N GLY A 314 13.93 29.18 -5.15
CA GLY A 314 14.70 28.71 -4.01
C GLY A 314 15.40 27.39 -4.28
N ILE A 315 14.70 26.43 -4.89
CA ILE A 315 15.30 25.16 -5.23
C ILE A 315 16.48 25.36 -6.18
N HIS A 316 16.26 26.11 -7.26
CA HIS A 316 17.35 26.40 -8.18
C HIS A 316 18.55 27.02 -7.46
N PHE A 317 18.28 27.99 -6.58
CA PHE A 317 19.34 28.63 -5.81
C PHE A 317 20.09 27.64 -4.92
N CYS A 318 19.35 26.76 -4.21
CA CYS A 318 20.00 25.79 -3.33
C CYS A 318 20.93 24.86 -4.12
N HIS A 319 20.50 24.39 -5.29
CA HIS A 319 21.36 23.54 -6.12
C HIS A 319 22.63 24.28 -6.52
N ASP A 320 22.47 25.52 -7.00
CA ASP A 320 23.63 26.32 -7.43
C ASP A 320 24.58 26.59 -6.27
N LEU A 321 24.02 26.85 -5.08
CA LEU A 321 24.85 27.19 -3.94
C LEU A 321 25.81 26.05 -3.58
N VAL A 322 25.33 24.81 -3.65
CA VAL A 322 26.12 23.66 -3.22
C VAL A 322 27.14 23.28 -4.28
N SER A 323 26.78 23.40 -5.55
CA SER A 323 27.66 23.18 -6.69
C SER A 323 28.70 24.28 -6.88
N LEU A 324 28.78 25.22 -5.95
CA LEU A 324 29.69 26.34 -6.03
C LEU A 324 30.63 26.44 -4.83
N CYS A 325 30.11 26.20 -3.63
CA CYS A 325 30.87 26.42 -2.41
C CYS A 325 31.20 25.13 -1.66
N ASN A 326 30.86 23.97 -2.24
CA ASN A 326 31.16 22.67 -1.62
C ASN A 326 30.57 22.58 -0.21
N PHE A 327 29.30 22.95 -0.10
CA PHE A 327 28.61 22.92 1.19
C PHE A 327 27.89 21.61 1.46
N HIS A 328 27.80 20.71 0.47
CA HIS A 328 27.17 19.42 0.67
C HIS A 328 27.73 18.73 1.90
N ASN A 329 26.84 18.09 2.67
CA ASN A 329 27.22 17.45 3.92
C ASN A 329 28.39 16.48 3.74
N TYR A 330 28.44 15.76 2.62
CA TYR A 330 29.49 14.78 2.36
C TYR A 330 30.45 15.22 1.27
N ASP A 331 30.65 16.54 1.14
CA ASP A 331 31.57 17.10 0.14
C ASP A 331 33.02 17.08 0.63
N GLY B 18 22.51 -60.58 10.76
CA GLY B 18 23.01 -60.76 12.11
C GLY B 18 23.47 -59.49 12.81
N SER B 19 22.94 -58.34 12.41
CA SER B 19 23.25 -57.07 13.03
C SER B 19 22.27 -56.81 14.17
N MET B 20 22.79 -56.76 15.40
CA MET B 20 21.96 -56.76 16.61
C MET B 20 21.65 -55.33 17.10
N ILE B 21 21.04 -54.60 16.19
CA ILE B 21 20.13 -53.51 16.54
C ILE B 21 18.76 -54.07 16.16
N PRO B 22 18.04 -54.69 17.12
CA PRO B 22 16.75 -55.31 16.74
C PRO B 22 15.72 -54.30 16.26
N ASP B 23 15.50 -53.21 17.00
CA ASP B 23 14.54 -52.17 16.64
C ASP B 23 15.31 -50.87 16.36
N PHE B 24 15.47 -50.54 15.08
CA PHE B 24 16.20 -49.34 14.72
C PHE B 24 15.56 -48.08 15.30
N MET B 25 14.23 -48.03 15.35
CA MET B 25 13.56 -46.84 15.85
C MET B 25 13.83 -46.65 17.35
N SER B 26 13.88 -47.73 18.11
CA SER B 26 14.22 -47.59 19.53
C SER B 26 15.69 -47.22 19.69
N PHE B 27 16.55 -47.70 18.79
CA PHE B 27 17.97 -47.36 18.86
C PHE B 27 18.21 -45.87 18.61
N THR B 28 17.59 -45.32 17.56
CA THR B 28 17.75 -43.89 17.30
C THR B 28 17.19 -43.05 18.44
N SER B 29 16.17 -43.55 19.12
CA SER B 29 15.67 -42.87 20.31
C SER B 29 16.75 -42.78 21.39
N HIS B 30 17.55 -43.84 21.53
CA HIS B 30 18.65 -43.77 22.48
C HIS B 30 19.80 -42.90 21.98
N ILE B 31 20.06 -42.89 20.66
CA ILE B 31 21.05 -41.97 20.11
C ILE B 31 20.69 -40.53 20.48
N ASP B 32 19.41 -40.17 20.30
CA ASP B 32 18.96 -38.81 20.58
C ASP B 32 19.13 -38.46 22.05
N GLU B 33 18.88 -39.42 22.94
CA GLU B 33 19.06 -39.17 24.36
C GLU B 33 20.54 -38.94 24.69
N LEU B 34 21.42 -39.75 24.10
CA LEU B 34 22.86 -39.55 24.30
C LEU B 34 23.33 -38.24 23.69
N TYR B 35 22.85 -37.92 22.49
CA TYR B 35 23.09 -36.61 21.89
C TYR B 35 22.76 -35.49 22.87
N GLU B 36 21.57 -35.57 23.49
CA GLU B 36 21.15 -34.50 24.38
C GLU B 36 22.02 -34.43 25.62
N SER B 37 22.40 -35.58 26.17
CA SER B 37 23.30 -35.59 27.33
C SER B 37 24.64 -34.96 26.99
N ALA B 38 25.23 -35.36 25.86
CA ALA B 38 26.50 -34.77 25.44
C ALA B 38 26.39 -33.27 25.20
N LYS B 39 25.21 -32.81 24.77
CA LYS B 39 25.01 -31.40 24.44
C LYS B 39 25.31 -30.49 25.62
N LYS B 40 25.12 -30.99 26.85
CA LYS B 40 25.37 -30.21 28.06
C LYS B 40 26.85 -30.07 28.38
N GLN B 41 27.73 -30.84 27.74
CA GLN B 41 29.18 -30.77 28.00
C GLN B 41 29.75 -29.58 27.25
N SER B 42 29.97 -28.47 27.95
CA SER B 42 30.35 -27.22 27.31
C SER B 42 31.85 -26.95 27.34
N GLY B 43 32.66 -27.84 27.91
CA GLY B 43 34.08 -27.59 28.01
C GLY B 43 34.80 -27.68 26.66
N GLY B 44 36.09 -27.40 26.71
CA GLY B 44 36.96 -27.55 25.56
C GLY B 44 37.21 -26.23 24.87
N LYS B 45 38.17 -26.25 23.96
CA LYS B 45 38.53 -25.05 23.23
C LYS B 45 38.51 -25.36 21.73
N VAL B 46 37.87 -24.47 20.96
CA VAL B 46 37.88 -24.60 19.51
C VAL B 46 39.29 -24.32 19.00
N ALA B 47 39.77 -25.16 18.08
CA ALA B 47 41.10 -24.95 17.53
C ALA B 47 41.19 -23.58 16.88
N ASP B 48 42.30 -22.88 17.11
CA ASP B 48 42.41 -21.53 16.58
C ASP B 48 43.77 -21.24 15.96
N TYR B 49 44.54 -22.26 15.56
CA TYR B 49 45.83 -21.96 14.96
C TYR B 49 45.69 -21.44 13.54
N ILE B 50 44.58 -21.70 12.85
CA ILE B 50 44.25 -20.96 11.64
C ILE B 50 42.86 -20.35 11.77
N PRO B 51 42.59 -19.22 11.09
CA PRO B 51 41.26 -18.60 11.21
C PRO B 51 40.13 -19.49 10.73
N GLN B 52 40.36 -20.34 9.72
CA GLN B 52 39.29 -21.18 9.20
C GLN B 52 38.79 -22.19 10.23
N LEU B 53 39.57 -22.45 11.28
CA LEU B 53 39.10 -23.27 12.39
C LEU B 53 38.56 -22.43 13.54
N ALA B 54 39.24 -21.32 13.84
CA ALA B 54 38.83 -20.46 14.95
C ALA B 54 37.44 -19.89 14.76
N LYS B 55 36.92 -19.84 13.54
CA LYS B 55 35.64 -19.20 13.35
C LYS B 55 34.46 -20.10 13.72
N PHE B 56 34.69 -21.40 13.96
CA PHE B 56 33.56 -22.30 14.17
C PHE B 56 32.95 -22.06 15.54
N SER B 57 31.61 -22.08 15.58
CA SER B 57 30.91 -21.91 16.84
C SER B 57 31.17 -23.09 17.79
N PRO B 58 31.41 -22.84 19.07
CA PRO B 58 31.55 -23.94 20.03
C PRO B 58 30.27 -24.72 20.25
N ASP B 59 29.11 -24.21 19.82
CA ASP B 59 27.86 -24.88 20.11
C ASP B 59 27.41 -25.83 19.02
N LEU B 60 28.09 -25.84 17.87
CA LEU B 60 27.76 -26.81 16.84
C LEU B 60 27.99 -28.22 17.35
N TRP B 61 27.03 -29.13 17.10
CA TRP B 61 27.06 -30.48 17.65
C TRP B 61 26.16 -31.34 16.79
N GLY B 62 26.75 -32.32 16.08
CA GLY B 62 25.99 -33.21 15.22
C GLY B 62 26.40 -34.67 15.35
N VAL B 63 25.44 -35.58 15.28
CA VAL B 63 25.68 -37.03 15.25
C VAL B 63 24.90 -37.62 14.09
N SER B 64 25.59 -38.34 13.21
CA SER B 64 24.95 -39.11 12.15
C SER B 64 25.34 -40.57 12.26
N VAL B 65 24.34 -41.43 12.02
CA VAL B 65 24.51 -42.88 12.00
C VAL B 65 24.12 -43.37 10.62
N CYS B 66 24.90 -44.31 10.09
CA CYS B 66 24.54 -45.10 8.92
C CYS B 66 24.85 -46.55 9.22
N THR B 67 23.82 -47.41 9.27
CA THR B 67 24.04 -48.82 9.55
C THR B 67 24.55 -49.53 8.31
N VAL B 68 24.97 -50.80 8.49
CA VAL B 68 25.42 -51.59 7.36
C VAL B 68 24.26 -51.99 6.47
N ASP B 69 23.02 -51.91 7.00
CA ASP B 69 21.80 -52.04 6.21
C ASP B 69 21.59 -50.87 5.25
N GLY B 70 22.08 -49.69 5.62
CA GLY B 70 21.73 -48.47 4.93
C GLY B 70 20.70 -47.63 5.63
N GLN B 71 20.36 -47.95 6.88
CA GLN B 71 19.45 -47.12 7.64
C GLN B 71 20.19 -45.90 8.17
N ARG B 72 19.52 -44.76 8.18
CA ARG B 72 20.14 -43.49 8.50
C ARG B 72 19.44 -42.83 9.68
N HIS B 73 20.21 -42.03 10.43
CA HIS B 73 19.62 -41.18 11.45
C HIS B 73 20.62 -40.08 11.78
N SER B 74 20.12 -38.86 11.87
CA SER B 74 20.93 -37.73 12.27
C SER B 74 20.19 -36.95 13.34
N THR B 75 20.97 -36.23 14.15
CA THR B 75 20.41 -35.29 15.11
C THR B 75 21.43 -34.17 15.27
N GLY B 76 20.95 -32.93 15.30
CA GLY B 76 21.81 -31.77 15.42
C GLY B 76 22.34 -31.25 14.09
N ASP B 77 23.56 -30.68 14.11
CA ASP B 77 24.09 -29.92 12.98
C ASP B 77 24.84 -30.84 12.01
N THR B 78 24.07 -31.67 11.32
CA THR B 78 24.64 -32.76 10.54
C THR B 78 24.81 -32.41 9.07
N LYS B 79 24.50 -31.19 8.65
CA LYS B 79 24.68 -30.76 7.26
C LYS B 79 25.60 -29.55 7.13
N VAL B 80 26.26 -29.15 8.21
CA VAL B 80 27.25 -28.07 8.17
C VAL B 80 28.59 -28.67 7.76
N PRO B 81 29.17 -28.26 6.63
CA PRO B 81 30.45 -28.85 6.21
C PRO B 81 31.59 -28.45 7.12
N PHE B 82 32.55 -29.36 7.26
CA PHE B 82 33.76 -29.11 8.02
C PHE B 82 34.88 -29.98 7.44
N CYS B 83 36.12 -29.61 7.75
CA CYS B 83 37.27 -30.30 7.17
C CYS B 83 37.57 -31.61 7.89
N LEU B 84 37.91 -32.63 7.11
CA LEU B 84 38.27 -33.92 7.69
C LEU B 84 39.47 -33.79 8.63
N GLN B 85 40.51 -33.07 8.19
CA GLN B 85 41.77 -32.95 8.94
C GLN B 85 42.28 -34.37 9.20
N SER B 86 42.65 -34.73 10.43
CA SER B 86 43.24 -36.06 10.65
C SER B 86 42.26 -37.19 10.37
N CYS B 87 40.94 -36.90 10.35
CA CYS B 87 39.95 -37.90 9.99
C CYS B 87 40.21 -38.48 8.60
N VAL B 88 40.92 -37.76 7.72
CA VAL B 88 41.22 -38.35 6.42
C VAL B 88 42.35 -39.36 6.47
N LYS B 89 43.10 -39.43 7.58
CA LYS B 89 44.27 -40.31 7.60
C LYS B 89 43.91 -41.78 7.44
N PRO B 90 42.94 -42.35 8.16
CA PRO B 90 42.57 -43.76 7.87
C PRO B 90 42.09 -43.98 6.45
N LEU B 91 41.43 -42.97 5.86
CA LEU B 91 40.88 -43.13 4.51
C LEU B 91 41.98 -43.21 3.46
N LYS B 92 43.00 -42.33 3.54
CA LYS B 92 44.04 -42.44 2.53
C LYS B 92 44.95 -43.65 2.78
N TYR B 93 45.10 -44.08 4.03
CA TYR B 93 45.82 -45.34 4.27
C TYR B 93 45.06 -46.51 3.65
N ALA B 94 43.73 -46.52 3.80
CA ALA B 94 42.94 -47.57 3.17
C ALA B 94 43.12 -47.58 1.66
N ILE B 95 43.12 -46.39 1.04
CA ILE B 95 43.34 -46.32 -0.41
C ILE B 95 44.70 -46.89 -0.78
N ALA B 96 45.73 -46.55 0.00
CA ALA B 96 47.07 -47.04 -0.30
C ALA B 96 47.14 -48.56 -0.17
N VAL B 97 46.59 -49.12 0.90
CA VAL B 97 46.62 -50.57 1.07
C VAL B 97 45.79 -51.24 -0.02
N ASN B 98 44.62 -50.66 -0.33
CA ASN B 98 43.76 -51.19 -1.39
C ASN B 98 44.51 -51.30 -2.72
N ASP B 99 45.28 -50.28 -3.08
CA ASP B 99 45.94 -50.28 -4.38
C ASP B 99 47.27 -51.01 -4.39
N LEU B 100 47.94 -51.11 -3.23
CA LEU B 100 49.34 -51.54 -3.21
C LEU B 100 49.61 -52.74 -2.31
N GLY B 101 48.70 -53.08 -1.41
CA GLY B 101 48.86 -54.22 -0.51
C GLY B 101 49.57 -53.88 0.78
N THR B 102 49.27 -54.66 1.83
CA THR B 102 49.83 -54.43 3.16
C THR B 102 51.35 -54.35 3.14
N GLU B 103 52.00 -55.29 2.45
CA GLU B 103 53.45 -55.45 2.58
C GLU B 103 54.20 -54.24 2.02
N TYR B 104 53.83 -53.80 0.82
CA TYR B 104 54.47 -52.63 0.24
C TYR B 104 54.27 -51.40 1.12
N VAL B 105 53.03 -51.12 1.53
CA VAL B 105 52.79 -49.91 2.33
C VAL B 105 53.64 -49.91 3.59
N HIS B 106 53.74 -51.06 4.25
CA HIS B 106 54.43 -51.08 5.53
C HIS B 106 55.95 -51.26 5.40
N ARG B 107 56.48 -51.24 4.17
CA ARG B 107 57.89 -50.95 4.00
C ARG B 107 58.22 -49.51 4.37
N TYR B 108 57.22 -48.63 4.33
CA TYR B 108 57.44 -47.20 4.51
C TYR B 108 56.91 -46.68 5.84
N VAL B 109 56.05 -47.41 6.53
CA VAL B 109 55.42 -46.87 7.73
C VAL B 109 55.13 -48.01 8.70
N GLY B 110 55.26 -47.73 9.99
CA GLY B 110 55.04 -48.70 11.03
C GLY B 110 53.58 -49.07 11.23
N LYS B 111 53.34 -49.90 12.26
CA LYS B 111 52.06 -50.54 12.46
C LYS B 111 51.57 -50.45 13.90
N GLU B 112 52.10 -49.54 14.71
CA GLU B 112 51.69 -49.58 16.11
C GLU B 112 51.84 -48.20 16.73
N PRO B 113 51.20 -47.97 17.89
CA PRO B 113 51.33 -46.68 18.57
C PRO B 113 52.77 -46.39 18.95
N SER B 114 53.13 -45.11 18.84
CA SER B 114 54.45 -44.69 19.30
C SER B 114 54.60 -44.91 20.79
N GLY B 115 53.51 -44.72 21.52
CA GLY B 115 53.54 -44.83 22.97
C GLY B 115 53.06 -43.54 23.61
N LEU B 116 54.00 -42.66 23.93
CA LEU B 116 53.68 -41.43 24.61
C LEU B 116 54.89 -40.49 24.52
N ASN B 119 56.50 -39.95 20.39
CA ASN B 119 55.48 -38.91 20.55
C ASN B 119 55.85 -37.66 19.76
N LYS B 120 56.86 -36.95 20.28
CA LYS B 120 57.44 -35.84 19.54
C LYS B 120 58.45 -36.29 18.49
N LEU B 121 58.81 -37.57 18.47
CA LEU B 121 59.78 -38.09 17.52
C LEU B 121 59.11 -38.34 16.17
N PHE B 122 59.81 -37.98 15.09
CA PHE B 122 59.26 -38.19 13.75
C PHE B 122 59.34 -39.65 13.32
N LEU B 123 60.34 -40.42 13.79
CA LEU B 123 60.60 -41.75 13.29
C LEU B 123 60.80 -42.74 14.44
N ASN B 124 60.42 -43.98 14.20
CA ASN B 124 60.71 -45.04 15.15
C ASN B 124 62.15 -45.52 14.96
N GLU B 125 62.51 -46.59 15.68
CA GLU B 125 63.86 -47.14 15.70
C GLU B 125 64.28 -47.69 14.35
N ASP B 126 63.34 -48.05 13.49
CA ASP B 126 63.62 -48.52 12.14
C ASP B 126 63.67 -47.41 11.11
N ASP B 127 63.71 -46.14 11.53
CA ASP B 127 63.69 -45.00 10.61
C ASP B 127 62.42 -44.98 9.76
N LYS B 128 61.30 -45.40 10.36
CA LYS B 128 60.00 -45.29 9.71
C LYS B 128 59.05 -44.56 10.64
N PRO B 129 58.11 -43.80 10.08
CA PRO B 129 57.08 -43.17 10.92
C PRO B 129 56.30 -44.25 11.66
N HIS B 130 55.89 -43.94 12.89
CA HIS B 130 55.40 -44.98 13.80
C HIS B 130 54.18 -45.70 13.23
N ASN B 131 53.28 -44.98 12.56
CA ASN B 131 52.05 -45.56 12.05
C ASN B 131 51.35 -44.55 11.13
N PRO B 132 50.35 -44.94 10.36
CA PRO B 132 49.74 -43.99 9.41
C PRO B 132 48.87 -42.92 10.06
N MET B 133 48.59 -43.01 11.36
CA MET B 133 47.71 -42.05 12.02
C MET B 133 48.42 -40.84 12.59
N VAL B 134 49.76 -40.80 12.59
CA VAL B 134 50.48 -39.61 13.01
C VAL B 134 50.93 -38.86 11.77
N ASN B 135 51.30 -37.58 11.94
CA ASN B 135 51.53 -36.73 10.78
C ASN B 135 52.63 -37.29 9.87
N ALA B 136 53.75 -37.73 10.47
CA ALA B 136 54.85 -38.25 9.65
C ALA B 136 54.40 -39.47 8.84
N GLY B 137 53.59 -40.34 9.45
CA GLY B 137 53.11 -41.51 8.72
C GLY B 137 52.13 -41.14 7.62
N ALA B 138 51.23 -40.18 7.89
CA ALA B 138 50.28 -39.77 6.87
C ALA B 138 50.99 -39.11 5.69
N ILE B 139 52.07 -38.37 5.96
CA ILE B 139 52.84 -37.77 4.86
C ILE B 139 53.48 -38.85 4.00
N VAL B 140 54.06 -39.89 4.62
CA VAL B 140 54.64 -40.97 3.82
C VAL B 140 53.56 -41.71 3.06
N VAL B 141 52.42 -41.99 3.70
CA VAL B 141 51.32 -42.66 3.01
C VAL B 141 50.88 -41.85 1.80
N THR B 142 50.79 -40.52 1.95
CA THR B 142 50.43 -39.66 0.84
C THR B 142 51.39 -39.83 -0.33
N SER B 143 52.69 -39.98 -0.06
CA SER B 143 53.64 -40.16 -1.15
C SER B 143 53.47 -41.49 -1.87
N LEU B 144 52.70 -42.43 -1.33
CA LEU B 144 52.56 -43.73 -1.96
C LEU B 144 51.40 -43.79 -2.96
N ILE B 145 50.45 -42.87 -2.89
CA ILE B 145 49.21 -43.01 -3.64
C ILE B 145 49.40 -42.52 -5.07
N LYS B 146 49.03 -43.35 -6.04
CA LYS B 146 48.93 -42.96 -7.44
C LYS B 146 50.22 -42.28 -7.91
N GLN B 147 51.34 -42.95 -7.69
CA GLN B 147 52.63 -42.36 -7.99
C GLN B 147 52.79 -42.17 -9.49
N GLY B 148 53.59 -41.18 -9.87
CA GLY B 148 53.81 -40.92 -11.27
C GLY B 148 52.96 -39.80 -11.87
N VAL B 149 51.68 -39.73 -11.49
CA VAL B 149 50.81 -38.70 -12.06
C VAL B 149 50.97 -37.39 -11.29
N ASN B 150 50.52 -36.30 -11.90
CA ASN B 150 50.66 -35.01 -11.25
C ASN B 150 49.68 -34.88 -10.08
N ASN B 151 49.85 -33.79 -9.32
CA ASN B 151 49.06 -33.61 -8.10
C ASN B 151 47.59 -33.38 -8.40
N ALA B 152 47.25 -32.68 -9.48
CA ALA B 152 45.84 -32.51 -9.81
C ALA B 152 45.16 -33.86 -10.02
N GLU B 153 45.83 -34.81 -10.69
CA GLU B 153 45.18 -36.10 -10.88
C GLU B 153 45.29 -36.99 -9.64
N LYS B 154 46.35 -36.86 -8.83
CA LYS B 154 46.35 -37.52 -7.53
C LYS B 154 45.11 -37.12 -6.74
N PHE B 155 44.83 -35.82 -6.68
CA PHE B 155 43.70 -35.32 -5.89
C PHE B 155 42.37 -35.85 -6.44
N ASP B 156 42.16 -35.74 -7.76
CA ASP B 156 40.91 -36.23 -8.35
C ASP B 156 40.73 -37.71 -8.08
N TYR B 157 41.82 -38.48 -8.13
CA TYR B 157 41.75 -39.90 -7.84
C TYR B 157 41.24 -40.16 -6.44
N VAL B 158 41.79 -39.45 -5.45
CA VAL B 158 41.32 -39.65 -4.08
C VAL B 158 39.89 -39.15 -3.92
N MET B 159 39.57 -38.03 -4.60
CA MET B 159 38.21 -37.49 -4.48
C MET B 159 37.18 -38.49 -4.98
N GLN B 160 37.45 -39.09 -6.15
CA GLN B 160 36.58 -40.13 -6.67
C GLN B 160 36.42 -41.27 -5.68
N PHE B 161 37.53 -41.66 -5.03
CA PHE B 161 37.47 -42.70 -4.03
C PHE B 161 36.60 -42.31 -2.85
N LEU B 162 36.78 -41.09 -2.33
CA LEU B 162 35.95 -40.66 -1.20
C LEU B 162 34.48 -40.55 -1.60
N ASN B 163 34.20 -40.17 -2.85
CA ASN B 163 32.83 -40.15 -3.33
C ASN B 163 32.20 -41.55 -3.25
N LYS B 164 32.95 -42.58 -3.66
CA LYS B 164 32.43 -43.94 -3.56
C LYS B 164 32.23 -44.36 -2.10
N MET B 165 33.16 -43.98 -1.22
CA MET B 165 33.01 -44.32 0.18
C MET B 165 31.77 -43.69 0.77
N ALA B 166 31.47 -42.46 0.36
CA ALA B 166 30.33 -41.72 0.90
C ALA B 166 29.04 -41.96 0.11
N GLY B 167 29.04 -42.93 -0.80
CA GLY B 167 27.87 -43.12 -1.67
C GLY B 167 27.42 -41.85 -2.36
N ASN B 168 28.38 -41.03 -2.79
CA ASN B 168 28.17 -39.79 -3.54
C ASN B 168 27.49 -38.69 -2.74
N GLU B 169 27.47 -38.79 -1.41
CA GLU B 169 27.01 -37.68 -0.60
C GLU B 169 28.14 -36.63 -0.49
N TYR B 170 27.90 -35.57 0.30
CA TYR B 170 28.74 -34.37 0.33
C TYR B 170 30.23 -34.65 0.53
N VAL B 171 31.03 -34.38 -0.49
CA VAL B 171 32.48 -34.30 -0.36
C VAL B 171 32.94 -33.03 -1.04
N GLY B 172 33.36 -32.04 -0.26
CA GLY B 172 33.84 -30.81 -0.82
C GLY B 172 35.30 -30.53 -0.54
N PHE B 173 35.68 -29.26 -0.66
CA PHE B 173 37.07 -28.82 -0.52
C PHE B 173 37.08 -27.38 -0.03
N SER B 174 37.87 -27.12 1.00
CA SER B 174 38.03 -25.77 1.56
C SER B 174 39.38 -25.22 1.10
N ASN B 175 39.34 -24.35 0.09
CA ASN B 175 40.57 -23.72 -0.40
C ASN B 175 41.18 -22.81 0.67
N ALA B 176 40.34 -22.12 1.46
CA ALA B 176 40.87 -21.25 2.51
C ALA B 176 41.63 -22.04 3.57
N THR B 177 41.11 -23.20 3.97
CA THR B 177 41.82 -24.05 4.92
C THR B 177 43.14 -24.53 4.31
N PHE B 178 43.11 -24.99 3.05
CA PHE B 178 44.32 -25.42 2.37
C PHE B 178 45.39 -24.34 2.34
N GLN B 179 45.02 -23.11 1.95
CA GLN B 179 46.01 -22.03 1.91
C GLN B 179 46.56 -21.72 3.29
N SER B 180 45.70 -21.71 4.31
CA SER B 180 46.18 -21.39 5.65
C SER B 180 47.04 -22.53 6.22
N GLU B 181 46.65 -23.79 5.97
CA GLU B 181 47.40 -24.91 6.50
C GLU B 181 48.81 -24.94 5.93
N ARG B 182 48.93 -24.74 4.63
CA ARG B 182 50.24 -24.74 3.99
C ARG B 182 51.12 -23.59 4.48
N GLU B 183 50.55 -22.39 4.61
CA GLU B 183 51.35 -21.24 5.02
C GLU B 183 51.84 -21.34 6.45
N SER B 184 51.12 -22.05 7.32
CA SER B 184 51.52 -22.11 8.73
C SER B 184 52.04 -23.48 9.14
N GLY B 185 52.24 -24.40 8.20
CA GLY B 185 52.60 -25.76 8.56
C GLY B 185 54.08 -26.01 8.68
N ASP B 186 54.79 -25.17 9.47
CA ASP B 186 56.23 -25.33 9.62
C ASP B 186 56.58 -26.71 10.17
N ARG B 187 55.79 -27.23 11.11
CA ARG B 187 56.13 -28.53 11.67
C ARG B 187 56.03 -29.62 10.61
N ASN B 188 55.07 -29.51 9.69
CA ASN B 188 54.95 -30.50 8.62
C ASN B 188 56.10 -30.39 7.63
N PHE B 189 56.59 -29.17 7.36
CA PHE B 189 57.77 -29.05 6.52
C PHE B 189 59.01 -29.58 7.23
N ALA B 190 59.08 -29.42 8.55
CA ALA B 190 60.19 -30.00 9.29
C ALA B 190 60.18 -31.50 9.17
N ILE B 191 59.00 -32.11 9.28
CA ILE B 191 58.87 -33.54 9.08
C ILE B 191 59.24 -33.91 7.64
N GLY B 192 58.77 -33.13 6.66
CA GLY B 192 59.04 -33.46 5.27
C GLY B 192 60.54 -33.54 4.98
N TYR B 193 61.29 -32.51 5.39
CA TYR B 193 62.73 -32.52 5.19
C TYR B 193 63.42 -33.64 5.95
N TYR B 194 62.97 -33.93 7.18
CA TYR B 194 63.59 -35.01 7.93
C TYR B 194 63.36 -36.37 7.27
N LEU B 195 62.15 -36.61 6.77
CA LEU B 195 61.87 -37.86 6.06
C LEU B 195 62.68 -37.96 4.77
N LYS B 196 62.85 -36.84 4.08
CA LYS B 196 63.67 -36.84 2.88
C LYS B 196 65.11 -37.19 3.22
N GLU B 197 65.62 -36.63 4.31
CA GLU B 197 67.00 -36.89 4.71
C GLU B 197 67.21 -38.34 5.14
N LYS B 198 66.23 -38.94 5.80
CA LYS B 198 66.34 -40.34 6.19
C LYS B 198 65.83 -41.28 5.09
N LYS B 199 65.58 -40.76 3.89
CA LYS B 199 65.21 -41.56 2.72
C LYS B 199 63.94 -42.39 2.96
N CYS B 200 62.95 -41.79 3.60
CA CYS B 200 61.68 -42.45 3.89
C CYS B 200 60.71 -42.48 2.72
N PHE B 201 60.92 -41.69 1.68
CA PHE B 201 59.97 -41.65 0.58
C PHE B 201 60.36 -42.64 -0.51
N PRO B 202 59.40 -43.05 -1.35
CA PRO B 202 59.76 -43.78 -2.57
C PRO B 202 60.72 -42.96 -3.41
N GLU B 203 61.66 -43.68 -4.02
CA GLU B 203 62.59 -43.12 -4.97
C GLU B 203 61.88 -42.23 -5.99
N GLY B 204 62.40 -41.01 -6.18
CA GLY B 204 61.82 -40.07 -7.12
C GLY B 204 60.75 -39.14 -6.57
N THR B 205 60.51 -39.15 -5.26
CA THR B 205 59.45 -38.32 -4.69
C THR B 205 59.85 -36.84 -4.70
N ASP B 206 58.92 -35.98 -5.12
CA ASP B 206 59.05 -34.53 -4.94
C ASP B 206 58.42 -34.17 -3.59
N MET B 207 59.27 -33.94 -2.58
CA MET B 207 58.78 -33.84 -1.21
C MET B 207 57.84 -32.64 -1.02
N VAL B 208 58.24 -31.47 -1.50
CA VAL B 208 57.39 -30.28 -1.37
C VAL B 208 56.03 -30.51 -2.04
N GLY B 209 56.02 -31.17 -3.20
CA GLY B 209 54.75 -31.49 -3.86
C GLY B 209 53.91 -32.47 -3.08
N ILE B 210 54.55 -33.39 -2.35
CA ILE B 210 53.80 -34.30 -1.50
C ILE B 210 53.16 -33.52 -0.35
N LEU B 211 53.88 -32.54 0.22
CA LEU B 211 53.30 -31.77 1.30
C LEU B 211 52.07 -30.99 0.83
N ASP B 212 52.11 -30.46 -0.40
CA ASP B 212 50.95 -29.76 -0.96
C ASP B 212 49.75 -30.69 -1.06
N PHE B 213 49.96 -31.88 -1.63
CA PHE B 213 48.92 -32.87 -1.72
C PHE B 213 48.39 -33.23 -0.34
N TYR B 214 49.29 -33.34 0.64
CA TYR B 214 48.90 -33.65 2.01
C TYR B 214 47.99 -32.56 2.59
N PHE B 215 48.38 -31.29 2.45
CA PHE B 215 47.55 -30.19 2.91
C PHE B 215 46.19 -30.18 2.24
N GLN B 216 46.15 -30.51 0.94
CA GLN B 216 44.88 -30.59 0.22
C GLN B 216 43.96 -31.64 0.81
N LEU B 217 44.49 -32.85 1.06
CA LEU B 217 43.67 -33.93 1.59
C LEU B 217 43.11 -33.57 2.97
N CYS B 218 43.91 -32.87 3.79
CA CYS B 218 43.43 -32.44 5.08
C CYS B 218 42.30 -31.42 4.95
N SER B 219 42.18 -30.76 3.79
CA SER B 219 41.21 -29.69 3.57
C SER B 219 39.94 -30.17 2.86
N ILE B 220 39.80 -31.47 2.61
CA ILE B 220 38.55 -32.00 2.09
C ILE B 220 37.46 -31.86 3.14
N GLU B 221 36.28 -31.42 2.68
CA GLU B 221 35.15 -31.12 3.55
C GLU B 221 34.10 -32.21 3.45
N VAL B 222 33.49 -32.55 4.58
CA VAL B 222 32.37 -33.46 4.63
C VAL B 222 31.31 -32.85 5.53
N THR B 223 30.16 -33.50 5.60
CA THR B 223 29.22 -33.28 6.70
C THR B 223 29.20 -34.53 7.57
N CYS B 224 28.57 -34.40 8.75
CA CYS B 224 28.31 -35.57 9.57
C CYS B 224 27.61 -36.66 8.79
N GLU B 225 26.64 -36.28 7.95
CA GLU B 225 25.85 -37.27 7.21
C GLU B 225 26.70 -38.02 6.20
N SER B 226 27.48 -37.29 5.39
CA SER B 226 28.28 -38.00 4.38
C SER B 226 29.41 -38.78 5.02
N ALA B 227 29.98 -38.26 6.11
CA ALA B 227 31.08 -38.97 6.75
C ALA B 227 30.60 -40.26 7.38
N SER B 228 29.40 -40.26 7.98
CA SER B 228 28.88 -41.48 8.60
C SER B 228 28.75 -42.58 7.58
N VAL B 229 28.47 -42.24 6.32
CA VAL B 229 28.44 -43.24 5.26
C VAL B 229 29.84 -43.78 4.98
N MET B 230 30.85 -42.91 4.96
CA MET B 230 32.22 -43.38 4.84
C MET B 230 32.57 -44.37 5.96
N ALA B 231 32.24 -44.03 7.20
CA ALA B 231 32.50 -44.92 8.32
C ALA B 231 31.73 -46.24 8.15
N ALA B 232 30.52 -46.16 7.61
CA ALA B 232 29.70 -47.36 7.44
C ALA B 232 30.27 -48.27 6.36
N THR B 233 30.94 -47.69 5.35
CA THR B 233 31.65 -48.52 4.39
C THR B 233 32.74 -49.32 5.08
N LEU B 234 33.48 -48.70 6.00
CA LEU B 234 34.48 -49.43 6.77
C LEU B 234 33.83 -50.46 7.68
N ALA B 235 32.66 -50.14 8.23
CA ALA B 235 31.95 -51.09 9.08
C ALA B 235 31.41 -52.28 8.29
N ASN B 236 31.26 -52.12 6.98
CA ASN B 236 30.59 -53.09 6.12
C ASN B 236 31.57 -53.81 5.21
N GLY B 237 32.78 -54.07 5.71
CA GLY B 237 33.76 -54.85 4.97
C GLY B 237 34.19 -54.26 3.64
N GLY B 238 34.10 -52.93 3.50
CA GLY B 238 34.52 -52.30 2.27
C GLY B 238 33.42 -52.09 1.24
N PHE B 239 32.17 -52.41 1.57
CA PHE B 239 31.04 -52.22 0.68
C PHE B 239 30.24 -51.01 1.13
N CYS B 240 30.01 -50.07 0.21
CA CYS B 240 29.21 -48.89 0.57
C CYS B 240 27.78 -49.29 0.83
N PRO B 241 27.25 -49.10 2.04
CA PRO B 241 25.92 -49.63 2.38
C PRO B 241 24.76 -48.97 1.65
N ILE B 242 24.94 -47.81 1.04
CA ILE B 242 23.82 -47.16 0.36
C ILE B 242 23.93 -47.26 -1.15
N THR B 243 24.95 -47.94 -1.67
CA THR B 243 25.06 -48.25 -3.10
C THR B 243 25.35 -49.72 -3.39
N GLY B 244 25.75 -50.51 -2.38
CA GLY B 244 26.21 -51.87 -2.60
C GLY B 244 27.55 -52.00 -3.29
N GLU B 245 28.17 -50.91 -3.71
CA GLU B 245 29.41 -50.98 -4.45
C GLU B 245 30.57 -51.42 -3.57
N ARG B 246 31.50 -52.18 -4.14
CA ARG B 246 32.73 -52.54 -3.46
C ARG B 246 33.74 -51.39 -3.62
N VAL B 247 34.15 -50.80 -2.50
CA VAL B 247 35.03 -49.64 -2.52
C VAL B 247 36.45 -50.00 -2.11
N LEU B 248 36.60 -50.80 -1.07
CA LEU B 248 37.90 -51.13 -0.50
C LEU B 248 38.02 -52.64 -0.35
N SER B 249 39.23 -53.14 -0.54
CA SER B 249 39.51 -54.55 -0.32
C SER B 249 39.31 -54.93 1.16
N PRO B 250 38.96 -56.19 1.44
CA PRO B 250 38.90 -56.64 2.83
C PRO B 250 40.20 -56.42 3.59
N GLU B 251 41.35 -56.57 2.91
CA GLU B 251 42.64 -56.31 3.53
C GLU B 251 42.76 -54.86 3.98
N ALA B 252 42.41 -53.92 3.09
CA ALA B 252 42.50 -52.51 3.44
C ALA B 252 41.63 -52.19 4.64
N VAL B 253 40.40 -52.70 4.66
CA VAL B 253 39.49 -52.40 5.76
C VAL B 253 40.05 -52.94 7.07
N ARG B 254 40.43 -54.22 7.09
CA ARG B 254 40.95 -54.85 8.31
C ARG B 254 42.14 -54.06 8.88
N ASN B 255 43.11 -53.75 8.03
CA ASN B 255 44.28 -52.98 8.46
C ASN B 255 43.87 -51.62 9.00
N THR B 256 43.00 -50.92 8.28
CA THR B 256 42.58 -49.59 8.70
C THR B 256 41.90 -49.64 10.06
N LEU B 257 41.02 -50.61 10.27
CA LEU B 257 40.33 -50.69 11.57
C LEU B 257 41.30 -50.98 12.70
N SER B 258 42.30 -51.84 12.48
CA SER B 258 43.24 -52.18 13.55
C SER B 258 44.00 -50.94 14.01
N LEU B 259 44.49 -50.15 13.05
CA LEU B 259 45.25 -48.95 13.40
C LEU B 259 44.36 -47.84 13.96
N MET B 260 43.10 -47.74 13.50
CA MET B 260 42.18 -46.82 14.14
C MET B 260 41.95 -47.21 15.59
N HIS B 261 41.82 -48.53 15.83
CA HIS B 261 41.57 -49.01 17.19
C HIS B 261 42.69 -48.59 18.13
N SER B 262 43.94 -48.65 17.67
CA SER B 262 45.08 -48.46 18.55
C SER B 262 45.72 -47.09 18.45
N CYS B 263 45.59 -46.38 17.33
CA CYS B 263 46.34 -45.15 17.13
C CYS B 263 45.46 -43.96 16.75
N GLY B 264 44.14 -44.06 16.86
CA GLY B 264 43.27 -43.12 16.19
C GLY B 264 42.85 -41.89 16.95
N MET B 265 43.14 -41.82 18.25
CA MET B 265 42.65 -40.77 19.13
C MET B 265 43.80 -39.98 19.75
N TYR B 266 44.88 -39.75 18.99
CA TYR B 266 46.04 -39.02 19.49
C TYR B 266 46.55 -39.65 20.79
N ASP B 267 46.97 -38.83 21.77
CA ASP B 267 47.48 -39.39 23.02
C ASP B 267 46.42 -40.04 23.88
N PHE B 268 45.14 -39.90 23.52
CA PHE B 268 44.07 -40.59 24.23
C PHE B 268 43.82 -41.99 23.68
N SER B 269 44.57 -42.43 22.65
CA SER B 269 44.27 -43.68 21.95
C SER B 269 44.26 -44.88 22.89
N GLY B 270 45.24 -44.96 23.80
CA GLY B 270 45.29 -46.10 24.72
C GLY B 270 44.09 -46.14 25.66
N GLN B 271 43.76 -45.00 26.28
CA GLN B 271 42.58 -44.93 27.11
C GLN B 271 41.33 -45.28 26.32
N PHE B 272 41.25 -44.83 25.07
CA PHE B 272 40.03 -45.02 24.29
C PHE B 272 39.87 -46.49 23.89
N ALA B 273 40.96 -47.12 23.45
CA ALA B 273 40.92 -48.57 23.19
C ALA B 273 40.43 -49.33 24.41
N PHE B 274 40.89 -48.94 25.61
CA PHE B 274 40.54 -49.68 26.82
C PHE B 274 39.08 -49.48 27.22
N HIS B 275 38.62 -48.22 27.30
CA HIS B 275 37.27 -47.96 27.81
C HIS B 275 36.18 -48.02 26.75
N VAL B 276 36.50 -47.76 25.49
CA VAL B 276 35.50 -47.74 24.43
C VAL B 276 35.64 -48.93 23.49
N GLY B 277 36.86 -49.25 23.07
CA GLY B 277 37.10 -50.47 22.33
C GLY B 277 36.55 -50.49 20.93
N LEU B 278 36.42 -49.33 20.28
CA LEU B 278 35.95 -49.27 18.90
C LEU B 278 36.99 -48.57 18.05
N PRO B 279 37.12 -48.94 16.78
CA PRO B 279 37.99 -48.17 15.88
C PRO B 279 37.40 -46.77 15.67
N ALA B 280 38.20 -45.75 15.94
CA ALA B 280 37.75 -44.37 15.78
C ALA B 280 38.94 -43.51 15.37
N LYS B 281 38.64 -42.37 14.73
CA LYS B 281 39.66 -41.41 14.34
C LYS B 281 39.15 -40.00 14.60
N SER B 282 39.89 -39.24 15.40
CA SER B 282 39.54 -37.85 15.65
C SER B 282 40.34 -36.91 14.74
N GLY B 283 39.94 -35.64 14.78
CA GLY B 283 40.52 -34.60 13.94
C GLY B 283 40.32 -33.25 14.60
N VAL B 284 41.14 -32.28 14.18
CA VAL B 284 41.18 -31.01 14.90
C VAL B 284 39.96 -30.14 14.63
N ALA B 285 39.16 -30.46 13.59
CA ALA B 285 37.91 -29.75 13.37
C ALA B 285 36.84 -30.14 14.38
N GLY B 286 37.09 -31.17 15.21
CA GLY B 286 36.10 -31.66 16.15
C GLY B 286 35.36 -32.89 15.68
N GLY B 287 35.72 -33.45 14.54
CA GLY B 287 35.11 -34.69 14.09
C GLY B 287 35.69 -35.91 14.80
N ILE B 288 34.83 -36.90 15.02
CA ILE B 288 35.25 -38.26 15.40
C ILE B 288 34.54 -39.25 14.48
N LEU B 289 35.29 -39.85 13.57
CA LEU B 289 34.80 -40.94 12.74
C LEU B 289 34.82 -42.23 13.56
N LEU B 290 33.65 -42.84 13.77
CA LEU B 290 33.51 -43.98 14.67
C LEU B 290 32.95 -45.17 13.90
N VAL B 291 33.56 -46.34 14.07
CA VAL B 291 33.14 -47.56 13.37
C VAL B 291 32.75 -48.62 14.39
N VAL B 292 31.55 -49.19 14.23
CA VAL B 292 31.10 -50.37 14.96
C VAL B 292 31.05 -51.50 13.93
N PRO B 293 32.08 -52.35 13.87
CA PRO B 293 32.17 -53.32 12.77
C PRO B 293 30.92 -54.19 12.68
N ASN B 294 30.49 -54.42 11.44
CA ASN B 294 29.30 -55.21 11.11
C ASN B 294 28.00 -54.62 11.66
N VAL B 295 28.03 -53.41 12.20
CA VAL B 295 26.80 -52.78 12.69
C VAL B 295 26.56 -51.44 12.00
N MET B 296 27.48 -50.50 12.15
CA MET B 296 27.21 -49.14 11.68
C MET B 296 28.47 -48.30 11.68
N GLY B 297 28.40 -47.20 10.93
CA GLY B 297 29.39 -46.14 10.99
C GLY B 297 28.74 -44.89 11.55
N MET B 298 29.55 -44.07 12.21
CA MET B 298 29.08 -42.82 12.80
C MET B 298 30.10 -41.72 12.57
N MET B 299 29.60 -40.48 12.54
CA MET B 299 30.43 -39.29 12.61
C MET B 299 29.82 -38.36 13.65
N CYS B 300 30.58 -38.08 14.71
CA CYS B 300 30.26 -37.08 15.71
C CYS B 300 31.09 -35.85 15.44
N TRP B 301 30.49 -34.67 15.61
CA TRP B 301 31.21 -33.44 15.33
C TRP B 301 30.83 -32.35 16.31
N SER B 302 31.81 -31.87 17.05
CA SER B 302 31.67 -30.67 17.86
C SER B 302 33.04 -30.00 18.00
N PRO B 303 33.19 -28.76 17.54
CA PRO B 303 34.52 -28.11 17.40
C PRO B 303 35.33 -28.02 18.69
N PRO B 304 34.76 -27.80 19.88
CA PRO B 304 35.63 -27.60 21.05
C PRO B 304 36.37 -28.89 21.42
N LEU B 305 37.69 -28.78 21.62
CA LEU B 305 38.57 -29.93 21.84
C LEU B 305 39.09 -29.96 23.28
N ASP B 306 39.37 -31.18 23.79
CA ASP B 306 40.04 -31.25 25.07
C ASP B 306 41.54 -31.01 24.89
N LYS B 307 42.28 -31.14 26.00
CA LYS B 307 43.71 -30.91 25.98
C LYS B 307 44.45 -31.88 25.06
N MET B 308 43.88 -33.04 24.80
CA MET B 308 44.54 -33.99 23.90
C MET B 308 44.13 -33.83 22.45
N GLY B 309 43.25 -32.87 22.12
CA GLY B 309 42.87 -32.66 20.74
C GLY B 309 41.63 -33.40 20.29
N ASN B 310 40.88 -34.02 21.21
CA ASN B 310 39.66 -34.73 20.83
C ASN B 310 38.42 -33.93 21.20
N SER B 311 37.40 -34.00 20.35
CA SER B 311 36.13 -33.32 20.62
C SER B 311 35.57 -33.69 21.99
N VAL B 312 35.35 -32.69 22.85
CA VAL B 312 34.81 -32.94 24.21
C VAL B 312 33.46 -33.65 24.13
N LYS B 313 32.52 -33.11 23.34
CA LYS B 313 31.20 -33.73 23.26
C LYS B 313 31.27 -35.10 22.62
N GLY B 314 32.07 -35.25 21.57
CA GLY B 314 32.19 -36.54 20.90
C GLY B 314 32.75 -37.61 21.81
N ILE B 315 33.77 -37.27 22.60
CA ILE B 315 34.35 -38.24 23.54
C ILE B 315 33.30 -38.66 24.56
N HIS B 316 32.55 -37.69 25.10
CA HIS B 316 31.50 -38.02 26.07
C HIS B 316 30.46 -38.93 25.44
N PHE B 317 30.07 -38.63 24.20
CA PHE B 317 29.08 -39.44 23.49
C PHE B 317 29.60 -40.87 23.24
N CYS B 318 30.86 -41.01 22.80
CA CYS B 318 31.42 -42.34 22.58
C CYS B 318 31.39 -43.17 23.85
N HIS B 319 31.76 -42.58 24.99
CA HIS B 319 31.72 -43.33 26.25
C HIS B 319 30.31 -43.79 26.58
N ASP B 320 29.34 -42.88 26.50
CA ASP B 320 27.95 -43.21 26.79
C ASP B 320 27.43 -44.27 25.83
N LEU B 321 27.79 -44.17 24.55
CA LEU B 321 27.30 -45.11 23.55
C LEU B 321 27.68 -46.55 23.91
N VAL B 322 28.92 -46.74 24.35
CA VAL B 322 29.42 -48.09 24.59
C VAL B 322 28.90 -48.62 25.91
N SER B 323 28.59 -47.73 26.86
CA SER B 323 28.01 -48.09 28.15
C SER B 323 26.50 -48.28 28.09
N LEU B 324 25.92 -48.28 26.89
CA LEU B 324 24.49 -48.39 26.70
C LEU B 324 24.11 -49.54 25.79
N CYS B 325 24.81 -49.70 24.68
CA CYS B 325 24.53 -50.75 23.73
C CYS B 325 25.54 -51.88 23.79
N ASN B 326 26.50 -51.81 24.70
CA ASN B 326 27.52 -52.84 24.87
C ASN B 326 28.19 -53.17 23.53
N PHE B 327 28.66 -52.11 22.87
CA PHE B 327 29.33 -52.22 21.58
C PHE B 327 30.83 -52.48 21.69
N HIS B 328 31.39 -52.45 22.91
CA HIS B 328 32.82 -52.62 23.11
C HIS B 328 33.32 -53.88 22.42
N ASN B 329 34.50 -53.77 21.83
CA ASN B 329 35.12 -54.87 21.10
C ASN B 329 35.05 -56.21 21.85
N TYR B 330 35.27 -56.18 23.16
CA TYR B 330 35.32 -57.40 23.97
C TYR B 330 34.18 -57.47 24.98
N ASP B 331 33.01 -56.94 24.60
CA ASP B 331 31.83 -56.96 25.48
C ASP B 331 31.05 -58.27 25.35
N GLY C 18 -37.67 -26.41 -15.66
CA GLY C 18 -37.70 -25.16 -14.93
C GLY C 18 -36.81 -24.07 -15.52
N SER C 19 -37.09 -23.69 -16.76
CA SER C 19 -36.30 -22.73 -17.50
C SER C 19 -37.07 -21.44 -17.76
N MET C 20 -36.31 -20.38 -18.07
CA MET C 20 -36.85 -19.07 -18.43
C MET C 20 -36.51 -18.70 -19.87
N ILE C 21 -36.18 -19.68 -20.69
CA ILE C 21 -36.15 -19.50 -22.14
C ILE C 21 -37.34 -20.32 -22.67
N PRO C 22 -38.53 -19.74 -22.75
CA PRO C 22 -39.69 -20.50 -23.20
C PRO C 22 -39.61 -20.90 -24.67
N ASP C 23 -39.25 -19.96 -25.54
CA ASP C 23 -39.14 -20.19 -26.97
C ASP C 23 -37.68 -20.00 -27.39
N PHE C 24 -36.98 -21.12 -27.63
CA PHE C 24 -35.56 -21.02 -27.94
C PHE C 24 -35.31 -20.27 -29.24
N MET C 25 -36.19 -20.45 -30.23
CA MET C 25 -35.98 -19.79 -31.52
C MET C 25 -36.17 -18.28 -31.41
N SER C 26 -37.05 -17.82 -30.53
CA SER C 26 -37.17 -16.38 -30.33
C SER C 26 -35.98 -15.86 -29.54
N PHE C 27 -35.45 -16.66 -28.63
CA PHE C 27 -34.26 -16.26 -27.87
C PHE C 27 -33.04 -16.13 -28.79
N THR C 28 -32.83 -17.09 -29.70
CA THR C 28 -31.72 -16.96 -30.64
C THR C 28 -31.90 -15.76 -31.55
N SER C 29 -33.15 -15.43 -31.88
CA SER C 29 -33.42 -14.20 -32.62
C SER C 29 -32.90 -12.98 -31.86
N HIS C 30 -33.05 -12.97 -30.54
CA HIS C 30 -32.54 -11.86 -29.75
C HIS C 30 -31.02 -11.91 -29.64
N ILE C 31 -30.44 -13.11 -29.52
CA ILE C 31 -28.99 -13.24 -29.54
C ILE C 31 -28.42 -12.60 -30.79
N ASP C 32 -29.03 -12.88 -31.95
CA ASP C 32 -28.54 -12.36 -33.22
C ASP C 32 -28.57 -10.83 -33.25
N GLU C 33 -29.64 -10.22 -32.73
CA GLU C 33 -29.70 -8.76 -32.73
C GLU C 33 -28.63 -8.16 -31.82
N LEU C 34 -28.42 -8.75 -30.65
CA LEU C 34 -27.34 -8.31 -29.77
C LEU C 34 -25.98 -8.50 -30.43
N TYR C 35 -25.77 -9.65 -31.08
CA TYR C 35 -24.58 -9.85 -31.89
C TYR C 35 -24.39 -8.70 -32.86
N GLU C 36 -25.45 -8.34 -33.59
CA GLU C 36 -25.35 -7.30 -34.61
C GLU C 36 -25.03 -5.95 -33.97
N SER C 37 -25.67 -5.63 -32.85
CA SER C 37 -25.41 -4.37 -32.16
C SER C 37 -23.96 -4.31 -31.67
N ALA C 38 -23.48 -5.39 -31.04
CA ALA C 38 -22.09 -5.44 -30.60
C ALA C 38 -21.12 -5.26 -31.77
N LYS C 39 -21.49 -5.77 -32.95
CA LYS C 39 -20.59 -5.77 -34.10
C LYS C 39 -20.12 -4.36 -34.45
N LYS C 40 -20.95 -3.35 -34.19
CA LYS C 40 -20.61 -1.95 -34.48
C LYS C 40 -19.59 -1.38 -33.50
N GLN C 41 -19.32 -2.03 -32.37
CA GLN C 41 -18.34 -1.53 -31.41
C GLN C 41 -16.94 -1.88 -31.89
N SER C 42 -16.25 -0.90 -32.50
CA SER C 42 -14.99 -1.16 -33.17
C SER C 42 -13.76 -0.82 -32.34
N GLY C 43 -13.93 -0.24 -31.15
CA GLY C 43 -12.78 0.13 -30.34
C GLY C 43 -11.96 -1.06 -29.85
N GLY C 44 -10.94 -0.74 -29.07
CA GLY C 44 -10.11 -1.75 -28.44
C GLY C 44 -8.85 -2.03 -29.24
N LYS C 45 -7.90 -2.71 -28.58
CA LYS C 45 -6.65 -3.07 -29.21
C LYS C 45 -6.43 -4.57 -29.12
N VAL C 46 -6.11 -5.19 -30.26
CA VAL C 46 -5.71 -6.59 -30.27
C VAL C 46 -4.41 -6.73 -29.49
N ALA C 47 -4.34 -7.74 -28.62
CA ALA C 47 -3.12 -8.00 -27.89
C ALA C 47 -1.95 -8.25 -28.85
N ASP C 48 -0.80 -7.67 -28.56
CA ASP C 48 0.33 -7.84 -29.46
C ASP C 48 1.64 -8.15 -28.75
N TYR C 49 1.63 -8.66 -27.52
CA TYR C 49 2.91 -8.92 -26.89
C TYR C 49 3.60 -10.17 -27.46
N ILE C 50 2.86 -11.09 -28.06
CA ILE C 50 3.48 -12.12 -28.91
C ILE C 50 2.88 -12.09 -30.31
N PRO C 51 3.61 -12.53 -31.34
CA PRO C 51 3.07 -12.49 -32.70
C PRO C 51 1.83 -13.33 -32.88
N GLN C 52 1.71 -14.46 -32.17
CA GLN C 52 0.56 -15.34 -32.35
C GLN C 52 -0.75 -14.69 -31.91
N LEU C 53 -0.69 -13.59 -31.15
CA LEU C 53 -1.88 -12.80 -30.83
C LEU C 53 -2.02 -11.59 -31.73
N ALA C 54 -0.90 -10.92 -32.01
CA ALA C 54 -0.93 -9.72 -32.83
C ALA C 54 -1.47 -9.97 -34.23
N LYS C 55 -1.47 -11.22 -34.69
CA LYS C 55 -1.87 -11.50 -36.06
C LYS C 55 -3.38 -11.50 -36.24
N PHE C 56 -4.14 -11.58 -35.14
CA PHE C 56 -5.58 -11.81 -35.24
C PHE C 56 -6.28 -10.55 -35.75
N SER C 57 -7.26 -10.75 -36.62
CA SER C 57 -8.03 -9.66 -37.17
C SER C 57 -8.92 -9.01 -36.10
N PRO C 58 -8.97 -7.68 -36.04
CA PRO C 58 -9.90 -7.03 -35.08
C PRO C 58 -11.36 -7.24 -35.41
N ASP C 59 -11.69 -7.72 -36.62
CA ASP C 59 -13.09 -7.84 -37.02
C ASP C 59 -13.69 -9.20 -36.72
N LEU C 60 -12.89 -10.19 -36.31
CA LEU C 60 -13.44 -11.47 -35.93
C LEU C 60 -14.35 -11.30 -34.71
N TRP C 61 -15.51 -11.94 -34.73
CA TRP C 61 -16.54 -11.74 -33.71
C TRP C 61 -17.48 -12.94 -33.77
N GLY C 62 -17.47 -13.76 -32.71
CA GLY C 62 -18.33 -14.92 -32.65
C GLY C 62 -19.05 -15.07 -31.31
N VAL C 63 -20.30 -15.53 -31.33
CA VAL C 63 -21.06 -15.86 -30.13
C VAL C 63 -21.67 -17.24 -30.32
N SER C 64 -21.39 -18.13 -29.37
CA SER C 64 -22.01 -19.45 -29.33
C SER C 64 -22.74 -19.65 -28.01
N VAL C 65 -23.91 -20.28 -28.10
CA VAL C 65 -24.76 -20.60 -26.96
C VAL C 65 -24.97 -22.10 -26.95
N CYS C 66 -24.87 -22.70 -25.76
CA CYS C 66 -25.28 -24.09 -25.52
C CYS C 66 -26.09 -24.11 -24.23
N THR C 67 -27.38 -24.45 -24.34
CA THR C 67 -28.25 -24.48 -23.16
C THR C 67 -27.98 -25.74 -22.34
N VAL C 68 -28.62 -25.80 -21.17
CA VAL C 68 -28.40 -26.93 -20.28
C VAL C 68 -29.10 -28.19 -20.77
N ASP C 69 -30.08 -28.08 -21.67
CA ASP C 69 -30.66 -29.26 -22.28
C ASP C 69 -30.10 -29.55 -23.66
N GLY C 70 -29.09 -28.81 -24.10
CA GLY C 70 -28.33 -29.18 -25.27
C GLY C 70 -28.66 -28.45 -26.56
N GLN C 71 -29.51 -27.42 -26.51
CA GLN C 71 -29.80 -26.67 -27.71
C GLN C 71 -28.64 -25.72 -28.03
N ARG C 72 -28.35 -25.56 -29.33
CA ARG C 72 -27.17 -24.84 -29.78
C ARG C 72 -27.57 -23.69 -30.68
N HIS C 73 -26.76 -22.63 -30.63
CA HIS C 73 -26.91 -21.54 -31.58
C HIS C 73 -25.60 -20.77 -31.66
N SER C 74 -25.15 -20.51 -32.89
CA SER C 74 -23.93 -19.75 -33.12
C SER C 74 -24.20 -18.66 -34.13
N THR C 75 -23.44 -17.57 -34.01
CA THR C 75 -23.49 -16.48 -34.97
C THR C 75 -22.09 -15.88 -35.10
N GLY C 76 -21.68 -15.61 -36.34
CA GLY C 76 -20.37 -15.06 -36.59
C GLY C 76 -19.26 -16.11 -36.66
N ASP C 77 -18.05 -15.72 -36.26
CA ASP C 77 -16.85 -16.54 -36.48
C ASP C 77 -16.66 -17.54 -35.34
N THR C 78 -17.54 -18.53 -35.31
CA THR C 78 -17.61 -19.45 -34.19
C THR C 78 -16.84 -20.75 -34.41
N LYS C 79 -16.16 -20.90 -35.54
CA LYS C 79 -15.34 -22.08 -35.79
C LYS C 79 -13.87 -21.75 -36.02
N VAL C 80 -13.46 -20.52 -35.76
CA VAL C 80 -12.07 -20.11 -35.87
C VAL C 80 -11.38 -20.41 -34.53
N PRO C 81 -10.38 -21.29 -34.49
CA PRO C 81 -9.76 -21.63 -33.20
C PRO C 81 -8.96 -20.47 -32.63
N PHE C 82 -8.89 -20.43 -31.30
CA PHE C 82 -8.11 -19.41 -30.60
C PHE C 82 -7.73 -19.97 -29.22
N CYS C 83 -6.71 -19.37 -28.62
CA CYS C 83 -6.18 -19.90 -27.36
C CYS C 83 -7.06 -19.50 -26.17
N LEU C 84 -7.24 -20.44 -25.26
CA LEU C 84 -7.99 -20.15 -24.04
C LEU C 84 -7.34 -19.03 -23.24
N GLN C 85 -6.01 -19.04 -23.11
CA GLN C 85 -5.28 -18.07 -22.28
C GLN C 85 -5.93 -18.12 -20.88
N SER C 86 -6.28 -16.97 -20.28
CA SER C 86 -6.80 -17.00 -18.90
C SER C 86 -8.14 -17.71 -18.79
N CYS C 87 -8.84 -17.89 -19.91
CA CYS C 87 -10.10 -18.63 -19.90
C CYS C 87 -9.91 -20.04 -19.39
N VAL C 88 -8.69 -20.58 -19.44
CA VAL C 88 -8.49 -21.93 -18.91
C VAL C 88 -8.38 -21.94 -17.39
N LYS C 89 -8.19 -20.78 -16.75
CA LYS C 89 -7.94 -20.77 -15.30
C LYS C 89 -9.10 -21.35 -14.49
N PRO C 90 -10.37 -20.99 -14.74
CA PRO C 90 -11.45 -21.65 -13.99
C PRO C 90 -11.53 -23.13 -14.25
N LEU C 91 -11.15 -23.57 -15.46
CA LEU C 91 -11.26 -24.97 -15.81
C LEU C 91 -10.22 -25.81 -15.06
N LYS C 92 -8.97 -25.34 -14.98
CA LYS C 92 -8.02 -26.16 -14.24
C LYS C 92 -8.27 -26.06 -12.72
N TYR C 93 -8.83 -24.96 -12.24
CA TYR C 93 -9.21 -24.91 -10.82
C TYR C 93 -10.32 -25.92 -10.54
N ALA C 94 -11.28 -26.03 -11.47
CA ALA C 94 -12.35 -27.02 -11.31
C ALA C 94 -11.79 -28.43 -11.26
N ILE C 95 -10.82 -28.74 -12.13
CA ILE C 95 -10.20 -30.06 -12.10
C ILE C 95 -9.54 -30.31 -10.76
N ALA C 96 -8.81 -29.31 -10.25
CA ALA C 96 -8.11 -29.50 -8.99
C ALA C 96 -9.09 -29.74 -7.84
N VAL C 97 -10.15 -28.94 -7.75
CA VAL C 97 -11.13 -29.13 -6.68
C VAL C 97 -11.82 -30.48 -6.84
N ASN C 98 -12.14 -30.85 -8.09
CA ASN C 98 -12.78 -32.12 -8.38
C ASN C 98 -11.97 -33.31 -7.88
N ASP C 99 -10.65 -33.27 -8.09
CA ASP C 99 -9.79 -34.37 -7.68
C ASP C 99 -9.34 -34.28 -6.23
N LEU C 100 -9.24 -33.08 -5.66
CA LEU C 100 -8.56 -32.92 -4.38
C LEU C 100 -9.42 -32.33 -3.26
N GLY C 101 -10.54 -31.69 -3.56
CA GLY C 101 -11.42 -31.09 -2.56
C GLY C 101 -11.10 -29.62 -2.29
N THR C 102 -12.13 -28.89 -1.87
CA THR C 102 -12.00 -27.46 -1.57
C THR C 102 -10.88 -27.19 -0.58
N GLU C 103 -10.83 -27.98 0.50
CA GLU C 103 -9.96 -27.63 1.63
C GLU C 103 -8.49 -27.77 1.26
N TYR C 104 -8.11 -28.89 0.63
CA TYR C 104 -6.73 -29.06 0.17
C TYR C 104 -6.34 -27.95 -0.82
N VAL C 105 -7.18 -27.67 -1.81
CA VAL C 105 -6.80 -26.69 -2.82
C VAL C 105 -6.56 -25.34 -2.15
N HIS C 106 -7.42 -24.94 -1.22
CA HIS C 106 -7.29 -23.62 -0.66
C HIS C 106 -6.31 -23.55 0.50
N ARG C 107 -5.58 -24.64 0.78
CA ARG C 107 -4.34 -24.51 1.54
C ARG C 107 -3.29 -23.73 0.76
N TYR C 108 -3.39 -23.72 -0.56
CA TYR C 108 -2.36 -23.13 -1.40
C TYR C 108 -2.78 -21.84 -2.07
N VAL C 109 -4.08 -21.53 -2.11
CA VAL C 109 -4.53 -20.37 -2.88
C VAL C 109 -5.74 -19.75 -2.20
N GLY C 110 -5.84 -18.43 -2.30
CA GLY C 110 -6.91 -17.69 -1.68
C GLY C 110 -8.24 -17.84 -2.40
N LYS C 111 -9.24 -17.10 -1.91
CA LYS C 111 -10.62 -17.27 -2.29
C LYS C 111 -11.30 -15.96 -2.63
N GLU C 112 -10.57 -14.88 -2.83
CA GLU C 112 -11.29 -13.62 -3.00
C GLU C 112 -10.47 -12.67 -3.87
N PRO C 113 -11.12 -11.63 -4.42
CA PRO C 113 -10.38 -10.63 -5.20
C PRO C 113 -9.38 -9.87 -4.35
N SER C 114 -8.32 -9.41 -5.01
CA SER C 114 -7.28 -8.68 -4.29
C SER C 114 -7.64 -7.22 -4.05
N GLY C 115 -8.44 -6.63 -4.92
CA GLY C 115 -8.70 -5.20 -4.87
C GLY C 115 -7.56 -4.36 -5.43
N ASN C 119 -4.05 -5.51 -9.40
CA ASN C 119 -3.07 -5.67 -8.32
C ASN C 119 -1.72 -6.21 -8.79
N LYS C 120 -0.66 -5.60 -8.27
CA LYS C 120 0.69 -5.93 -8.69
C LYS C 120 1.39 -6.89 -7.74
N LEU C 121 0.81 -7.15 -6.56
CA LEU C 121 1.44 -8.03 -5.59
C LEU C 121 1.20 -9.50 -5.93
N PHE C 122 2.23 -10.33 -5.70
CA PHE C 122 2.11 -11.75 -6.01
C PHE C 122 1.33 -12.52 -4.96
N LEU C 123 1.37 -12.08 -3.69
CA LEU C 123 0.84 -12.86 -2.59
C LEU C 123 0.03 -11.99 -1.65
N ASN C 124 -1.01 -12.59 -1.06
CA ASN C 124 -1.78 -11.90 -0.04
C ASN C 124 -1.02 -11.97 1.30
N GLU C 125 -1.71 -11.53 2.36
CA GLU C 125 -1.12 -11.40 3.69
C GLU C 125 -0.76 -12.75 4.28
N ASP C 126 -1.47 -13.81 3.88
CA ASP C 126 -1.17 -15.17 4.30
C ASP C 126 -0.10 -15.85 3.44
N ASP C 127 0.64 -15.10 2.63
CA ASP C 127 1.63 -15.67 1.70
C ASP C 127 0.99 -16.71 0.78
N LYS C 128 -0.25 -16.47 0.37
CA LYS C 128 -0.88 -17.28 -0.66
C LYS C 128 -1.31 -16.36 -1.81
N PRO C 129 -1.31 -16.87 -3.05
CA PRO C 129 -1.85 -16.06 -4.15
C PRO C 129 -3.32 -15.76 -3.90
N HIS C 130 -3.74 -14.57 -4.32
CA HIS C 130 -5.04 -14.04 -3.87
C HIS C 130 -6.18 -14.98 -4.22
N ASN C 131 -6.13 -15.62 -5.39
CA ASN C 131 -7.22 -16.45 -5.88
C ASN C 131 -6.80 -17.17 -7.15
N PRO C 132 -7.51 -18.20 -7.60
CA PRO C 132 -7.04 -18.97 -8.78
C PRO C 132 -7.16 -18.23 -10.10
N MET C 133 -7.80 -17.05 -10.16
CA MET C 133 -7.98 -16.36 -11.43
C MET C 133 -6.84 -15.39 -11.76
N VAL C 134 -5.89 -15.15 -10.86
CA VAL C 134 -4.73 -14.34 -11.20
C VAL C 134 -3.56 -15.28 -11.47
N ASN C 135 -2.53 -14.75 -12.14
CA ASN C 135 -1.46 -15.61 -12.66
C ASN C 135 -0.81 -16.42 -11.54
N ALA C 136 -0.46 -15.78 -10.42
CA ALA C 136 0.19 -16.50 -9.33
C ALA C 136 -0.69 -17.63 -8.81
N GLY C 137 -2.00 -17.39 -8.73
CA GLY C 137 -2.92 -18.44 -8.30
C GLY C 137 -3.02 -19.57 -9.29
N ALA C 138 -3.11 -19.24 -10.59
CA ALA C 138 -3.20 -20.29 -11.60
C ALA C 138 -1.94 -21.14 -11.62
N ILE C 139 -0.78 -20.53 -11.37
CA ILE C 139 0.47 -21.28 -11.34
C ILE C 139 0.46 -22.27 -10.17
N VAL C 140 0.00 -21.83 -8.98
CA VAL C 140 -0.03 -22.76 -7.85
C VAL C 140 -1.05 -23.86 -8.10
N VAL C 141 -2.21 -23.50 -8.64
CA VAL C 141 -3.22 -24.51 -8.97
C VAL C 141 -2.65 -25.54 -9.94
N THR C 142 -1.90 -25.06 -10.96
CA THR C 142 -1.26 -25.97 -11.91
C THR C 142 -0.38 -26.98 -11.20
N SER C 143 0.34 -26.54 -10.15
CA SER C 143 1.21 -27.46 -9.41
C SER C 143 0.44 -28.48 -8.60
N LEU C 144 -0.87 -28.34 -8.43
CA LEU C 144 -1.62 -29.30 -7.63
C LEU C 144 -2.17 -30.45 -8.44
N ILE C 145 -2.25 -30.33 -9.77
CA ILE C 145 -2.98 -31.30 -10.58
C ILE C 145 -2.10 -32.51 -10.87
N LYS C 146 -2.62 -33.70 -10.60
CA LYS C 146 -2.01 -34.96 -11.02
C LYS C 146 -0.53 -35.01 -10.65
N GLN C 147 -0.25 -34.77 -9.37
CA GLN C 147 1.13 -34.69 -8.91
C GLN C 147 1.80 -36.04 -9.01
N GLY C 148 3.11 -36.03 -9.24
CA GLY C 148 3.84 -37.28 -9.34
C GLY C 148 4.16 -37.75 -10.75
N VAL C 149 3.23 -37.56 -11.70
CA VAL C 149 3.46 -38.01 -13.07
C VAL C 149 4.20 -36.93 -13.85
N ASN C 150 4.73 -37.29 -15.01
CA ASN C 150 5.49 -36.32 -15.80
C ASN C 150 4.55 -35.36 -16.52
N ASN C 151 5.16 -34.32 -17.11
CA ASN C 151 4.37 -33.26 -17.71
C ASN C 151 3.55 -33.73 -18.90
N ALA C 152 4.09 -34.67 -19.69
CA ALA C 152 3.30 -35.17 -20.82
C ALA C 152 2.01 -35.82 -20.34
N GLU C 153 2.09 -36.61 -19.28
CA GLU C 153 0.86 -37.23 -18.75
C GLU C 153 -0.02 -36.21 -18.04
N LYS C 154 0.57 -35.21 -17.36
CA LYS C 154 -0.26 -34.15 -16.79
C LYS C 154 -1.09 -33.48 -17.87
N PHE C 155 -0.44 -33.13 -18.98
CA PHE C 155 -1.14 -32.48 -20.09
C PHE C 155 -2.21 -33.39 -20.67
N ASP C 156 -1.87 -34.66 -20.93
CA ASP C 156 -2.87 -35.60 -21.43
C ASP C 156 -4.06 -35.70 -20.49
N TYR C 157 -3.80 -35.78 -19.18
CA TYR C 157 -4.86 -35.85 -18.20
C TYR C 157 -5.82 -34.67 -18.31
N VAL C 158 -5.28 -33.46 -18.41
CA VAL C 158 -6.16 -32.28 -18.49
C VAL C 158 -6.88 -32.25 -19.84
N MET C 159 -6.19 -32.66 -20.90
CA MET C 159 -6.82 -32.67 -22.23
C MET C 159 -8.03 -33.60 -22.25
N GLN C 160 -7.94 -34.78 -21.63
CA GLN C 160 -9.11 -35.66 -21.61
C GLN C 160 -10.23 -35.04 -20.79
N PHE C 161 -9.87 -34.32 -19.72
CA PHE C 161 -10.87 -33.60 -18.96
C PHE C 161 -11.56 -32.54 -19.81
N LEU C 162 -10.79 -31.74 -20.54
CA LEU C 162 -11.42 -30.69 -21.36
C LEU C 162 -12.24 -31.28 -22.50
N ASN C 163 -11.81 -32.45 -23.03
CA ASN C 163 -12.63 -33.15 -24.03
C ASN C 163 -14.00 -33.48 -23.46
N LYS C 164 -14.04 -34.03 -22.24
CA LYS C 164 -15.34 -34.34 -21.63
C LYS C 164 -16.17 -33.08 -21.40
N MET C 165 -15.54 -31.99 -20.96
CA MET C 165 -16.29 -30.76 -20.72
C MET C 165 -16.91 -30.25 -22.01
N ALA C 166 -16.18 -30.35 -23.12
CA ALA C 166 -16.64 -29.86 -24.41
C ALA C 166 -17.46 -30.89 -25.17
N GLY C 167 -17.82 -32.01 -24.54
CA GLY C 167 -18.53 -33.06 -25.26
C GLY C 167 -17.82 -33.50 -26.52
N ASN C 168 -16.49 -33.61 -26.47
CA ASN C 168 -15.63 -34.08 -27.56
C ASN C 168 -15.61 -33.15 -28.76
N GLU C 169 -16.03 -31.90 -28.60
CA GLU C 169 -15.86 -30.94 -29.68
C GLU C 169 -14.44 -30.36 -29.63
N TYR C 170 -14.17 -29.36 -30.48
CA TYR C 170 -12.81 -28.93 -30.78
C TYR C 170 -12.02 -28.52 -29.54
N VAL C 171 -10.97 -29.27 -29.24
CA VAL C 171 -9.93 -28.87 -28.30
C VAL C 171 -8.59 -29.13 -28.96
N GLY C 172 -7.87 -28.06 -29.29
CA GLY C 172 -6.57 -28.20 -29.91
C GLY C 172 -5.45 -27.64 -29.05
N PHE C 173 -4.30 -27.43 -29.70
CA PHE C 173 -3.09 -26.95 -29.04
C PHE C 173 -2.28 -26.11 -30.01
N SER C 174 -1.88 -24.92 -29.59
CA SER C 174 -1.07 -24.02 -30.41
C SER C 174 0.37 -24.07 -29.94
N ASN C 175 1.19 -24.85 -30.64
CA ASN C 175 2.59 -24.96 -30.28
C ASN C 175 3.30 -23.62 -30.42
N ALA C 176 2.91 -22.81 -31.40
CA ALA C 176 3.59 -21.53 -31.59
C ALA C 176 3.29 -20.56 -30.45
N THR C 177 2.05 -20.55 -29.95
CA THR C 177 1.75 -19.72 -28.79
C THR C 177 2.54 -20.18 -27.57
N PHE C 178 2.57 -21.50 -27.35
CA PHE C 178 3.32 -22.06 -26.23
C PHE C 178 4.79 -21.65 -26.26
N GLN C 179 5.45 -21.78 -27.43
CA GLN C 179 6.86 -21.40 -27.53
C GLN C 179 7.05 -19.91 -27.27
N SER C 180 6.17 -19.07 -27.85
CA SER C 180 6.30 -17.64 -27.64
C SER C 180 5.98 -17.25 -26.20
N GLU C 181 4.95 -17.86 -25.60
CA GLU C 181 4.59 -17.50 -24.23
C GLU C 181 5.72 -17.80 -23.27
N ARG C 182 6.31 -18.99 -23.38
CA ARG C 182 7.40 -19.37 -22.49
C ARG C 182 8.62 -18.47 -22.67
N GLU C 183 9.01 -18.19 -23.92
CA GLU C 183 10.23 -17.42 -24.14
C GLU C 183 10.07 -15.96 -23.71
N SER C 184 8.85 -15.41 -23.67
CA SER C 184 8.67 -14.04 -23.24
C SER C 184 8.00 -13.92 -21.86
N GLY C 185 7.98 -15.01 -21.09
CA GLY C 185 7.22 -15.01 -19.85
C GLY C 185 7.99 -14.65 -18.61
N ASP C 186 8.79 -13.57 -18.66
CA ASP C 186 9.63 -13.19 -17.53
C ASP C 186 8.80 -12.92 -16.27
N ARG C 187 7.63 -12.30 -16.42
CA ARG C 187 6.84 -12.02 -15.23
C ARG C 187 6.38 -13.31 -14.56
N ASN C 188 6.00 -14.31 -15.37
CA ASN C 188 5.60 -15.59 -14.80
C ASN C 188 6.78 -16.32 -14.17
N PHE C 189 7.98 -16.17 -14.73
CA PHE C 189 9.15 -16.73 -14.05
C PHE C 189 9.45 -15.97 -12.76
N ALA C 190 9.20 -14.66 -12.74
CA ALA C 190 9.40 -13.91 -11.50
C ALA C 190 8.42 -14.40 -10.43
N ILE C 191 7.18 -14.63 -10.83
CA ILE C 191 6.20 -15.22 -9.91
C ILE C 191 6.65 -16.60 -9.45
N GLY C 192 7.12 -17.42 -10.39
CA GLY C 192 7.50 -18.79 -10.04
C GLY C 192 8.59 -18.84 -8.98
N TYR C 193 9.64 -18.03 -9.15
CA TYR C 193 10.72 -17.99 -8.16
C TYR C 193 10.25 -17.41 -6.83
N TYR C 194 9.40 -16.37 -6.86
CA TYR C 194 8.87 -15.82 -5.61
C TYR C 194 8.03 -16.85 -4.86
N LEU C 195 7.17 -17.58 -5.56
CA LEU C 195 6.36 -18.61 -4.91
C LEU C 195 7.24 -19.70 -4.32
N LYS C 196 8.31 -20.07 -5.03
CA LYS C 196 9.23 -21.07 -4.52
C LYS C 196 9.89 -20.59 -3.25
N GLU C 197 10.34 -19.33 -3.23
CA GLU C 197 11.01 -18.81 -2.06
C GLU C 197 10.08 -18.74 -0.85
N LYS C 198 8.81 -18.40 -1.07
CA LYS C 198 7.84 -18.32 0.00
C LYS C 198 7.17 -19.67 0.29
N LYS C 199 7.69 -20.76 -0.27
CA LYS C 199 7.23 -22.12 0.04
C LYS C 199 5.75 -22.32 -0.30
N CYS C 200 5.31 -21.77 -1.44
CA CYS C 200 3.91 -21.84 -1.83
C CYS C 200 3.54 -23.14 -2.55
N PHE C 201 4.52 -23.88 -3.05
CA PHE C 201 4.21 -25.09 -3.81
C PHE C 201 4.18 -26.30 -2.89
N PRO C 202 3.49 -27.38 -3.26
CA PRO C 202 3.63 -28.63 -2.52
C PRO C 202 5.07 -29.10 -2.55
N GLU C 203 5.48 -29.73 -1.46
CA GLU C 203 6.81 -30.30 -1.32
C GLU C 203 7.13 -31.19 -2.51
N GLY C 204 8.36 -31.04 -3.04
CA GLY C 204 8.79 -31.80 -4.19
C GLY C 204 8.47 -31.21 -5.55
N THR C 205 7.93 -29.99 -5.61
CA THR C 205 7.55 -29.40 -6.89
C THR C 205 8.79 -28.97 -7.67
N ASP C 206 8.85 -29.32 -8.95
CA ASP C 206 9.82 -28.75 -9.88
C ASP C 206 9.20 -27.49 -10.48
N MET C 207 9.63 -26.32 -10.00
CA MET C 207 8.94 -25.08 -10.36
C MET C 207 9.01 -24.81 -11.87
N VAL C 208 10.21 -24.95 -12.46
CA VAL C 208 10.37 -24.66 -13.89
C VAL C 208 9.49 -25.59 -14.73
N GLY C 209 9.37 -26.87 -14.32
CA GLY C 209 8.47 -27.78 -15.01
C GLY C 209 7.01 -27.39 -14.87
N ILE C 210 6.64 -26.83 -13.71
CA ILE C 210 5.29 -26.35 -13.53
C ILE C 210 5.00 -25.18 -14.46
N LEU C 211 5.94 -24.25 -14.59
CA LEU C 211 5.74 -23.12 -15.51
C LEU C 211 5.56 -23.61 -16.95
N ASP C 212 6.31 -24.63 -17.35
CA ASP C 212 6.14 -25.24 -18.67
C ASP C 212 4.72 -25.74 -18.86
N PHE C 213 4.24 -26.53 -17.90
CA PHE C 213 2.88 -27.05 -17.94
C PHE C 213 1.87 -25.90 -17.99
N TYR C 214 2.16 -24.83 -17.23
CA TYR C 214 1.27 -23.67 -17.21
C TYR C 214 1.17 -23.01 -18.59
N PHE C 215 2.32 -22.78 -19.22
CA PHE C 215 2.33 -22.21 -20.57
C PHE C 215 1.57 -23.08 -21.56
N GLN C 216 1.72 -24.41 -21.45
CA GLN C 216 0.99 -25.33 -22.32
C GLN C 216 -0.51 -25.19 -22.16
N LEU C 217 -1.00 -25.17 -20.91
CA LEU C 217 -2.43 -25.07 -20.67
C LEU C 217 -2.99 -23.77 -21.21
N CYS C 218 -2.23 -22.67 -21.07
CA CYS C 218 -2.64 -21.41 -21.64
C CYS C 218 -2.75 -21.47 -23.16
N SER C 219 -2.03 -22.41 -23.81
CA SER C 219 -1.97 -22.48 -25.27
C SER C 219 -2.95 -23.48 -25.87
N ILE C 220 -3.83 -24.04 -25.05
CA ILE C 220 -4.89 -24.91 -25.56
C ILE C 220 -5.89 -24.08 -26.36
N GLU C 221 -6.31 -24.61 -27.50
CA GLU C 221 -7.15 -23.91 -28.46
C GLU C 221 -8.56 -24.48 -28.41
N VAL C 222 -9.54 -23.59 -28.59
CA VAL C 222 -10.94 -23.96 -28.69
C VAL C 222 -11.54 -23.13 -29.80
N THR C 223 -12.80 -23.41 -30.13
CA THR C 223 -13.64 -22.48 -30.87
C THR C 223 -14.73 -21.95 -29.96
N CYS C 224 -15.44 -20.92 -30.42
CA CYS C 224 -16.62 -20.48 -29.69
C CYS C 224 -17.59 -21.62 -29.44
N GLU C 225 -17.75 -22.49 -30.44
CA GLU C 225 -18.72 -23.59 -30.32
C GLU C 225 -18.30 -24.60 -29.27
N SER C 226 -17.03 -25.01 -29.29
CA SER C 226 -16.65 -26.01 -28.30
C SER C 226 -16.59 -25.39 -26.90
N ALA C 227 -16.19 -24.12 -26.82
CA ALA C 227 -16.06 -23.48 -25.51
C ALA C 227 -17.41 -23.29 -24.86
N SER C 228 -18.44 -22.94 -25.65
CA SER C 228 -19.77 -22.75 -25.09
C SER C 228 -20.27 -24.03 -24.44
N VAL C 229 -19.87 -25.18 -24.97
CA VAL C 229 -20.24 -26.45 -24.35
C VAL C 229 -19.53 -26.63 -23.02
N MET C 230 -18.26 -26.22 -22.94
CA MET C 230 -17.56 -26.24 -21.65
C MET C 230 -18.29 -25.38 -20.62
N ALA C 231 -18.67 -24.17 -21.01
CA ALA C 231 -19.42 -23.30 -20.12
C ALA C 231 -20.77 -23.91 -19.75
N ALA C 232 -21.41 -24.57 -20.73
CA ALA C 232 -22.70 -25.20 -20.45
C ALA C 232 -22.56 -26.34 -19.45
N THR C 233 -21.42 -27.03 -19.46
CA THR C 233 -21.17 -28.02 -18.42
C THR C 233 -21.16 -27.38 -17.05
N LEU C 234 -20.54 -26.20 -16.93
CA LEU C 234 -20.55 -25.45 -15.68
C LEU C 234 -21.95 -24.94 -15.35
N ALA C 235 -22.73 -24.57 -16.38
CA ALA C 235 -24.08 -24.11 -16.12
C ALA C 235 -24.99 -25.23 -15.67
N ASN C 236 -24.61 -26.49 -15.91
CA ASN C 236 -25.47 -27.65 -15.73
C ASN C 236 -24.99 -28.54 -14.59
N GLY C 237 -24.44 -27.95 -13.53
CA GLY C 237 -24.06 -28.70 -12.35
C GLY C 237 -22.97 -29.72 -12.57
N GLY C 238 -22.13 -29.53 -13.58
CA GLY C 238 -21.06 -30.48 -13.83
C GLY C 238 -21.38 -31.58 -14.81
N PHE C 239 -22.56 -31.57 -15.41
CA PHE C 239 -22.94 -32.56 -16.42
C PHE C 239 -22.84 -31.95 -17.80
N CYS C 240 -22.10 -32.61 -18.68
CA CYS C 240 -22.00 -32.12 -20.05
C CYS C 240 -23.36 -32.25 -20.73
N PRO C 241 -23.96 -31.15 -21.19
CA PRO C 241 -25.34 -31.20 -21.70
C PRO C 241 -25.51 -31.93 -23.03
N ILE C 242 -24.45 -32.20 -23.79
CA ILE C 242 -24.62 -32.88 -25.06
C ILE C 242 -24.18 -34.34 -25.00
N THR C 243 -23.70 -34.81 -23.85
CA THR C 243 -23.39 -36.22 -23.64
C THR C 243 -24.04 -36.80 -22.39
N GLY C 244 -24.58 -35.97 -21.50
CA GLY C 244 -25.09 -36.43 -20.22
C GLY C 244 -24.05 -36.91 -19.23
N GLU C 245 -22.77 -36.94 -19.61
CA GLU C 245 -21.73 -37.43 -18.72
C GLU C 245 -21.49 -36.48 -17.56
N ARG C 246 -21.21 -37.06 -16.38
CA ARG C 246 -20.76 -36.28 -15.24
C ARG C 246 -19.27 -36.01 -15.38
N VAL C 247 -18.88 -34.74 -15.37
CA VAL C 247 -17.50 -34.34 -15.59
C VAL C 247 -16.87 -33.75 -14.34
N LEU C 248 -17.60 -32.90 -13.64
CA LEU C 248 -17.10 -32.19 -12.47
C LEU C 248 -18.05 -32.40 -11.30
N SER C 249 -17.48 -32.57 -10.11
CA SER C 249 -18.29 -32.65 -8.90
C SER C 249 -19.10 -31.37 -8.69
N PRO C 250 -20.27 -31.48 -8.03
CA PRO C 250 -21.03 -30.26 -7.67
C PRO C 250 -20.20 -29.24 -6.91
N GLU C 251 -19.28 -29.71 -6.05
CA GLU C 251 -18.41 -28.82 -5.29
C GLU C 251 -17.47 -28.04 -6.21
N ALA C 252 -16.81 -28.73 -7.14
CA ALA C 252 -15.94 -28.04 -8.09
C ALA C 252 -16.71 -26.96 -8.84
N VAL C 253 -17.91 -27.29 -9.32
CA VAL C 253 -18.67 -26.32 -10.10
C VAL C 253 -19.01 -25.10 -9.26
N ARG C 254 -19.54 -25.32 -8.06
CA ARG C 254 -19.97 -24.21 -7.21
C ARG C 254 -18.80 -23.27 -6.90
N ASN C 255 -17.66 -23.84 -6.50
CA ASN C 255 -16.47 -23.03 -6.20
C ASN C 255 -16.02 -22.25 -7.43
N THR C 256 -15.93 -22.92 -8.57
CA THR C 256 -15.48 -22.26 -9.79
C THR C 256 -16.39 -21.10 -10.15
N LEU C 257 -17.71 -21.32 -10.06
CA LEU C 257 -18.63 -20.23 -10.41
C LEU C 257 -18.50 -19.04 -9.46
N SER C 258 -18.26 -19.30 -8.17
CA SER C 258 -18.16 -18.19 -7.21
C SER C 258 -16.96 -17.30 -7.53
N LEU C 259 -15.82 -17.93 -7.83
CA LEU C 259 -14.61 -17.17 -8.12
C LEU C 259 -14.67 -16.51 -9.49
N MET C 260 -15.35 -17.14 -10.46
CA MET C 260 -15.59 -16.46 -11.73
C MET C 260 -16.45 -15.23 -11.52
N HIS C 261 -17.45 -15.34 -10.62
CA HIS C 261 -18.33 -14.20 -10.35
C HIS C 261 -17.55 -13.00 -9.84
N SER C 262 -16.57 -13.23 -8.96
CA SER C 262 -15.92 -12.13 -8.27
C SER C 262 -14.53 -11.79 -8.81
N CYS C 263 -13.85 -12.71 -9.50
CA CYS C 263 -12.45 -12.50 -9.88
C CYS C 263 -12.18 -12.71 -11.36
N GLY C 264 -13.22 -12.86 -12.19
CA GLY C 264 -13.05 -13.40 -13.53
C GLY C 264 -12.76 -12.45 -14.66
N MET C 265 -12.87 -11.13 -14.43
CA MET C 265 -12.76 -10.12 -15.47
C MET C 265 -11.63 -9.13 -15.17
N TYR C 266 -10.51 -9.62 -14.64
CA TYR C 266 -9.37 -8.77 -14.28
C TYR C 266 -9.82 -7.59 -13.42
N ASP C 267 -9.29 -6.40 -13.65
CA ASP C 267 -9.67 -5.24 -12.84
C ASP C 267 -11.10 -4.77 -13.09
N PHE C 268 -11.80 -5.35 -14.07
CA PHE C 268 -13.20 -5.02 -14.29
C PHE C 268 -14.14 -5.94 -13.50
N SER C 269 -13.59 -6.89 -12.73
CA SER C 269 -14.43 -7.92 -12.10
C SER C 269 -15.48 -7.31 -11.17
N GLY C 270 -15.10 -6.29 -10.38
CA GLY C 270 -16.08 -5.70 -9.47
C GLY C 270 -17.21 -5.01 -10.20
N GLN C 271 -16.87 -4.19 -11.21
CA GLN C 271 -17.89 -3.57 -12.05
C GLN C 271 -18.76 -4.62 -12.72
N PHE C 272 -18.16 -5.72 -13.17
CA PHE C 272 -18.91 -6.71 -13.92
C PHE C 272 -19.86 -7.48 -13.01
N ALA C 273 -19.39 -7.88 -11.84
CA ALA C 273 -20.28 -8.49 -10.85
C ALA C 273 -21.48 -7.59 -10.56
N PHE C 274 -21.27 -6.28 -10.46
CA PHE C 274 -22.35 -5.36 -10.10
C PHE C 274 -23.35 -5.19 -11.24
N HIS C 275 -22.87 -4.89 -12.45
CA HIS C 275 -23.77 -4.56 -13.56
C HIS C 275 -24.28 -5.79 -14.31
N VAL C 276 -23.52 -6.89 -14.35
CA VAL C 276 -23.87 -8.06 -15.13
C VAL C 276 -24.30 -9.21 -14.23
N GLY C 277 -23.54 -9.47 -13.17
CA GLY C 277 -23.96 -10.43 -12.17
C GLY C 277 -23.96 -11.88 -12.62
N LEU C 278 -23.10 -12.23 -13.58
CA LEU C 278 -22.98 -13.60 -14.03
C LEU C 278 -21.55 -14.08 -13.86
N PRO C 279 -21.34 -15.37 -13.61
CA PRO C 279 -19.96 -15.88 -13.59
C PRO C 279 -19.39 -15.83 -15.00
N ALA C 280 -18.24 -15.20 -15.16
CA ALA C 280 -17.59 -15.07 -16.46
C ALA C 280 -16.07 -15.09 -16.27
N LYS C 281 -15.36 -15.43 -17.36
CA LYS C 281 -13.91 -15.38 -17.35
C LYS C 281 -13.42 -14.89 -18.70
N SER C 282 -12.66 -13.80 -18.70
CA SER C 282 -12.06 -13.31 -19.92
C SER C 282 -10.61 -13.81 -20.08
N GLY C 283 -10.06 -13.52 -21.27
CA GLY C 283 -8.72 -13.95 -21.65
C GLY C 283 -8.16 -13.02 -22.72
N VAL C 284 -6.83 -13.01 -22.82
CA VAL C 284 -6.20 -12.00 -23.66
C VAL C 284 -6.40 -12.26 -25.15
N ALA C 285 -6.87 -13.45 -25.55
CA ALA C 285 -7.24 -13.70 -26.95
C ALA C 285 -8.54 -13.01 -27.34
N GLY C 286 -9.26 -12.45 -26.37
CA GLY C 286 -10.56 -11.85 -26.63
C GLY C 286 -11.73 -12.74 -26.33
N GLY C 287 -11.50 -13.91 -25.73
CA GLY C 287 -12.60 -14.75 -25.31
C GLY C 287 -13.24 -14.25 -24.01
N ILE C 288 -14.54 -14.46 -23.89
CA ILE C 288 -15.27 -14.33 -22.61
C ILE C 288 -16.13 -15.58 -22.45
N LEU C 289 -15.72 -16.47 -21.56
CA LEU C 289 -16.50 -17.64 -21.18
C LEU C 289 -17.57 -17.20 -20.18
N LEU C 290 -18.85 -17.33 -20.55
CA LEU C 290 -19.96 -16.80 -19.78
C LEU C 290 -20.91 -17.91 -19.37
N VAL C 291 -21.34 -17.92 -18.11
CA VAL C 291 -22.21 -18.97 -17.58
C VAL C 291 -23.48 -18.34 -17.04
N VAL C 292 -24.63 -18.85 -17.48
CA VAL C 292 -25.92 -18.51 -16.89
C VAL C 292 -26.39 -19.76 -16.15
N PRO C 293 -26.21 -19.84 -14.84
CA PRO C 293 -26.43 -21.10 -14.12
C PRO C 293 -27.84 -21.64 -14.36
N ASN C 294 -27.92 -22.96 -14.57
CA ASN C 294 -29.15 -23.69 -14.88
C ASN C 294 -29.84 -23.24 -16.16
N VAL C 295 -29.19 -22.41 -16.98
CA VAL C 295 -29.80 -21.99 -18.23
C VAL C 295 -28.87 -22.34 -19.40
N MET C 296 -27.67 -21.77 -19.44
CA MET C 296 -26.84 -21.95 -20.63
C MET C 296 -25.39 -21.55 -20.35
N GLY C 297 -24.52 -22.03 -21.24
CA GLY C 297 -23.16 -21.55 -21.34
C GLY C 297 -22.97 -20.79 -22.63
N MET C 298 -22.08 -19.81 -22.62
CA MET C 298 -21.76 -19.05 -23.82
C MET C 298 -20.26 -18.81 -23.89
N MET C 299 -19.77 -18.66 -25.12
CA MET C 299 -18.44 -18.14 -25.39
C MET C 299 -18.60 -17.00 -26.38
N CYS C 300 -18.15 -15.80 -26.00
CA CYS C 300 -18.04 -14.64 -26.86
C CYS C 300 -16.58 -14.46 -27.21
N TRP C 301 -16.29 -14.06 -28.45
CA TRP C 301 -14.90 -13.92 -28.84
C TRP C 301 -14.73 -12.80 -29.84
N SER C 302 -13.93 -11.82 -29.46
CA SER C 302 -13.48 -10.77 -30.35
C SER C 302 -12.14 -10.23 -29.87
N PRO C 303 -11.09 -10.32 -30.68
CA PRO C 303 -9.70 -10.07 -30.22
C PRO C 303 -9.43 -8.67 -29.66
N PRO C 304 -10.04 -7.59 -30.14
CA PRO C 304 -9.66 -6.28 -29.59
C PRO C 304 -10.11 -6.11 -28.14
N LEU C 305 -9.19 -5.67 -27.29
CA LEU C 305 -9.38 -5.58 -25.84
C LEU C 305 -9.44 -4.13 -25.39
N ASP C 306 -10.17 -3.88 -24.30
CA ASP C 306 -10.12 -2.56 -23.69
C ASP C 306 -8.87 -2.44 -22.83
N LYS C 307 -8.74 -1.27 -22.18
CA LYS C 307 -7.60 -1.00 -21.32
C LYS C 307 -7.49 -1.98 -20.17
N MET C 308 -8.59 -2.59 -19.74
CA MET C 308 -8.51 -3.57 -18.67
C MET C 308 -8.25 -4.99 -19.16
N GLY C 309 -8.17 -5.22 -20.47
CA GLY C 309 -7.83 -6.53 -20.95
C GLY C 309 -9.01 -7.40 -21.33
N ASN C 310 -10.22 -6.85 -21.38
CA ASN C 310 -11.41 -7.62 -21.74
C ASN C 310 -11.87 -7.24 -23.15
N SER C 311 -12.44 -8.22 -23.85
CA SER C 311 -12.93 -7.99 -25.21
C SER C 311 -13.98 -6.89 -25.24
N VAL C 312 -13.75 -5.88 -26.09
CA VAL C 312 -14.68 -4.74 -26.17
C VAL C 312 -16.07 -5.19 -26.61
N LYS C 313 -16.15 -5.97 -27.69
CA LYS C 313 -17.46 -6.43 -28.17
C LYS C 313 -18.10 -7.39 -27.18
N GLY C 314 -17.32 -8.30 -26.60
CA GLY C 314 -17.88 -9.24 -25.65
C GLY C 314 -18.46 -8.55 -24.42
N ILE C 315 -17.78 -7.51 -23.93
CA ILE C 315 -18.28 -6.78 -22.76
C ILE C 315 -19.60 -6.09 -23.11
N HIS C 316 -19.62 -5.39 -24.25
CA HIS C 316 -20.84 -4.73 -24.71
C HIS C 316 -21.98 -5.74 -24.84
N PHE C 317 -21.68 -6.91 -25.42
CA PHE C 317 -22.68 -7.96 -25.56
C PHE C 317 -23.19 -8.44 -24.20
N CYS C 318 -22.29 -8.66 -23.24
CA CYS C 318 -22.72 -9.14 -21.92
C CYS C 318 -23.67 -8.15 -21.25
N HIS C 319 -23.36 -6.85 -21.33
CA HIS C 319 -24.24 -5.84 -20.75
C HIS C 319 -25.63 -5.91 -21.38
N ASP C 320 -25.69 -5.92 -22.72
CA ASP C 320 -26.95 -5.98 -23.43
C ASP C 320 -27.71 -7.25 -23.10
N LEU C 321 -27.01 -8.38 -23.00
CA LEU C 321 -27.68 -9.65 -22.74
C LEU C 321 -28.45 -9.63 -21.43
N VAL C 322 -27.85 -9.07 -20.37
CA VAL C 322 -28.49 -9.03 -19.07
C VAL C 322 -29.61 -8.01 -19.05
N SER C 323 -29.42 -6.87 -19.72
CA SER C 323 -30.45 -5.84 -19.82
C SER C 323 -31.57 -6.19 -20.80
N LEU C 324 -31.64 -7.43 -21.25
CA LEU C 324 -32.69 -7.89 -22.16
C LEU C 324 -33.43 -9.11 -21.65
N CYS C 325 -32.72 -10.09 -21.11
CA CYS C 325 -33.33 -11.34 -20.68
C CYS C 325 -33.41 -11.45 -19.16
N ASN C 326 -33.01 -10.40 -18.44
CA ASN C 326 -33.04 -10.39 -16.98
C ASN C 326 -32.35 -11.61 -16.40
N PHE C 327 -31.09 -11.80 -16.83
CA PHE C 327 -30.26 -12.91 -16.39
C PHE C 327 -29.39 -12.58 -15.19
N HIS C 328 -29.34 -11.31 -14.77
CA HIS C 328 -28.56 -10.91 -13.61
C HIS C 328 -28.89 -11.80 -12.40
N ASN C 329 -27.85 -12.19 -11.67
CA ASN C 329 -28.00 -13.09 -10.54
C ASN C 329 -29.11 -12.65 -9.57
N TYR C 330 -29.23 -11.33 -9.32
CA TYR C 330 -30.21 -10.82 -8.38
C TYR C 330 -31.36 -10.09 -9.09
N ASP C 331 -31.68 -10.51 -10.31
CA ASP C 331 -32.82 -9.98 -11.06
C ASP C 331 -34.13 -10.66 -10.62
N GLY D 18 42.16 19.38 9.45
CA GLY D 18 42.36 19.01 10.85
C GLY D 18 41.39 17.96 11.35
N SER D 19 41.87 16.72 11.49
CA SER D 19 41.08 15.63 12.03
C SER D 19 41.13 15.71 13.56
N MET D 20 39.99 16.01 14.19
CA MET D 20 39.96 16.31 15.62
C MET D 20 39.76 15.07 16.49
N ILE D 21 40.62 14.08 16.24
CA ILE D 21 41.04 13.15 17.27
C ILE D 21 42.35 13.73 17.79
N PRO D 22 42.33 14.48 18.88
CA PRO D 22 43.58 15.12 19.34
C PRO D 22 44.66 14.14 19.74
N ASP D 23 44.35 13.19 20.63
CA ASP D 23 45.32 12.20 21.13
C ASP D 23 44.86 10.82 20.65
N PHE D 24 45.53 10.29 19.62
CA PHE D 24 45.10 9.02 19.04
C PHE D 24 45.17 7.90 20.06
N MET D 25 46.19 7.90 20.92
CA MET D 25 46.34 6.80 21.87
C MET D 25 45.30 6.83 22.97
N SER D 26 44.83 8.01 23.37
CA SER D 26 43.71 8.02 24.30
C SER D 26 42.40 7.73 23.58
N PHE D 27 42.32 8.06 22.30
CA PHE D 27 41.15 7.68 21.51
C PHE D 27 41.03 6.16 21.40
N THR D 28 42.13 5.48 21.07
CA THR D 28 42.08 4.02 21.02
C THR D 28 41.76 3.42 22.37
N SER D 29 42.21 4.06 23.45
CA SER D 29 41.82 3.61 24.79
C SER D 29 40.31 3.66 24.97
N HIS D 30 39.66 4.67 24.39
CA HIS D 30 38.20 4.74 24.47
C HIS D 30 37.54 3.70 23.56
N ILE D 31 38.08 3.49 22.36
CA ILE D 31 37.59 2.42 21.49
C ILE D 31 37.59 1.10 22.25
N ASP D 32 38.68 0.81 22.97
CA ASP D 32 38.79 -0.45 23.70
C ASP D 32 37.73 -0.57 24.79
N GLU D 33 37.44 0.53 25.50
CA GLU D 33 36.39 0.48 26.52
C GLU D 33 35.02 0.22 25.89
N LEU D 34 34.73 0.91 24.78
CA LEU D 34 33.48 0.66 24.06
C LEU D 34 33.43 -0.77 23.54
N TYR D 35 34.55 -1.26 23.00
CA TYR D 35 34.65 -2.66 22.61
C TYR D 35 34.25 -3.58 23.75
N GLU D 36 34.82 -3.37 24.93
CA GLU D 36 34.53 -4.25 26.07
C GLU D 36 33.08 -4.13 26.50
N SER D 37 32.51 -2.92 26.49
CA SER D 37 31.10 -2.76 26.84
C SER D 37 30.22 -3.52 25.85
N ALA D 38 30.46 -3.36 24.56
CA ALA D 38 29.67 -4.07 23.56
C ALA D 38 29.79 -5.59 23.71
N LYS D 39 30.95 -6.06 24.17
CA LYS D 39 31.21 -7.50 24.27
C LYS D 39 30.17 -8.20 25.14
N LYS D 40 29.60 -7.49 26.13
CA LYS D 40 28.65 -8.07 27.07
C LYS D 40 27.25 -8.24 26.48
N GLN D 41 26.96 -7.62 25.34
CA GLN D 41 25.63 -7.70 24.75
C GLN D 41 25.54 -8.95 23.88
N SER D 42 24.99 -10.01 24.45
CA SER D 42 25.02 -11.33 23.86
C SER D 42 23.78 -11.70 23.05
N GLY D 43 22.82 -10.79 22.90
CA GLY D 43 21.62 -11.09 22.17
C GLY D 43 21.87 -11.30 20.68
N GLY D 44 20.80 -11.67 19.97
CA GLY D 44 20.84 -11.76 18.54
C GLY D 44 21.02 -13.19 18.07
N LYS D 45 20.82 -13.37 16.76
CA LYS D 45 20.87 -14.69 16.16
C LYS D 45 21.81 -14.65 14.97
N VAL D 46 22.74 -15.61 14.92
CA VAL D 46 23.62 -15.75 13.77
C VAL D 46 22.80 -16.18 12.57
N ALA D 47 23.03 -15.54 11.43
CA ALA D 47 22.30 -15.91 10.22
C ALA D 47 22.53 -17.38 9.90
N ASP D 48 21.46 -18.08 9.52
CA ASP D 48 21.63 -19.51 9.26
C ASP D 48 20.90 -19.99 8.01
N TYR D 49 20.64 -19.12 7.03
CA TYR D 49 19.95 -19.61 5.85
C TYR D 49 20.89 -20.38 4.93
N ILE D 50 22.20 -20.15 5.01
CA ILE D 50 23.17 -21.08 4.40
C ILE D 50 24.14 -21.58 5.46
N PRO D 51 24.71 -22.78 5.28
CA PRO D 51 25.65 -23.30 6.28
C PRO D 51 26.87 -22.43 6.47
N GLN D 52 27.36 -21.78 5.41
CA GLN D 52 28.57 -20.97 5.52
C GLN D 52 28.38 -19.76 6.43
N LEU D 53 27.14 -19.37 6.74
CA LEU D 53 26.92 -18.36 7.76
C LEU D 53 26.62 -18.97 9.11
N ALA D 54 25.80 -20.03 9.12
CA ALA D 54 25.39 -20.65 10.37
C ALA D 54 26.57 -21.17 11.20
N LYS D 55 27.71 -21.43 10.57
CA LYS D 55 28.85 -22.01 11.28
C LYS D 55 29.57 -21.02 12.17
N PHE D 56 29.36 -19.70 11.98
CA PHE D 56 30.18 -18.71 12.67
C PHE D 56 29.82 -18.66 14.14
N SER D 57 30.84 -18.51 14.99
CA SER D 57 30.60 -18.43 16.43
C SER D 57 29.89 -17.13 16.79
N PRO D 58 28.89 -17.17 17.69
CA PRO D 58 28.27 -15.92 18.15
C PRO D 58 29.21 -15.04 18.93
N ASP D 59 30.36 -15.55 19.39
CA ASP D 59 31.23 -14.77 20.27
C ASP D 59 32.32 -14.01 19.53
N LEU D 60 32.46 -14.23 18.22
CA LEU D 60 33.41 -13.44 17.45
C LEU D 60 32.98 -11.98 17.47
N TRP D 61 33.95 -11.09 17.71
CA TRP D 61 33.65 -9.66 17.89
C TRP D 61 34.95 -8.90 17.61
N GLY D 62 34.97 -8.11 16.55
CA GLY D 62 36.15 -7.34 16.21
C GLY D 62 35.82 -5.91 15.79
N VAL D 63 36.69 -4.96 16.14
CA VAL D 63 36.58 -3.56 15.73
C VAL D 63 37.93 -3.11 15.22
N SER D 64 37.96 -2.58 14.00
CA SER D 64 39.17 -2.00 13.43
C SER D 64 38.89 -0.58 13.01
N VAL D 65 39.88 0.28 13.24
CA VAL D 65 39.83 1.70 12.92
C VAL D 65 41.03 2.02 12.04
N CYS D 66 40.79 2.81 11.00
CA CYS D 66 41.86 3.37 10.17
C CYS D 66 41.52 4.84 9.94
N THR D 67 42.37 5.75 10.44
CA THR D 67 42.09 7.17 10.30
C THR D 67 42.46 7.65 8.90
N VAL D 68 42.07 8.88 8.60
CA VAL D 68 42.44 9.47 7.31
C VAL D 68 43.93 9.75 7.25
N ASP D 69 44.57 9.80 8.42
CA ASP D 69 46.03 9.88 8.57
C ASP D 69 46.73 8.57 8.24
N GLY D 70 46.03 7.44 8.35
CA GLY D 70 46.66 6.14 8.23
C GLY D 70 47.01 5.49 9.54
N GLN D 71 46.59 6.05 10.66
CA GLN D 71 46.82 5.39 11.95
C GLN D 71 45.81 4.27 12.13
N ARG D 72 46.27 3.17 12.74
CA ARG D 72 45.49 1.95 12.83
C ARG D 72 45.29 1.53 14.28
N HIS D 73 44.17 0.86 14.54
CA HIS D 73 43.95 0.22 15.83
C HIS D 73 42.91 -0.87 15.65
N SER D 74 43.20 -2.05 16.17
CA SER D 74 42.25 -3.16 16.16
C SER D 74 42.13 -3.70 17.57
N THR D 75 40.95 -4.26 17.87
CA THR D 75 40.74 -4.98 19.11
C THR D 75 39.78 -6.12 18.82
N GLY D 76 40.06 -7.30 19.40
CA GLY D 76 39.23 -8.46 19.15
C GLY D 76 39.60 -9.23 17.89
N ASP D 77 38.59 -9.87 17.28
CA ASP D 77 38.80 -10.85 16.21
C ASP D 77 38.87 -10.16 14.85
N THR D 78 39.96 -9.45 14.62
CA THR D 78 40.05 -8.54 13.49
C THR D 78 40.80 -9.12 12.30
N LYS D 79 41.24 -10.37 12.37
CA LYS D 79 41.90 -11.05 11.26
C LYS D 79 41.16 -12.32 10.82
N VAL D 80 39.94 -12.52 11.29
CA VAL D 80 39.12 -13.65 10.87
C VAL D 80 38.34 -13.23 9.63
N PRO D 81 38.56 -13.86 8.47
CA PRO D 81 37.85 -13.44 7.26
C PRO D 81 36.36 -13.72 7.34
N PHE D 82 35.58 -12.87 6.67
CA PHE D 82 34.13 -13.04 6.59
C PHE D 82 33.65 -12.36 5.32
N CYS D 83 32.46 -12.76 4.86
CA CYS D 83 31.95 -12.27 3.58
C CYS D 83 31.35 -10.87 3.72
N LEU D 84 31.64 -10.03 2.73
CA LEU D 84 31.09 -8.68 2.74
C LEU D 84 29.56 -8.71 2.75
N GLN D 85 28.95 -9.57 1.93
CA GLN D 85 27.48 -9.62 1.78
C GLN D 85 27.03 -8.21 1.40
N SER D 86 26.00 -7.65 2.05
CA SER D 86 25.48 -6.34 1.65
C SER D 86 26.49 -5.21 1.87
N CYS D 87 27.53 -5.44 2.69
CA CYS D 87 28.58 -4.45 2.85
C CYS D 87 29.25 -4.12 1.52
N VAL D 88 29.14 -4.99 0.52
CA VAL D 88 29.74 -4.68 -0.76
C VAL D 88 28.87 -3.72 -1.58
N LYS D 89 27.60 -3.54 -1.23
CA LYS D 89 26.71 -2.74 -2.07
C LYS D 89 27.19 -1.30 -2.22
N PRO D 90 27.58 -0.58 -1.17
CA PRO D 90 28.12 0.77 -1.39
C PRO D 90 29.37 0.78 -2.24
N LEU D 91 30.18 -0.29 -2.17
CA LEU D 91 31.44 -0.32 -2.90
C LEU D 91 31.21 -0.48 -4.39
N LYS D 92 30.33 -1.38 -4.81
CA LYS D 92 30.12 -1.50 -6.24
C LYS D 92 29.31 -0.32 -6.79
N TYR D 93 28.45 0.32 -5.98
CA TYR D 93 27.82 1.56 -6.44
C TYR D 93 28.85 2.64 -6.65
N ALA D 94 29.84 2.74 -5.73
CA ALA D 94 30.90 3.72 -5.90
C ALA D 94 31.68 3.47 -7.19
N ILE D 95 31.97 2.20 -7.49
CA ILE D 95 32.68 1.88 -8.73
C ILE D 95 31.85 2.31 -9.93
N ALA D 96 30.55 2.02 -9.90
CA ALA D 96 29.71 2.38 -11.04
C ALA D 96 29.68 3.89 -11.26
N VAL D 97 29.50 4.66 -10.18
CA VAL D 97 29.46 6.12 -10.32
C VAL D 97 30.81 6.64 -10.76
N ASN D 98 31.90 6.07 -10.22
CA ASN D 98 33.25 6.46 -10.59
C ASN D 98 33.49 6.30 -12.09
N ASP D 99 33.05 5.18 -12.66
CA ASP D 99 33.28 4.92 -14.08
C ASP D 99 32.26 5.57 -15.00
N LEU D 100 31.04 5.83 -14.53
CA LEU D 100 29.95 6.16 -15.43
C LEU D 100 29.26 7.49 -15.13
N GLY D 101 29.45 8.07 -13.95
CA GLY D 101 28.84 9.34 -13.56
C GLY D 101 27.49 9.17 -12.89
N THR D 102 27.14 10.16 -12.05
CA THR D 102 25.90 10.11 -11.29
C THR D 102 24.68 9.93 -12.19
N GLU D 103 24.62 10.69 -13.29
CA GLU D 103 23.40 10.79 -14.08
C GLU D 103 23.09 9.46 -14.76
N TYR D 104 24.10 8.84 -15.39
CA TYR D 104 23.89 7.54 -16.03
C TYR D 104 23.45 6.49 -15.02
N VAL D 105 24.13 6.38 -13.89
CA VAL D 105 23.78 5.34 -12.93
C VAL D 105 22.33 5.50 -12.49
N HIS D 106 21.91 6.72 -12.23
CA HIS D 106 20.57 6.90 -11.70
C HIS D 106 19.50 6.99 -12.78
N ARG D 107 19.85 6.72 -14.04
CA ARG D 107 18.82 6.31 -15.00
C ARG D 107 18.24 4.95 -14.64
N TYR D 108 19.02 4.12 -13.93
CA TYR D 108 18.63 2.75 -13.65
C TYR D 108 18.21 2.51 -12.21
N VAL D 109 18.54 3.41 -11.28
CA VAL D 109 18.29 3.14 -9.88
C VAL D 109 17.96 4.45 -9.16
N GLY D 110 17.07 4.35 -8.18
CA GLY D 110 16.66 5.50 -7.40
C GLY D 110 17.72 5.95 -6.40
N LYS D 111 17.32 6.91 -5.58
CA LYS D 111 18.23 7.65 -4.71
C LYS D 111 17.69 7.83 -3.30
N GLU D 112 16.73 7.03 -2.86
CA GLU D 112 16.18 7.32 -1.54
C GLU D 112 15.58 6.05 -0.95
N PRO D 113 15.35 6.03 0.37
CA PRO D 113 14.72 4.88 1.04
C PRO D 113 13.31 4.63 0.54
N SER D 114 12.87 3.36 0.69
CA SER D 114 11.54 2.97 0.23
C SER D 114 10.38 3.51 1.09
N GLY D 115 10.14 3.11 2.36
CA GLY D 115 10.53 1.90 3.07
C GLY D 115 9.56 1.60 4.21
N LEU D 116 8.95 0.42 4.27
CA LEU D 116 9.06 -0.64 3.26
C LEU D 116 8.23 -0.31 2.01
N LYS D 120 9.91 -4.55 0.47
CA LYS D 120 9.05 -5.66 0.04
C LYS D 120 8.74 -5.56 -1.47
N LEU D 121 8.54 -4.34 -1.96
CA LEU D 121 8.35 -4.11 -3.39
C LEU D 121 9.69 -4.06 -4.11
N PHE D 122 9.74 -4.61 -5.32
CA PHE D 122 10.99 -4.62 -6.07
C PHE D 122 11.30 -3.26 -6.70
N LEU D 123 10.27 -2.47 -7.04
CA LEU D 123 10.45 -1.26 -7.83
C LEU D 123 9.63 -0.11 -7.26
N ASN D 124 10.16 1.09 -7.39
CA ASN D 124 9.41 2.29 -7.03
C ASN D 124 8.42 2.64 -8.14
N GLU D 125 7.80 3.81 -7.99
CA GLU D 125 6.76 4.30 -8.89
C GLU D 125 7.30 4.52 -10.30
N ASP D 126 8.58 4.89 -10.44
CA ASP D 126 9.20 5.06 -11.75
C ASP D 126 9.70 3.75 -12.37
N ASP D 127 9.31 2.59 -11.85
CA ASP D 127 9.82 1.30 -12.33
C ASP D 127 11.34 1.20 -12.20
N LYS D 128 11.91 1.82 -11.17
CA LYS D 128 13.32 1.65 -10.87
C LYS D 128 13.47 1.14 -9.43
N PRO D 129 14.51 0.35 -9.15
CA PRO D 129 14.73 -0.07 -7.76
C PRO D 129 14.98 1.14 -6.89
N HIS D 130 14.53 1.08 -5.64
CA HIS D 130 14.41 2.28 -4.82
C HIS D 130 15.75 2.98 -4.64
N ASN D 131 16.85 2.20 -4.51
CA ASN D 131 18.16 2.76 -4.24
C ASN D 131 19.21 1.64 -4.35
N PRO D 132 20.50 1.95 -4.41
CA PRO D 132 21.50 0.87 -4.61
C PRO D 132 21.74 -0.01 -3.40
N MET D 133 21.19 0.31 -2.23
CA MET D 133 21.43 -0.48 -1.02
C MET D 133 20.44 -1.63 -0.82
N VAL D 134 19.39 -1.73 -1.62
CA VAL D 134 18.48 -2.88 -1.52
C VAL D 134 18.84 -3.84 -2.64
N ASN D 135 18.37 -5.10 -2.52
CA ASN D 135 18.85 -6.15 -3.41
C ASN D 135 18.56 -5.82 -4.89
N ALA D 136 17.35 -5.32 -5.18
CA ALA D 136 17.02 -5.03 -6.58
C ALA D 136 17.91 -3.93 -7.13
N GLY D 137 18.24 -2.94 -6.30
CA GLY D 137 19.14 -1.89 -6.75
C GLY D 137 20.56 -2.39 -6.95
N ALA D 138 21.05 -3.25 -6.05
CA ALA D 138 22.41 -3.75 -6.19
C ALA D 138 22.53 -4.62 -7.43
N ILE D 139 21.48 -5.37 -7.76
CA ILE D 139 21.49 -6.18 -8.98
C ILE D 139 21.58 -5.30 -10.22
N VAL D 140 20.79 -4.21 -10.28
CA VAL D 140 20.88 -3.33 -11.44
C VAL D 140 22.24 -2.64 -11.49
N VAL D 141 22.74 -2.20 -10.34
CA VAL D 141 24.08 -1.59 -10.30
C VAL D 141 25.12 -2.57 -10.83
N THR D 142 25.02 -3.85 -10.41
CA THR D 142 25.95 -4.87 -10.89
C THR D 142 25.93 -4.96 -12.41
N SER D 143 24.75 -4.82 -13.04
CA SER D 143 24.64 -4.88 -14.49
C SER D 143 25.29 -3.69 -15.19
N LEU D 144 25.63 -2.63 -14.46
CA LEU D 144 26.19 -1.45 -15.12
C LEU D 144 27.71 -1.46 -15.17
N ILE D 145 28.38 -2.31 -14.39
CA ILE D 145 29.82 -2.23 -14.23
C ILE D 145 30.51 -2.97 -15.37
N LYS D 146 31.46 -2.30 -16.02
CA LYS D 146 32.37 -2.92 -16.99
C LYS D 146 31.60 -3.78 -18.01
N GLN D 147 30.60 -3.14 -18.64
CA GLN D 147 29.71 -3.86 -19.54
C GLN D 147 30.47 -4.32 -20.77
N GLY D 148 30.04 -5.45 -21.33
CA GLY D 148 30.60 -5.99 -22.56
C GLY D 148 31.64 -7.08 -22.37
N VAL D 149 32.39 -7.06 -21.27
CA VAL D 149 33.40 -8.10 -21.04
C VAL D 149 32.74 -9.25 -20.30
N ASN D 150 33.42 -10.39 -20.27
CA ASN D 150 32.83 -11.55 -19.63
C ASN D 150 32.91 -11.43 -18.10
N ASN D 151 32.24 -12.37 -17.43
CA ASN D 151 32.10 -12.28 -15.98
C ASN D 151 33.44 -12.44 -15.27
N ALA D 152 34.33 -13.27 -15.80
CA ALA D 152 35.62 -13.43 -15.13
C ALA D 152 36.39 -12.12 -15.12
N GLU D 153 36.36 -11.39 -16.23
CA GLU D 153 37.03 -10.08 -16.29
C GLU D 153 36.26 -9.03 -15.48
N LYS D 154 34.93 -9.12 -15.44
CA LYS D 154 34.18 -8.21 -14.56
C LYS D 154 34.61 -8.40 -13.11
N PHE D 155 34.69 -9.65 -12.67
CA PHE D 155 35.09 -9.93 -11.30
C PHE D 155 36.51 -9.45 -11.04
N ASP D 156 37.44 -9.73 -11.97
CA ASP D 156 38.82 -9.28 -11.79
C ASP D 156 38.89 -7.77 -11.69
N TYR D 157 38.09 -7.08 -12.49
CA TYR D 157 38.07 -5.62 -12.46
C TYR D 157 37.65 -5.11 -11.08
N VAL D 158 36.60 -5.69 -10.50
CA VAL D 158 36.14 -5.22 -9.20
C VAL D 158 37.15 -5.59 -8.11
N MET D 159 37.73 -6.80 -8.20
CA MET D 159 38.75 -7.20 -7.23
C MET D 159 39.92 -6.22 -7.23
N GLN D 160 40.42 -5.87 -8.42
CA GLN D 160 41.45 -4.84 -8.53
C GLN D 160 41.03 -3.57 -7.80
N PHE D 161 39.77 -3.15 -8.00
CA PHE D 161 39.29 -1.95 -7.35
C PHE D 161 39.27 -2.10 -5.82
N LEU D 162 38.75 -3.23 -5.32
CA LEU D 162 38.69 -3.40 -3.87
C LEU D 162 40.09 -3.50 -3.26
N ASN D 163 41.05 -4.08 -3.99
CA ASN D 163 42.43 -4.09 -3.54
C ASN D 163 42.95 -2.67 -3.33
N LYS D 164 42.69 -1.77 -4.27
CA LYS D 164 43.11 -0.37 -4.10
C LYS D 164 42.42 0.28 -2.92
N MET D 165 41.12 -0.01 -2.74
CA MET D 165 40.39 0.59 -1.61
C MET D 165 40.97 0.13 -0.29
N ALA D 166 41.36 -1.15 -0.19
CA ALA D 166 41.91 -1.68 1.04
C ALA D 166 43.42 -1.52 1.14
N GLY D 167 44.04 -0.74 0.24
CA GLY D 167 45.49 -0.61 0.23
C GLY D 167 46.20 -1.94 0.22
N ASN D 168 45.69 -2.90 -0.57
CA ASN D 168 46.28 -4.22 -0.80
C ASN D 168 46.26 -5.12 0.43
N GLU D 169 45.42 -4.82 1.41
CA GLU D 169 45.24 -5.76 2.51
C GLU D 169 44.22 -6.83 2.10
N TYR D 170 43.83 -7.68 3.05
CA TYR D 170 43.10 -8.93 2.77
C TYR D 170 41.82 -8.70 1.99
N VAL D 171 41.78 -9.17 0.75
CA VAL D 171 40.53 -9.31 -0.01
C VAL D 171 40.54 -10.72 -0.60
N GLY D 172 39.65 -11.57 -0.08
CA GLY D 172 39.55 -12.92 -0.59
C GLY D 172 38.21 -13.23 -1.22
N PHE D 173 37.92 -14.51 -1.36
CA PHE D 173 36.71 -14.99 -2.02
C PHE D 173 36.32 -16.33 -1.40
N SER D 174 35.06 -16.44 -1.00
CA SER D 174 34.51 -17.67 -0.43
C SER D 174 33.70 -18.40 -1.51
N ASN D 175 34.32 -19.43 -2.09
CA ASN D 175 33.62 -20.20 -3.11
C ASN D 175 32.42 -20.94 -2.53
N ALA D 176 32.53 -21.41 -1.29
CA ALA D 176 31.42 -22.15 -0.67
C ALA D 176 30.21 -21.23 -0.45
N THR D 177 30.43 -19.99 -0.02
CA THR D 177 29.33 -19.05 0.13
C THR D 177 28.68 -18.75 -1.22
N PHE D 178 29.51 -18.51 -2.24
CA PHE D 178 29.00 -18.26 -3.59
C PHE D 178 28.10 -19.40 -4.07
N GLN D 179 28.56 -20.65 -3.94
CA GLN D 179 27.74 -21.78 -4.40
C GLN D 179 26.44 -21.89 -3.62
N SER D 180 26.49 -21.71 -2.30
CA SER D 180 25.27 -21.79 -1.50
C SER D 180 24.33 -20.61 -1.77
N GLU D 181 24.88 -19.41 -1.96
CA GLU D 181 24.02 -18.24 -2.18
C GLU D 181 23.24 -18.40 -3.48
N ARG D 182 23.92 -18.83 -4.54
CA ARG D 182 23.24 -18.97 -5.82
C ARG D 182 22.22 -20.09 -5.80
N GLU D 183 22.55 -21.23 -5.15
CA GLU D 183 21.62 -22.36 -5.16
C GLU D 183 20.35 -22.05 -4.34
N SER D 184 20.42 -21.12 -3.39
CA SER D 184 19.26 -20.82 -2.56
C SER D 184 18.73 -19.40 -2.78
N GLY D 185 19.12 -18.73 -3.84
CA GLY D 185 18.71 -17.34 -4.01
C GLY D 185 17.46 -17.16 -4.85
N ASP D 186 16.39 -17.89 -4.54
CA ASP D 186 15.16 -17.79 -5.33
C ASP D 186 14.63 -16.36 -5.34
N ARG D 187 14.71 -15.66 -4.21
CA ARG D 187 14.20 -14.30 -4.16
C ARG D 187 14.96 -13.41 -5.13
N ASN D 188 16.28 -13.60 -5.23
CA ASN D 188 17.06 -12.79 -6.16
C ASN D 188 16.76 -13.15 -7.60
N PHE D 189 16.46 -14.41 -7.88
CA PHE D 189 16.02 -14.77 -9.23
C PHE D 189 14.65 -14.17 -9.54
N ALA D 190 13.77 -14.10 -8.53
CA ALA D 190 12.48 -13.46 -8.73
C ALA D 190 12.68 -11.99 -9.07
N ILE D 191 13.57 -11.31 -8.35
CA ILE D 191 13.90 -9.94 -8.67
C ILE D 191 14.48 -9.83 -10.08
N GLY D 192 15.42 -10.74 -10.42
CA GLY D 192 16.06 -10.69 -11.72
C GLY D 192 15.06 -10.74 -12.86
N TYR D 193 14.14 -11.71 -12.82
CA TYR D 193 13.13 -11.83 -13.86
C TYR D 193 12.18 -10.64 -13.88
N TYR D 194 11.79 -10.13 -12.70
CA TYR D 194 10.91 -8.97 -12.68
C TYR D 194 11.58 -7.74 -13.28
N LEU D 195 12.88 -7.54 -12.98
CA LEU D 195 13.62 -6.42 -13.55
C LEU D 195 13.77 -6.56 -15.06
N LYS D 196 13.99 -7.78 -15.54
CA LYS D 196 14.05 -8.01 -16.97
C LYS D 196 12.72 -7.68 -17.64
N GLU D 197 11.63 -8.11 -17.02
CA GLU D 197 10.31 -7.90 -17.60
C GLU D 197 9.96 -6.41 -17.66
N LYS D 198 10.35 -5.62 -16.66
CA LYS D 198 10.11 -4.19 -16.64
C LYS D 198 11.22 -3.39 -17.32
N LYS D 199 12.13 -4.06 -18.04
CA LYS D 199 13.16 -3.38 -18.84
C LYS D 199 14.10 -2.51 -18.00
N CYS D 200 14.45 -2.99 -16.80
CA CYS D 200 15.33 -2.20 -15.93
C CYS D 200 16.82 -2.33 -16.26
N PHE D 201 17.22 -3.31 -17.05
CA PHE D 201 18.64 -3.48 -17.34
C PHE D 201 19.03 -2.73 -18.61
N PRO D 202 20.32 -2.39 -18.76
CA PRO D 202 20.78 -1.87 -20.06
C PRO D 202 20.55 -2.90 -21.16
N GLU D 203 20.29 -2.38 -22.36
CA GLU D 203 20.13 -3.22 -23.55
C GLU D 203 21.25 -4.24 -23.65
N GLY D 204 20.88 -5.49 -23.93
CA GLY D 204 21.85 -6.55 -24.12
C GLY D 204 22.30 -7.27 -22.86
N THR D 205 21.67 -7.01 -21.72
CA THR D 205 22.09 -7.66 -20.49
C THR D 205 21.70 -9.14 -20.50
N ASP D 206 22.63 -10.00 -20.09
CA ASP D 206 22.32 -11.40 -19.79
C ASP D 206 21.96 -11.48 -18.31
N MET D 207 20.68 -11.61 -18.01
CA MET D 207 20.21 -11.45 -16.63
C MET D 207 20.79 -12.53 -15.71
N VAL D 208 20.70 -13.79 -16.15
CA VAL D 208 21.22 -14.89 -15.32
C VAL D 208 22.71 -14.69 -15.04
N GLY D 209 23.48 -14.25 -16.04
CA GLY D 209 24.89 -13.96 -15.83
C GLY D 209 25.14 -12.82 -14.87
N ILE D 210 24.22 -11.83 -14.86
CA ILE D 210 24.35 -10.76 -13.89
C ILE D 210 24.13 -11.28 -12.47
N LEU D 211 23.15 -12.18 -12.29
CA LEU D 211 22.92 -12.74 -10.96
C LEU D 211 24.15 -13.51 -10.45
N ASP D 212 24.83 -14.24 -11.34
CA ASP D 212 26.05 -14.95 -10.94
C ASP D 212 27.11 -14.00 -10.44
N PHE D 213 27.36 -12.94 -11.22
CA PHE D 213 28.32 -11.92 -10.83
C PHE D 213 27.90 -11.30 -9.49
N TYR D 214 26.60 -11.07 -9.31
CA TYR D 214 26.09 -10.51 -8.06
C TYR D 214 26.39 -11.43 -6.88
N PHE D 215 26.09 -12.72 -7.02
CA PHE D 215 26.39 -13.69 -5.96
C PHE D 215 27.88 -13.74 -5.66
N GLN D 216 28.73 -13.66 -6.69
CA GLN D 216 30.17 -13.63 -6.48
C GLN D 216 30.60 -12.43 -5.66
N LEU D 217 30.10 -11.23 -6.01
CA LEU D 217 30.48 -10.03 -5.28
C LEU D 217 30.06 -10.11 -3.82
N CYS D 218 28.88 -10.69 -3.54
CA CYS D 218 28.45 -10.87 -2.17
C CYS D 218 29.36 -11.83 -1.41
N SER D 219 30.12 -12.67 -2.12
CA SER D 219 30.97 -13.70 -1.51
C SER D 219 32.42 -13.27 -1.36
N ILE D 220 32.77 -12.01 -1.69
CA ILE D 220 34.10 -11.52 -1.43
C ILE D 220 34.33 -11.41 0.08
N GLU D 221 35.51 -11.85 0.52
CA GLU D 221 35.87 -11.92 1.94
C GLU D 221 36.83 -10.79 2.29
N VAL D 222 36.68 -10.26 3.49
CA VAL D 222 37.59 -9.27 4.05
C VAL D 222 37.84 -9.65 5.50
N THR D 223 38.72 -8.91 6.16
CA THR D 223 38.77 -8.90 7.62
C THR D 223 38.35 -7.51 8.11
N CYS D 224 38.16 -7.40 9.43
CA CYS D 224 37.91 -6.09 10.01
C CYS D 224 39.02 -5.12 9.64
N GLU D 225 40.27 -5.61 9.63
CA GLU D 225 41.41 -4.74 9.38
C GLU D 225 41.42 -4.24 7.94
N SER D 226 41.18 -5.12 6.97
CA SER D 226 41.21 -4.65 5.59
C SER D 226 39.96 -3.83 5.28
N ALA D 227 38.83 -4.16 5.88
CA ALA D 227 37.59 -3.44 5.58
C ALA D 227 37.67 -2.01 6.10
N SER D 228 38.25 -1.83 7.30
CA SER D 228 38.36 -0.48 7.86
C SER D 228 39.16 0.44 6.95
N VAL D 229 40.14 -0.13 6.22
CA VAL D 229 40.88 0.67 5.25
C VAL D 229 39.98 1.07 4.09
N MET D 230 39.13 0.16 3.62
CA MET D 230 38.13 0.51 2.61
C MET D 230 37.25 1.66 3.09
N ALA D 231 36.73 1.55 4.32
CA ALA D 231 35.90 2.63 4.87
C ALA D 231 36.70 3.92 5.00
N ALA D 232 37.98 3.81 5.35
CA ALA D 232 38.82 4.99 5.50
C ALA D 232 39.06 5.67 4.16
N THR D 233 39.07 4.90 3.07
CA THR D 233 39.18 5.52 1.77
C THR D 233 37.95 6.38 1.47
N LEU D 234 36.76 5.90 1.86
CA LEU D 234 35.54 6.69 1.72
C LEU D 234 35.56 7.89 2.64
N ALA D 235 36.13 7.74 3.84
CA ALA D 235 36.22 8.86 4.77
C ALA D 235 37.22 9.92 4.31
N ASN D 236 38.12 9.55 3.39
CA ASN D 236 39.22 10.40 2.96
C ASN D 236 39.03 10.91 1.55
N GLY D 237 37.79 11.17 1.14
CA GLY D 237 37.51 11.73 -0.17
C GLY D 237 37.92 10.88 -1.34
N GLY D 238 38.02 9.57 -1.17
CA GLY D 238 38.41 8.70 -2.26
C GLY D 238 39.88 8.39 -2.35
N PHE D 239 40.68 8.83 -1.39
CA PHE D 239 42.12 8.55 -1.36
C PHE D 239 42.41 7.48 -0.32
N CYS D 240 43.06 6.40 -0.73
CA CYS D 240 43.40 5.35 0.24
C CYS D 240 44.41 5.89 1.25
N PRO D 241 44.09 5.91 2.54
CA PRO D 241 44.96 6.58 3.52
C PRO D 241 46.31 5.90 3.75
N ILE D 242 46.50 4.65 3.35
CA ILE D 242 47.77 3.98 3.60
C ILE D 242 48.60 3.82 2.34
N THR D 243 48.12 4.28 1.19
CA THR D 243 48.91 4.34 -0.04
C THR D 243 48.90 5.73 -0.68
N GLY D 244 48.01 6.63 -0.28
CA GLY D 244 47.84 7.91 -0.94
C GLY D 244 47.26 7.85 -2.34
N GLU D 245 46.96 6.66 -2.85
CA GLU D 245 46.42 6.54 -4.20
C GLU D 245 44.99 7.07 -4.27
N ARG D 246 44.66 7.72 -5.38
CA ARG D 246 43.30 8.10 -5.69
C ARG D 246 42.55 6.88 -6.23
N VAL D 247 41.52 6.44 -5.52
CA VAL D 247 40.77 5.25 -5.87
C VAL D 247 39.39 5.58 -6.44
N LEU D 248 38.71 6.56 -5.85
CA LEU D 248 37.36 6.91 -6.24
C LEU D 248 37.25 8.42 -6.46
N SER D 249 36.46 8.79 -7.48
CA SER D 249 36.18 10.20 -7.71
C SER D 249 35.43 10.83 -6.52
N PRO D 250 35.63 12.14 -6.29
CA PRO D 250 34.84 12.83 -5.25
C PRO D 250 33.34 12.65 -5.41
N GLU D 251 32.86 12.63 -6.66
CA GLU D 251 31.44 12.41 -6.92
C GLU D 251 30.99 11.04 -6.43
N ALA D 252 31.78 10.00 -6.74
CA ALA D 252 31.42 8.66 -6.29
C ALA D 252 31.34 8.60 -4.77
N VAL D 253 32.34 9.17 -4.09
CA VAL D 253 32.36 9.12 -2.64
C VAL D 253 31.14 9.84 -2.06
N ARG D 254 30.90 11.07 -2.52
CA ARG D 254 29.79 11.86 -1.98
C ARG D 254 28.46 11.13 -2.13
N ASN D 255 28.20 10.58 -3.33
CA ASN D 255 26.96 9.85 -3.57
C ASN D 255 26.87 8.64 -2.65
N THR D 256 27.95 7.86 -2.55
CA THR D 256 27.96 6.67 -1.73
C THR D 256 27.67 7.00 -0.27
N LEU D 257 28.30 8.05 0.24
CA LEU D 257 28.08 8.39 1.65
C LEU D 257 26.63 8.82 1.91
N SER D 258 26.01 9.53 0.96
CA SER D 258 24.64 9.99 1.16
C SER D 258 23.66 8.82 1.24
N LEU D 259 23.82 7.85 0.34
CA LEU D 259 22.94 6.69 0.35
C LEU D 259 23.23 5.76 1.53
N MET D 260 24.50 5.65 1.95
CA MET D 260 24.78 4.90 3.18
C MET D 260 24.12 5.56 4.38
N HIS D 261 24.14 6.91 4.41
CA HIS D 261 23.53 7.63 5.53
C HIS D 261 22.04 7.32 5.66
N SER D 262 21.34 7.23 4.53
CA SER D 262 19.90 7.12 4.56
C SER D 262 19.36 5.71 4.32
N CYS D 263 20.13 4.83 3.65
CA CYS D 263 19.60 3.53 3.24
C CYS D 263 20.48 2.35 3.70
N GLY D 264 21.44 2.58 4.59
CA GLY D 264 22.51 1.59 4.77
C GLY D 264 22.29 0.50 5.82
N MET D 265 21.27 0.63 6.67
CA MET D 265 21.05 -0.25 7.81
C MET D 265 19.71 -0.96 7.72
N TYR D 266 19.32 -1.37 6.51
CA TYR D 266 18.05 -2.07 6.30
C TYR D 266 16.89 -1.27 6.89
N ASP D 267 15.92 -1.93 7.52
CA ASP D 267 14.77 -1.20 8.08
C ASP D 267 15.14 -0.35 9.28
N PHE D 268 16.35 -0.45 9.79
CA PHE D 268 16.80 0.39 10.88
C PHE D 268 17.43 1.69 10.38
N SER D 269 17.48 1.90 9.05
CA SER D 269 18.22 3.02 8.49
C SER D 269 17.73 4.37 9.02
N GLY D 270 16.41 4.55 9.10
CA GLY D 270 15.89 5.83 9.58
C GLY D 270 16.26 6.11 11.03
N GLN D 271 16.08 5.11 11.90
CA GLN D 271 16.49 5.29 13.29
C GLN D 271 18.00 5.53 13.38
N PHE D 272 18.78 4.83 12.56
CA PHE D 272 20.23 4.97 12.65
C PHE D 272 20.66 6.37 12.21
N ALA D 273 20.09 6.86 11.11
CA ALA D 273 20.39 8.23 10.69
C ALA D 273 20.05 9.23 11.80
N PHE D 274 18.96 9.00 12.53
CA PHE D 274 18.54 9.98 13.54
C PHE D 274 19.46 9.93 14.76
N HIS D 275 19.70 8.75 15.32
CA HIS D 275 20.46 8.63 16.57
C HIS D 275 21.96 8.59 16.38
N VAL D 276 22.47 8.07 15.27
CA VAL D 276 23.90 7.92 15.05
C VAL D 276 24.42 8.94 14.05
N GLY D 277 23.73 9.09 12.92
CA GLY D 277 24.06 10.15 11.99
C GLY D 277 25.36 9.97 11.25
N LEU D 278 25.81 8.73 11.06
CA LEU D 278 27.00 8.47 10.28
C LEU D 278 26.64 7.59 9.08
N PRO D 279 27.34 7.75 7.96
CA PRO D 279 27.17 6.78 6.86
C PRO D 279 27.68 5.42 7.29
N ALA D 280 26.83 4.40 7.16
CA ALA D 280 27.17 3.04 7.57
C ALA D 280 26.45 2.05 6.68
N LYS D 281 27.01 0.85 6.56
CA LYS D 281 26.38 -0.21 5.78
C LYS D 281 26.54 -1.53 6.53
N SER D 282 25.42 -2.18 6.84
CA SER D 282 25.48 -3.48 7.48
C SER D 282 25.34 -4.62 6.46
N GLY D 283 25.57 -5.84 6.96
CA GLY D 283 25.57 -7.05 6.15
C GLY D 283 25.22 -8.24 7.01
N VAL D 284 24.74 -9.29 6.34
CA VAL D 284 24.19 -10.43 7.09
C VAL D 284 25.27 -11.27 7.76
N ALA D 285 26.54 -11.11 7.37
CA ALA D 285 27.63 -11.76 8.11
C ALA D 285 27.89 -11.11 9.45
N GLY D 286 27.24 -9.98 9.75
CA GLY D 286 27.47 -9.27 10.99
C GLY D 286 28.44 -8.11 10.89
N GLY D 287 28.88 -7.77 9.68
CA GLY D 287 29.73 -6.60 9.52
C GLY D 287 28.92 -5.32 9.51
N ILE D 288 29.55 -4.25 10.01
CA ILE D 288 29.05 -2.88 9.87
C ILE D 288 30.22 -2.02 9.41
N LEU D 289 30.21 -1.63 8.14
CA LEU D 289 31.17 -0.69 7.59
C LEU D 289 30.74 0.72 7.98
N LEU D 290 31.60 1.44 8.72
CA LEU D 290 31.23 2.72 9.32
C LEU D 290 32.22 3.79 8.88
N VAL D 291 31.70 4.94 8.45
CA VAL D 291 32.53 6.04 7.96
C VAL D 291 32.28 7.28 8.80
N VAL D 292 33.36 7.86 9.32
CA VAL D 292 33.32 9.18 9.96
C VAL D 292 34.04 10.13 9.01
N PRO D 293 33.31 10.87 8.18
CA PRO D 293 33.95 11.63 7.09
C PRO D 293 35.07 12.54 7.60
N ASN D 294 36.16 12.59 6.84
CA ASN D 294 37.36 13.38 7.16
C ASN D 294 38.01 12.97 8.48
N VAL D 295 37.59 11.87 9.10
CA VAL D 295 38.22 11.43 10.34
C VAL D 295 38.74 9.99 10.20
N MET D 296 37.85 9.04 9.96
CA MET D 296 38.27 7.65 10.01
C MET D 296 37.25 6.74 9.36
N GLY D 297 37.72 5.56 8.98
CA GLY D 297 36.86 4.44 8.61
C GLY D 297 36.94 3.37 9.67
N MET D 298 35.83 2.64 9.84
CA MET D 298 35.78 1.54 10.79
C MET D 298 35.03 0.37 10.18
N MET D 299 35.38 -0.84 10.65
CA MET D 299 34.61 -2.05 10.42
C MET D 299 34.40 -2.73 11.76
N CYS D 300 33.13 -2.92 12.14
CA CYS D 300 32.74 -3.71 13.30
C CYS D 300 32.18 -5.03 12.80
N TRP D 301 32.41 -6.10 13.54
CA TRP D 301 31.95 -7.39 13.06
C TRP D 301 31.59 -8.28 14.24
N SER D 302 30.35 -8.69 14.27
CA SER D 302 29.90 -9.72 15.20
C SER D 302 28.70 -10.42 14.59
N PRO D 303 28.80 -11.74 14.36
CA PRO D 303 27.78 -12.48 13.56
C PRO D 303 26.36 -12.40 14.09
N PRO D 304 26.09 -12.36 15.40
CA PRO D 304 24.67 -12.39 15.82
C PRO D 304 23.94 -11.11 15.43
N LEU D 305 22.78 -11.27 14.79
CA LEU D 305 22.02 -10.17 14.22
C LEU D 305 20.74 -9.90 15.01
N ASP D 306 20.30 -8.64 15.04
CA ASP D 306 18.97 -8.40 15.58
C ASP D 306 17.92 -8.75 14.52
N LYS D 307 16.67 -8.51 14.86
CA LYS D 307 15.54 -8.84 14.01
C LYS D 307 15.50 -8.02 12.73
N MET D 308 16.17 -6.87 12.70
CA MET D 308 16.27 -6.11 11.45
C MET D 308 17.46 -6.51 10.60
N GLY D 309 18.30 -7.44 11.07
CA GLY D 309 19.41 -7.90 10.28
C GLY D 309 20.72 -7.21 10.55
N ASN D 310 20.80 -6.38 11.59
CA ASN D 310 22.03 -5.67 11.94
C ASN D 310 22.72 -6.33 13.13
N SER D 311 24.06 -6.34 13.10
CA SER D 311 24.85 -6.91 14.19
C SER D 311 24.51 -6.26 15.53
N VAL D 312 24.13 -7.09 16.51
CA VAL D 312 23.74 -6.57 17.83
C VAL D 312 24.87 -5.78 18.48
N LYS D 313 26.07 -6.39 18.56
CA LYS D 313 27.20 -5.70 19.16
C LYS D 313 27.62 -4.48 18.36
N GLY D 314 27.58 -4.59 17.03
CA GLY D 314 27.95 -3.46 16.19
C GLY D 314 27.03 -2.27 16.41
N ILE D 315 25.72 -2.51 16.47
CA ILE D 315 24.76 -1.43 16.70
C ILE D 315 25.03 -0.78 18.05
N HIS D 316 25.19 -1.60 19.09
CA HIS D 316 25.47 -1.06 20.42
C HIS D 316 26.73 -0.21 20.41
N PHE D 317 27.80 -0.72 19.77
CA PHE D 317 29.05 0.01 19.66
C PHE D 317 28.86 1.35 18.92
N CYS D 318 28.13 1.33 17.80
CA CYS D 318 27.93 2.57 17.04
C CYS D 318 27.20 3.62 17.88
N HIS D 319 26.19 3.21 18.65
CA HIS D 319 25.50 4.16 19.51
C HIS D 319 26.44 4.75 20.55
N ASP D 320 27.22 3.89 21.22
CA ASP D 320 28.16 4.36 22.23
C ASP D 320 29.22 5.26 21.63
N LEU D 321 29.66 4.99 20.40
CA LEU D 321 30.74 5.76 19.79
C LEU D 321 30.34 7.22 19.61
N VAL D 322 29.12 7.48 19.17
CA VAL D 322 28.74 8.87 18.91
C VAL D 322 28.33 9.57 20.19
N SER D 323 27.81 8.83 21.17
CA SER D 323 27.48 9.36 22.48
C SER D 323 28.70 9.56 23.36
N LEU D 324 29.91 9.44 22.80
CA LEU D 324 31.16 9.62 23.52
C LEU D 324 32.06 10.64 22.84
N CYS D 325 32.23 10.54 21.53
CA CYS D 325 33.13 11.40 20.80
C CYS D 325 32.42 12.49 20.01
N ASN D 326 31.09 12.55 20.10
CA ASN D 326 30.28 13.56 19.41
C ASN D 326 30.62 13.61 17.92
N PHE D 327 30.55 12.43 17.29
CA PHE D 327 30.78 12.26 15.87
C PHE D 327 29.53 12.41 15.01
N HIS D 328 28.35 12.57 15.63
CA HIS D 328 27.09 12.71 14.90
C HIS D 328 27.22 13.81 13.84
N ASN D 329 26.60 13.56 12.68
CA ASN D 329 26.66 14.49 11.55
C ASN D 329 26.33 15.93 11.97
N TYR D 330 25.36 16.11 12.87
CA TYR D 330 24.88 17.43 13.27
C TYR D 330 25.20 17.73 14.73
N ASP D 331 26.35 17.24 15.21
CA ASP D 331 26.79 17.49 16.58
C ASP D 331 27.56 18.79 16.71
N GLY E 18 -43.08 -21.18 -7.64
CA GLY E 18 -42.18 -22.32 -7.54
C GLY E 18 -41.06 -22.11 -6.53
N SER E 19 -41.07 -22.89 -5.45
CA SER E 19 -40.13 -22.72 -4.36
C SER E 19 -39.42 -24.03 -4.04
N MET E 20 -38.40 -23.91 -3.20
CA MET E 20 -37.52 -24.99 -2.79
C MET E 20 -37.66 -25.25 -1.28
N ILE E 21 -38.88 -25.09 -0.76
CA ILE E 21 -39.14 -25.27 0.67
C ILE E 21 -40.20 -26.35 0.87
N PRO E 22 -40.50 -27.18 -0.17
CA PRO E 22 -41.79 -27.90 -0.23
C PRO E 22 -42.72 -27.80 0.98
N ASP E 23 -42.21 -28.22 2.14
CA ASP E 23 -42.99 -28.33 3.37
C ASP E 23 -42.45 -27.33 4.40
N PHE E 24 -43.21 -26.25 4.63
CA PHE E 24 -42.71 -25.19 5.50
C PHE E 24 -42.52 -25.64 6.95
N MET E 25 -43.36 -26.55 7.44
CA MET E 25 -43.22 -26.97 8.83
C MET E 25 -42.01 -27.88 9.03
N SER E 26 -41.64 -28.67 8.02
CA SER E 26 -40.41 -29.44 8.13
C SER E 26 -39.19 -28.52 8.02
N PHE E 27 -39.31 -27.45 7.24
CA PHE E 27 -38.23 -26.47 7.16
C PHE E 27 -38.00 -25.80 8.51
N THR E 28 -39.08 -25.32 9.15
CA THR E 28 -38.93 -24.68 10.46
C THR E 28 -38.37 -25.66 11.50
N SER E 29 -38.69 -26.95 11.36
CA SER E 29 -38.08 -27.95 12.21
C SER E 29 -36.57 -28.02 12.02
N HIS E 30 -36.09 -27.82 10.78
CA HIS E 30 -34.66 -27.77 10.57
C HIS E 30 -34.05 -26.47 11.07
N ILE E 31 -34.74 -25.34 10.88
CA ILE E 31 -34.28 -24.08 11.44
C ILE E 31 -34.04 -24.22 12.94
N ASP E 32 -35.01 -24.84 13.64
CA ASP E 32 -34.89 -25.03 15.09
C ASP E 32 -33.66 -25.85 15.45
N GLU E 33 -33.38 -26.91 14.70
CA GLU E 33 -32.22 -27.73 15.03
C GLU E 33 -30.93 -26.98 14.79
N LEU E 34 -30.86 -26.19 13.71
CA LEU E 34 -29.69 -25.35 13.48
C LEU E 34 -29.55 -24.28 14.56
N TYR E 35 -30.68 -23.66 14.94
CA TYR E 35 -30.69 -22.76 16.08
C TYR E 35 -30.05 -23.40 17.31
N GLU E 36 -30.47 -24.64 17.63
CA GLU E 36 -29.95 -25.28 18.83
C GLU E 36 -28.46 -25.57 18.70
N SER E 37 -28.03 -26.02 17.52
CA SER E 37 -26.61 -26.28 17.31
C SER E 37 -25.78 -25.01 17.47
N ALA E 38 -26.23 -23.91 16.85
CA ALA E 38 -25.53 -22.64 17.00
C ALA E 38 -25.47 -22.19 18.46
N LYS E 39 -26.49 -22.55 19.25
CA LYS E 39 -26.60 -22.06 20.63
C LYS E 39 -25.41 -22.47 21.47
N LYS E 40 -24.78 -23.61 21.14
CA LYS E 40 -23.63 -24.11 21.85
C LYS E 40 -22.34 -23.34 21.56
N GLN E 41 -22.32 -22.51 20.51
CA GLN E 41 -21.13 -21.71 20.15
C GLN E 41 -21.06 -20.50 21.08
N SER E 42 -20.24 -20.60 22.12
CA SER E 42 -20.20 -19.58 23.16
C SER E 42 -19.08 -18.56 22.96
N GLY E 43 -18.25 -18.70 21.93
CA GLY E 43 -17.14 -17.79 21.72
C GLY E 43 -17.59 -16.37 21.36
N GLY E 44 -16.61 -15.50 21.24
CA GLY E 44 -16.85 -14.15 20.78
C GLY E 44 -16.94 -13.15 21.92
N LYS E 45 -16.92 -11.88 21.54
CA LYS E 45 -16.93 -10.79 22.50
C LYS E 45 -18.04 -9.82 22.15
N VAL E 46 -18.86 -9.48 23.17
CA VAL E 46 -19.88 -8.45 22.99
C VAL E 46 -19.18 -7.12 22.80
N ALA E 47 -19.63 -6.34 21.82
CA ALA E 47 -19.04 -5.03 21.58
C ALA E 47 -19.20 -4.15 22.81
N ASP E 48 -18.14 -3.41 23.15
CA ASP E 48 -18.21 -2.60 24.37
C ASP E 48 -17.62 -1.22 24.20
N TYR E 49 -17.57 -0.66 22.97
CA TYR E 49 -17.01 0.67 22.86
C TYR E 49 -17.98 1.75 23.33
N ILE E 50 -19.29 1.46 23.36
CA ILE E 50 -20.22 2.30 24.11
C ILE E 50 -20.99 1.45 25.12
N PRO E 51 -21.46 2.03 26.23
CA PRO E 51 -22.20 1.23 27.23
C PRO E 51 -23.47 0.60 26.70
N GLN E 52 -24.16 1.26 25.76
CA GLN E 52 -25.40 0.71 25.24
C GLN E 52 -25.21 -0.60 24.51
N LEU E 53 -23.99 -0.90 24.04
CA LEU E 53 -23.72 -2.23 23.50
C LEU E 53 -23.13 -3.17 24.55
N ALA E 54 -22.24 -2.65 25.38
CA ALA E 54 -21.63 -3.49 26.41
C ALA E 54 -22.67 -4.10 27.35
N LYS E 55 -23.87 -3.50 27.43
CA LYS E 55 -24.93 -3.97 28.31
C LYS E 55 -25.42 -5.37 27.94
N PHE E 56 -25.34 -5.72 26.66
CA PHE E 56 -26.15 -6.83 26.17
C PHE E 56 -25.57 -8.15 26.66
N SER E 57 -26.47 -9.09 27.01
CA SER E 57 -26.06 -10.42 27.44
C SER E 57 -25.44 -11.21 26.29
N PRO E 58 -24.34 -11.93 26.52
CA PRO E 58 -23.79 -12.80 25.47
C PRO E 58 -24.70 -13.97 25.12
N ASP E 59 -25.71 -14.27 25.95
CA ASP E 59 -26.53 -15.45 25.71
C ASP E 59 -27.79 -15.16 24.90
N LEU E 60 -28.09 -13.91 24.62
CA LEU E 60 -29.20 -13.60 23.72
C LEU E 60 -28.92 -14.19 22.33
N TRP E 61 -29.93 -14.86 21.75
CA TRP E 61 -29.75 -15.56 20.47
C TRP E 61 -31.13 -15.75 19.87
N GLY E 62 -31.39 -15.10 18.73
CA GLY E 62 -32.67 -15.20 18.07
C GLY E 62 -32.57 -15.36 16.56
N VAL E 63 -33.46 -16.16 15.95
CA VAL E 63 -33.54 -16.33 14.51
C VAL E 63 -35.00 -16.15 14.10
N SER E 64 -35.25 -15.26 13.16
CA SER E 64 -36.57 -15.11 12.58
C SER E 64 -36.49 -15.28 11.07
N VAL E 65 -37.50 -15.95 10.54
CA VAL E 65 -37.64 -16.21 9.11
C VAL E 65 -38.96 -15.62 8.64
N CYS E 66 -38.94 -14.99 7.48
CA CYS E 66 -40.16 -14.56 6.79
C CYS E 66 -39.99 -14.90 5.32
N THR E 67 -40.80 -15.85 4.83
CA THR E 67 -40.72 -16.27 3.44
C THR E 67 -41.33 -15.21 2.52
N VAL E 68 -41.14 -15.42 1.21
CA VAL E 68 -41.63 -14.44 0.24
C VAL E 68 -43.14 -14.46 0.13
N ASP E 69 -43.81 -15.54 0.55
CA ASP E 69 -45.26 -15.57 0.59
C ASP E 69 -45.82 -15.27 1.98
N GLY E 70 -44.98 -14.90 2.93
CA GLY E 70 -45.46 -14.35 4.18
C GLY E 70 -45.50 -15.30 5.35
N GLN E 71 -44.97 -16.51 5.22
CA GLN E 71 -44.94 -17.42 6.33
C GLN E 71 -43.82 -17.03 7.30
N ARG E 72 -44.09 -17.17 8.60
CA ARG E 72 -43.21 -16.67 9.65
C ARG E 72 -42.75 -17.82 10.53
N HIS E 73 -41.57 -17.65 11.12
CA HIS E 73 -41.10 -18.56 12.15
C HIS E 73 -39.99 -17.88 12.93
N SER E 74 -40.06 -17.97 14.25
CA SER E 74 -39.05 -17.41 15.13
C SER E 74 -38.65 -18.44 16.16
N THR E 75 -37.41 -18.34 16.62
CA THR E 75 -36.91 -19.16 17.72
C THR E 75 -35.93 -18.33 18.52
N GLY E 76 -36.02 -18.43 19.85
CA GLY E 76 -35.14 -17.67 20.72
C GLY E 76 -35.62 -16.25 20.98
N ASP E 77 -34.65 -15.34 21.16
CA ASP E 77 -34.92 -14.00 21.66
C ASP E 77 -35.26 -13.03 20.51
N THR E 78 -36.42 -13.26 19.90
CA THR E 78 -36.75 -12.60 18.65
C THR E 78 -37.61 -11.35 18.84
N LYS E 79 -37.90 -10.97 20.08
CA LYS E 79 -38.69 -9.77 20.38
C LYS E 79 -37.93 -8.77 21.24
N VAL E 80 -36.63 -8.97 21.42
CA VAL E 80 -35.79 -8.04 22.17
C VAL E 80 -35.24 -7.01 21.20
N PRO E 81 -35.57 -5.73 21.35
CA PRO E 81 -35.07 -4.72 20.41
C PRO E 81 -33.57 -4.56 20.49
N PHE E 82 -32.97 -4.24 19.34
CA PHE E 82 -31.54 -3.95 19.26
C PHE E 82 -31.30 -3.02 18.06
N CYS E 83 -30.15 -2.33 18.08
CA CYS E 83 -29.86 -1.33 17.07
C CYS E 83 -29.38 -1.98 15.78
N LEU E 84 -29.89 -1.45 14.66
CA LEU E 84 -29.46 -1.92 13.35
C LEU E 84 -27.95 -1.78 13.17
N GLN E 85 -27.40 -0.62 13.54
CA GLN E 85 -25.98 -0.31 13.31
C GLN E 85 -25.71 -0.51 11.81
N SER E 86 -24.66 -1.24 11.41
CA SER E 86 -24.32 -1.35 9.99
C SER E 86 -25.39 -2.06 9.17
N CYS E 87 -26.26 -2.82 9.84
CA CYS E 87 -27.38 -3.46 9.16
C CYS E 87 -28.25 -2.44 8.45
N VAL E 88 -28.22 -1.18 8.88
CA VAL E 88 -29.02 -0.18 8.19
C VAL E 88 -28.38 0.25 6.87
N LYS E 89 -27.10 -0.03 6.64
CA LYS E 89 -26.42 0.51 5.45
C LYS E 89 -27.05 0.02 4.15
N PRO E 90 -27.33 -1.27 3.96
CA PRO E 90 -28.02 -1.67 2.71
C PRO E 90 -29.38 -1.02 2.55
N LEU E 91 -30.09 -0.76 3.66
CA LEU E 91 -31.43 -0.21 3.57
C LEU E 91 -31.40 1.25 3.13
N LYS E 92 -30.50 2.07 3.69
CA LYS E 92 -30.49 3.45 3.22
C LYS E 92 -29.89 3.56 1.82
N TYR E 93 -29.00 2.65 1.43
CA TYR E 93 -28.54 2.63 0.03
C TYR E 93 -29.70 2.30 -0.90
N ALA E 94 -30.55 1.34 -0.51
CA ALA E 94 -31.73 1.00 -1.30
C ALA E 94 -32.65 2.21 -1.46
N ILE E 95 -32.89 2.94 -0.38
CA ILE E 95 -33.72 4.15 -0.47
C ILE E 95 -33.11 5.14 -1.45
N ALA E 96 -31.79 5.34 -1.35
CA ALA E 96 -31.14 6.30 -2.23
C ALA E 96 -31.28 5.90 -3.70
N VAL E 97 -31.01 4.63 -4.03
CA VAL E 97 -31.12 4.17 -5.42
C VAL E 97 -32.57 4.25 -5.87
N ASN E 98 -33.51 3.88 -4.98
CA ASN E 98 -34.93 3.94 -5.28
C ASN E 98 -35.36 5.34 -5.68
N ASP E 99 -34.91 6.37 -4.95
CA ASP E 99 -35.34 7.72 -5.22
C ASP E 99 -34.52 8.40 -6.32
N LEU E 100 -33.27 7.98 -6.54
CA LEU E 100 -32.35 8.77 -7.34
C LEU E 100 -31.73 8.03 -8.52
N GLY E 101 -31.81 6.71 -8.57
CA GLY E 101 -31.24 5.92 -9.66
C GLY E 101 -29.81 5.51 -9.42
N THR E 102 -29.44 4.36 -10.01
CA THR E 102 -28.09 3.82 -9.89
C THR E 102 -27.02 4.85 -10.26
N GLU E 103 -27.21 5.53 -11.40
CA GLU E 103 -26.14 6.33 -11.97
C GLU E 103 -25.80 7.51 -11.07
N TYR E 104 -26.81 8.24 -10.61
CA TYR E 104 -26.57 9.37 -9.72
C TYR E 104 -25.89 8.92 -8.43
N VAL E 105 -26.41 7.84 -7.81
CA VAL E 105 -25.83 7.42 -6.53
C VAL E 105 -24.36 7.08 -6.70
N HIS E 106 -24.01 6.39 -7.79
CA HIS E 106 -22.63 5.94 -7.92
C HIS E 106 -21.73 6.99 -8.56
N ARG E 107 -22.22 8.22 -8.76
CA ARG E 107 -21.31 9.36 -8.89
C ARG E 107 -20.56 9.63 -7.59
N TYR E 108 -21.14 9.23 -6.46
CA TYR E 108 -20.61 9.58 -5.16
C TYR E 108 -19.97 8.42 -4.43
N VAL E 109 -20.25 7.18 -4.82
CA VAL E 109 -19.79 6.03 -4.06
C VAL E 109 -19.47 4.89 -5.02
N GLY E 110 -18.45 4.11 -4.68
CA GLY E 110 -18.03 2.99 -5.49
C GLY E 110 -18.97 1.82 -5.41
N LYS E 111 -18.54 0.72 -6.04
CA LYS E 111 -19.40 -0.44 -6.30
C LYS E 111 -18.73 -1.75 -5.95
N GLU E 112 -17.63 -1.76 -5.20
CA GLU E 112 -16.96 -3.04 -5.04
C GLU E 112 -16.19 -3.09 -3.75
N PRO E 113 -15.79 -4.30 -3.31
CA PRO E 113 -14.98 -4.44 -2.10
C PRO E 113 -13.67 -3.67 -2.17
N SER E 114 -13.24 -3.19 -1.00
CA SER E 114 -11.97 -2.50 -0.87
C SER E 114 -10.78 -3.45 -1.05
N GLY E 115 -10.84 -4.62 -0.44
CA GLY E 115 -9.69 -5.51 -0.38
C GLY E 115 -8.73 -5.17 0.74
N ASN E 119 -9.88 -2.59 5.40
CA ASN E 119 -9.89 -1.29 4.73
C ASN E 119 -9.63 -0.13 5.70
N LYS E 120 -8.40 0.39 5.69
CA LYS E 120 -8.10 1.55 6.52
C LYS E 120 -8.20 2.86 5.76
N LEU E 121 -8.22 2.83 4.43
CA LEU E 121 -8.30 4.04 3.62
C LEU E 121 -9.75 4.51 3.50
N PHE E 122 -9.95 5.83 3.52
CA PHE E 122 -11.30 6.37 3.40
C PHE E 122 -11.82 6.37 1.97
N LEU E 123 -10.93 6.47 0.96
CA LEU E 123 -11.35 6.66 -0.42
C LEU E 123 -10.58 5.74 -1.36
N ASN E 124 -11.25 5.33 -2.43
CA ASN E 124 -10.54 4.61 -3.48
C ASN E 124 -9.75 5.59 -4.35
N GLU E 125 -9.08 5.04 -5.37
CA GLU E 125 -8.26 5.81 -6.29
C GLU E 125 -9.05 6.88 -7.04
N ASP E 126 -10.37 6.71 -7.23
CA ASP E 126 -11.20 7.74 -7.82
C ASP E 126 -11.67 8.79 -6.82
N ASP E 127 -11.10 8.82 -5.61
CA ASP E 127 -11.56 9.73 -4.55
C ASP E 127 -13.04 9.54 -4.21
N LYS E 128 -13.54 8.30 -4.32
CA LYS E 128 -14.88 7.98 -3.86
C LYS E 128 -14.77 6.87 -2.81
N PRO E 129 -15.68 6.85 -1.82
CA PRO E 129 -15.67 5.74 -0.86
C PRO E 129 -15.90 4.43 -1.62
N HIS E 130 -15.28 3.35 -1.11
CA HIS E 130 -15.17 2.13 -1.91
C HIS E 130 -16.54 1.57 -2.28
N ASN E 131 -17.52 1.69 -1.39
CA ASN E 131 -18.83 1.08 -1.58
C ASN E 131 -19.76 1.52 -0.44
N PRO E 132 -21.07 1.34 -0.58
CA PRO E 132 -22.00 1.85 0.46
C PRO E 132 -21.97 1.05 1.77
N MET E 133 -21.27 -0.08 1.84
CA MET E 133 -21.27 -0.89 3.05
C MET E 133 -20.16 -0.53 4.04
N VAL E 134 -19.23 0.35 3.68
CA VAL E 134 -18.22 0.81 4.63
C VAL E 134 -18.64 2.19 5.13
N ASN E 135 -18.07 2.60 6.27
CA ASN E 135 -18.54 3.81 6.94
C ASN E 135 -18.51 5.03 6.02
N ALA E 136 -17.39 5.22 5.29
CA ALA E 136 -17.29 6.41 4.43
C ALA E 136 -18.35 6.40 3.35
N GLY E 137 -18.67 5.22 2.81
CA GLY E 137 -19.72 5.15 1.81
C GLY E 137 -21.10 5.39 2.38
N ALA E 138 -21.37 4.84 3.57
CA ALA E 138 -22.68 5.04 4.18
C ALA E 138 -22.90 6.51 4.51
N ILE E 139 -21.83 7.20 4.93
CA ILE E 139 -21.92 8.62 5.20
C ILE E 139 -22.28 9.40 3.93
N VAL E 140 -21.60 9.09 2.81
CA VAL E 140 -21.93 9.80 1.57
C VAL E 140 -23.36 9.45 1.12
N VAL E 141 -23.73 8.17 1.22
CA VAL E 141 -25.10 7.78 0.87
C VAL E 141 -26.11 8.57 1.70
N THR E 142 -25.83 8.72 3.01
CA THR E 142 -26.71 9.48 3.88
C THR E 142 -26.91 10.91 3.38
N SER E 143 -25.84 11.54 2.88
CA SER E 143 -25.95 12.89 2.32
C SER E 143 -26.79 12.95 1.05
N LEU E 144 -27.14 11.82 0.45
CA LEU E 144 -27.89 11.89 -0.79
C LEU E 144 -29.40 11.83 -0.59
N ILE E 145 -29.86 11.42 0.59
CA ILE E 145 -31.28 11.12 0.78
C ILE E 145 -32.04 12.40 1.11
N LYS E 146 -33.14 12.63 0.40
CA LYS E 146 -34.10 13.70 0.72
C LYS E 146 -33.39 15.03 0.96
N GLN E 147 -32.55 15.41 0.01
CA GLN E 147 -31.75 16.62 0.16
C GLN E 147 -32.64 17.86 0.20
N GLY E 148 -32.16 18.88 0.89
CA GLY E 148 -32.93 20.11 0.99
C GLY E 148 -33.76 20.26 2.26
N VAL E 149 -34.40 19.20 2.74
CA VAL E 149 -35.24 19.30 3.93
C VAL E 149 -34.34 19.15 5.16
N ASN E 150 -34.87 19.50 6.34
CA ASN E 150 -34.07 19.45 7.54
C ASN E 150 -33.95 18.01 8.06
N ASN E 151 -33.11 17.86 9.09
CA ASN E 151 -32.78 16.52 9.57
C ASN E 151 -33.99 15.82 10.15
N ALA E 152 -34.85 16.56 10.87
CA ALA E 152 -36.04 15.92 11.44
C ALA E 152 -36.90 15.28 10.35
N GLU E 153 -37.07 15.99 9.23
CA GLU E 153 -37.87 15.40 8.15
C GLU E 153 -37.10 14.32 7.38
N LYS E 154 -35.78 14.48 7.21
CA LYS E 154 -34.99 13.39 6.64
C LYS E 154 -35.20 12.10 7.42
N PHE E 155 -35.13 12.19 8.75
CA PHE E 155 -35.29 11.01 9.59
C PHE E 155 -36.70 10.43 9.48
N ASP E 156 -37.73 11.29 9.54
CA ASP E 156 -39.10 10.80 9.39
C ASP E 156 -39.32 10.12 8.05
N TYR E 157 -38.73 10.68 6.99
CA TYR E 157 -38.84 10.08 5.67
C TYR E 157 -38.27 8.66 5.67
N VAL E 158 -37.09 8.47 6.28
CA VAL E 158 -36.51 7.13 6.29
C VAL E 158 -37.28 6.20 7.20
N MET E 159 -37.81 6.73 8.32
CA MET E 159 -38.57 5.89 9.24
C MET E 159 -39.82 5.32 8.56
N GLN E 160 -40.52 6.16 7.79
CA GLN E 160 -41.70 5.67 7.09
C GLN E 160 -41.32 4.62 6.06
N PHE E 161 -40.17 4.80 5.42
CA PHE E 161 -39.68 3.79 4.50
C PHE E 161 -39.38 2.48 5.21
N LEU E 162 -38.66 2.53 6.34
CA LEU E 162 -38.39 1.28 7.07
C LEU E 162 -39.67 0.65 7.61
N ASN E 163 -40.66 1.47 7.97
CA ASN E 163 -41.96 0.94 8.37
C ASN E 163 -42.57 0.11 7.24
N LYS E 164 -42.55 0.64 6.01
CA LYS E 164 -43.06 -0.11 4.86
C LYS E 164 -42.27 -1.39 4.64
N MET E 165 -40.95 -1.34 4.80
CA MET E 165 -40.14 -2.54 4.59
C MET E 165 -40.49 -3.62 5.60
N ALA E 166 -40.74 -3.22 6.84
CA ALA E 166 -41.07 -4.16 7.91
C ALA E 166 -42.55 -4.47 8.01
N GLY E 167 -43.35 -4.04 7.03
CA GLY E 167 -44.80 -4.24 7.12
C GLY E 167 -45.38 -3.74 8.42
N ASN E 168 -44.89 -2.60 8.91
CA ASN E 168 -45.38 -1.91 10.11
C ASN E 168 -45.09 -2.66 11.40
N GLU E 169 -44.19 -3.63 11.38
CA GLU E 169 -43.74 -4.24 12.62
C GLU E 169 -42.69 -3.33 13.27
N TYR E 170 -42.10 -3.79 14.38
CA TYR E 170 -41.28 -2.99 15.29
C TYR E 170 -40.16 -2.22 14.61
N VAL E 171 -40.24 -0.90 14.61
CA VAL E 171 -39.12 -0.03 14.25
C VAL E 171 -39.06 1.06 15.32
N GLY E 172 -38.02 1.03 16.14
CA GLY E 172 -37.86 2.05 17.15
C GLY E 172 -36.60 2.88 16.98
N PHE E 173 -36.22 3.56 18.07
CA PHE E 173 -35.07 4.45 18.08
C PHE E 173 -34.48 4.44 19.47
N SER E 174 -33.15 4.25 19.54
CA SER E 174 -32.41 4.27 20.80
C SER E 174 -31.70 5.63 20.92
N ASN E 175 -32.30 6.51 21.73
CA ASN E 175 -31.69 7.83 21.92
C ASN E 175 -30.36 7.71 22.68
N ALA E 176 -30.24 6.75 23.60
CA ALA E 176 -28.99 6.59 24.33
C ALA E 176 -27.85 6.12 23.41
N THR E 177 -28.13 5.20 22.49
CA THR E 177 -27.11 4.79 21.52
C THR E 177 -26.71 5.96 20.64
N PHE E 178 -27.69 6.73 20.17
CA PHE E 178 -27.42 7.91 19.35
C PHE E 178 -26.48 8.89 20.06
N GLN E 179 -26.78 9.22 21.32
CA GLN E 179 -25.94 10.15 22.07
C GLN E 179 -24.53 9.61 22.25
N SER E 180 -24.41 8.34 22.63
CA SER E 180 -23.08 7.77 22.85
C SER E 180 -22.32 7.62 21.53
N GLU E 181 -23.01 7.26 20.45
CA GLU E 181 -22.33 7.06 19.17
C GLU E 181 -21.73 8.38 18.69
N ARG E 182 -22.54 9.44 18.69
CA ARG E 182 -22.05 10.74 18.25
C ARG E 182 -20.89 11.23 19.11
N GLU E 183 -21.04 11.14 20.43
CA GLU E 183 -20.02 11.67 21.32
C GLU E 183 -18.69 10.92 21.26
N SER E 184 -18.68 9.64 20.86
CA SER E 184 -17.44 8.89 20.74
C SER E 184 -17.03 8.64 19.28
N GLY E 185 -17.66 9.29 18.32
CA GLY E 185 -17.45 8.95 16.93
C GLY E 185 -16.34 9.71 16.22
N ASP E 186 -15.15 9.79 16.83
CA ASP E 186 -14.05 10.56 16.24
C ASP E 186 -13.68 10.04 14.86
N ARG E 187 -13.68 8.72 14.67
CA ARG E 187 -13.30 8.20 13.37
C ARG E 187 -14.28 8.65 12.30
N ASN E 188 -15.57 8.70 12.65
CA ASN E 188 -16.58 9.15 11.69
C ASN E 188 -16.46 10.63 11.41
N PHE E 189 -16.05 11.43 12.40
CA PHE E 189 -15.78 12.84 12.13
C PHE E 189 -14.52 13.00 11.28
N ALA E 190 -13.51 12.14 11.47
CA ALA E 190 -12.33 12.20 10.62
C ALA E 190 -12.71 11.91 9.18
N ILE E 191 -13.54 10.88 8.97
CA ILE E 191 -14.06 10.59 7.64
C ILE E 191 -14.84 11.78 7.09
N GLY E 192 -15.71 12.36 7.93
CA GLY E 192 -16.54 13.47 7.48
C GLY E 192 -15.71 14.62 6.94
N TYR E 193 -14.69 15.04 7.70
CA TYR E 193 -13.86 16.16 7.25
C TYR E 193 -13.02 15.78 6.02
N TYR E 194 -12.52 14.55 5.95
CA TYR E 194 -11.77 14.13 4.77
C TYR E 194 -12.64 14.14 3.52
N LEU E 195 -13.87 13.65 3.62
CA LEU E 195 -14.78 13.66 2.48
C LEU E 195 -15.12 15.09 2.05
N LYS E 196 -15.26 15.99 3.03
CA LYS E 196 -15.49 17.39 2.71
C LYS E 196 -14.28 17.98 1.99
N GLU E 197 -13.08 17.70 2.50
CA GLU E 197 -11.84 18.12 1.86
C GLU E 197 -11.78 17.68 0.39
N LYS E 198 -12.11 16.42 0.12
CA LYS E 198 -12.01 15.85 -1.23
C LYS E 198 -13.27 16.06 -2.06
N LYS E 199 -14.19 16.92 -1.61
CA LYS E 199 -15.38 17.28 -2.37
C LYS E 199 -16.25 16.07 -2.72
N CYS E 200 -16.43 15.16 -1.76
CA CYS E 200 -17.21 13.96 -1.99
C CYS E 200 -18.72 14.16 -1.80
N PHE E 201 -19.15 15.24 -1.15
CA PHE E 201 -20.57 15.45 -0.93
C PHE E 201 -21.19 16.30 -2.04
N PRO E 202 -22.49 16.15 -2.29
CA PRO E 202 -23.18 17.11 -3.17
C PRO E 202 -23.01 18.52 -2.65
N GLU E 203 -22.90 19.49 -3.57
CA GLU E 203 -22.74 20.88 -3.15
C GLU E 203 -23.87 21.30 -2.23
N GLY E 204 -23.54 22.14 -1.25
CA GLY E 204 -24.52 22.57 -0.27
C GLY E 204 -24.71 21.65 0.92
N THR E 205 -23.87 20.64 1.09
CA THR E 205 -24.01 19.70 2.20
C THR E 205 -23.48 20.34 3.49
N ASP E 206 -24.25 20.23 4.57
CA ASP E 206 -23.78 20.53 5.92
C ASP E 206 -23.21 19.23 6.50
N MET E 207 -21.88 19.11 6.52
CA MET E 207 -21.26 17.82 6.84
C MET E 207 -21.59 17.38 8.27
N VAL E 208 -21.47 18.29 9.23
CA VAL E 208 -21.78 17.93 10.62
C VAL E 208 -23.23 17.50 10.75
N GLY E 209 -24.15 18.15 10.02
CA GLY E 209 -25.54 17.74 10.04
C GLY E 209 -25.75 16.36 9.46
N ILE E 210 -24.97 16.03 8.41
CA ILE E 210 -25.04 14.69 7.83
C ILE E 210 -24.57 13.65 8.84
N LEU E 211 -23.49 13.93 9.57
CA LEU E 211 -23.01 12.97 10.56
C LEU E 211 -24.06 12.72 11.64
N ASP E 212 -24.77 13.77 12.06
CA ASP E 212 -25.86 13.62 13.01
C ASP E 212 -26.92 12.67 12.48
N PHE E 213 -27.35 12.88 11.24
CA PHE E 213 -28.34 12.03 10.61
C PHE E 213 -27.84 10.59 10.53
N TYR E 214 -26.55 10.44 10.22
CA TYR E 214 -25.92 9.11 10.14
C TYR E 214 -25.96 8.38 11.48
N PHE E 215 -25.54 9.07 12.54
CA PHE E 215 -25.62 8.47 13.89
C PHE E 215 -27.05 8.08 14.25
N GLN E 216 -28.01 8.91 13.88
CA GLN E 216 -29.42 8.58 14.14
C GLN E 216 -29.83 7.30 13.45
N LEU E 217 -29.50 7.16 12.14
CA LEU E 217 -29.91 5.99 11.38
C LEU E 217 -29.29 4.73 11.96
N CYS E 218 -28.03 4.82 12.39
CA CYS E 218 -27.39 3.69 13.05
C CYS E 218 -28.10 3.31 14.34
N SER E 219 -28.82 4.24 14.96
CA SER E 219 -29.45 4.01 16.27
C SER E 219 -30.90 3.56 16.17
N ILE E 220 -31.40 3.28 14.96
CA ILE E 220 -32.72 2.72 14.78
C ILE E 220 -32.77 1.28 15.29
N GLU E 221 -33.84 0.97 16.02
CA GLU E 221 -33.99 -0.32 16.68
C GLU E 221 -35.00 -1.18 15.94
N VAL E 222 -34.72 -2.49 15.90
CA VAL E 222 -35.62 -3.49 15.35
C VAL E 222 -35.61 -4.67 16.30
N THR E 223 -36.45 -5.65 16.02
CA THR E 223 -36.31 -7.00 16.56
C THR E 223 -35.96 -7.96 15.43
N CYS E 224 -35.58 -9.18 15.79
CA CYS E 224 -35.38 -10.21 14.78
C CYS E 224 -36.61 -10.36 13.91
N GLU E 225 -37.80 -10.24 14.52
CA GLU E 225 -39.05 -10.46 13.79
C GLU E 225 -39.30 -9.36 12.78
N SER E 226 -39.18 -8.11 13.21
CA SER E 226 -39.43 -7.05 12.24
C SER E 226 -38.32 -6.98 11.20
N ALA E 227 -37.09 -7.31 11.59
CA ALA E 227 -35.99 -7.22 10.65
C ALA E 227 -36.11 -8.29 9.56
N SER E 228 -36.57 -9.49 9.93
CA SER E 228 -36.72 -10.56 8.95
C SER E 228 -37.70 -10.17 7.86
N VAL E 229 -38.71 -9.36 8.20
CA VAL E 229 -39.65 -8.87 7.21
C VAL E 229 -38.97 -7.90 6.26
N MET E 230 -38.13 -7.01 6.80
CA MET E 230 -37.32 -6.14 5.94
C MET E 230 -36.49 -6.96 4.95
N ALA E 231 -35.79 -7.99 5.45
CA ALA E 231 -35.00 -8.83 4.58
C ALA E 231 -35.88 -9.54 3.55
N ALA E 232 -37.07 -9.95 3.96
CA ALA E 232 -37.98 -10.64 3.06
C ALA E 232 -38.49 -9.71 1.97
N THR E 233 -38.61 -8.41 2.26
CA THR E 233 -38.95 -7.47 1.21
C THR E 233 -37.85 -7.44 0.15
N LEU E 234 -36.58 -7.51 0.58
CA LEU E 234 -35.48 -7.59 -0.38
C LEU E 234 -35.48 -8.93 -1.10
N ALA E 235 -35.87 -10.00 -0.41
CA ALA E 235 -35.94 -11.30 -1.07
C ALA E 235 -37.08 -11.35 -2.08
N ASN E 236 -38.07 -10.47 -1.96
CA ASN E 236 -39.29 -10.52 -2.75
C ASN E 236 -39.35 -9.42 -3.80
N GLY E 237 -38.19 -9.04 -4.35
CA GLY E 237 -38.15 -8.06 -5.42
C GLY E 237 -38.66 -6.68 -5.06
N GLY E 238 -38.60 -6.31 -3.78
CA GLY E 238 -39.06 -5.00 -3.37
C GLY E 238 -40.50 -4.93 -2.89
N PHE E 239 -41.20 -6.06 -2.83
CA PHE E 239 -42.57 -6.12 -2.35
C PHE E 239 -42.59 -6.68 -0.93
N CYS E 240 -43.20 -5.93 -0.01
CA CYS E 240 -43.32 -6.43 1.36
C CYS E 240 -44.22 -7.65 1.39
N PRO E 241 -43.74 -8.81 1.82
CA PRO E 241 -44.52 -10.05 1.69
C PRO E 241 -45.71 -10.16 2.64
N ILE E 242 -45.86 -9.28 3.62
CA ILE E 242 -47.00 -9.36 4.54
C ILE E 242 -47.99 -8.25 4.32
N THR E 243 -47.73 -7.32 3.40
CA THR E 243 -48.69 -6.31 3.00
C THR E 243 -48.93 -6.26 1.50
N GLY E 244 -48.08 -6.91 0.70
CA GLY E 244 -48.14 -6.79 -0.75
C GLY E 244 -47.73 -5.46 -1.32
N GLU E 245 -47.37 -4.49 -0.48
CA GLU E 245 -47.02 -3.16 -0.98
C GLU E 245 -45.66 -3.18 -1.68
N ARG E 246 -45.57 -2.40 -2.76
CA ARG E 246 -44.29 -2.15 -3.41
C ARG E 246 -43.52 -1.10 -2.61
N VAL E 247 -42.33 -1.46 -2.13
CA VAL E 247 -41.54 -0.57 -1.28
C VAL E 247 -40.30 -0.05 -2.01
N LEU E 248 -39.61 -0.92 -2.73
CA LEU E 248 -38.37 -0.56 -3.39
C LEU E 248 -38.44 -0.93 -4.87
N SER E 249 -37.85 -0.09 -5.71
CA SER E 249 -37.75 -0.40 -7.14
C SER E 249 -36.93 -1.68 -7.36
N PRO E 250 -37.24 -2.43 -8.42
CA PRO E 250 -36.40 -3.60 -8.77
C PRO E 250 -34.92 -3.26 -8.89
N GLU E 251 -34.60 -2.08 -9.39
CA GLU E 251 -33.20 -1.64 -9.50
C GLU E 251 -32.56 -1.48 -8.13
N ALA E 252 -33.26 -0.84 -7.20
CA ALA E 252 -32.75 -0.69 -5.84
C ALA E 252 -32.44 -2.04 -5.23
N VAL E 253 -33.37 -3.00 -5.34
CA VAL E 253 -33.17 -4.31 -4.73
C VAL E 253 -31.97 -5.00 -5.34
N ARG E 254 -31.91 -5.07 -6.67
CA ARG E 254 -30.82 -5.77 -7.34
C ARG E 254 -29.45 -5.20 -6.92
N ASN E 255 -29.32 -3.87 -6.94
CA ASN E 255 -28.07 -3.23 -6.56
C ASN E 255 -27.72 -3.56 -5.10
N THR E 256 -28.70 -3.45 -4.20
CA THR E 256 -28.46 -3.70 -2.78
C THR E 256 -28.00 -5.13 -2.56
N LEU E 257 -28.68 -6.08 -3.18
CA LEU E 257 -28.28 -7.49 -2.99
C LEU E 257 -26.87 -7.76 -3.52
N SER E 258 -26.49 -7.11 -4.63
CA SER E 258 -25.15 -7.36 -5.18
C SER E 258 -24.07 -6.90 -4.20
N LEU E 259 -24.25 -5.70 -3.64
CA LEU E 259 -23.24 -5.17 -2.72
C LEU E 259 -23.27 -5.89 -1.38
N MET E 260 -24.45 -6.37 -0.94
CA MET E 260 -24.48 -7.20 0.26
C MET E 260 -23.75 -8.51 0.02
N HIS E 261 -23.89 -9.07 -1.20
CA HIS E 261 -23.17 -10.30 -1.53
C HIS E 261 -21.67 -10.13 -1.38
N SER E 262 -21.14 -9.00 -1.83
CA SER E 262 -19.69 -8.85 -1.93
C SER E 262 -19.08 -8.03 -0.80
N CYS E 263 -19.84 -7.16 -0.15
CA CYS E 263 -19.25 -6.20 0.79
C CYS E 263 -19.93 -6.22 2.18
N GLY E 264 -20.78 -7.20 2.46
CA GLY E 264 -21.70 -7.06 3.59
C GLY E 264 -21.24 -7.58 4.93
N MET E 265 -20.13 -8.32 4.98
CA MET E 265 -19.66 -8.99 6.19
C MET E 265 -18.28 -8.50 6.61
N TYR E 266 -18.03 -7.18 6.47
CA TYR E 266 -16.74 -6.59 6.82
C TYR E 266 -15.59 -7.34 6.15
N ASP E 267 -14.49 -7.58 6.87
CA ASP E 267 -13.35 -8.29 6.27
C ASP E 267 -13.63 -9.77 6.02
N PHE E 268 -14.74 -10.30 6.51
CA PHE E 268 -15.11 -11.68 6.21
C PHE E 268 -15.92 -11.80 4.92
N SER E 269 -16.17 -10.69 4.22
CA SER E 269 -17.10 -10.69 3.09
C SER E 269 -16.67 -11.66 1.99
N GLY E 270 -15.37 -11.67 1.65
CA GLY E 270 -14.91 -12.57 0.58
C GLY E 270 -15.10 -14.03 0.94
N GLN E 271 -14.75 -14.39 2.19
CA GLN E 271 -14.95 -15.78 2.60
C GLN E 271 -16.43 -16.14 2.67
N PHE E 272 -17.27 -15.19 3.09
CA PHE E 272 -18.70 -15.47 3.21
C PHE E 272 -19.30 -15.67 1.81
N ALA E 273 -18.95 -14.80 0.87
CA ALA E 273 -19.42 -14.98 -0.51
C ALA E 273 -19.02 -16.35 -1.03
N PHE E 274 -17.82 -16.83 -0.68
CA PHE E 274 -17.36 -18.10 -1.24
C PHE E 274 -18.06 -19.29 -0.60
N HIS E 275 -18.14 -19.33 0.74
CA HIS E 275 -18.69 -20.50 1.43
C HIS E 275 -20.21 -20.45 1.61
N VAL E 276 -20.81 -19.27 1.69
CA VAL E 276 -22.25 -19.16 1.96
C VAL E 276 -23.01 -18.71 0.72
N GLY E 277 -22.51 -17.67 0.05
CA GLY E 277 -23.06 -17.30 -1.24
C GLY E 277 -24.42 -16.65 -1.21
N LEU E 278 -24.78 -16.01 -0.10
CA LEU E 278 -26.03 -15.29 0.03
C LEU E 278 -25.78 -13.83 0.32
N PRO E 279 -26.63 -12.92 -0.14
CA PRO E 279 -26.50 -11.52 0.28
C PRO E 279 -26.80 -11.41 1.77
N ALA E 280 -25.88 -10.81 2.51
CA ALA E 280 -26.03 -10.66 3.96
C ALA E 280 -25.36 -9.38 4.41
N LYS E 281 -25.79 -8.87 5.56
CA LYS E 281 -25.19 -7.68 6.16
C LYS E 281 -25.13 -7.85 7.66
N SER E 282 -23.93 -7.75 8.22
CA SER E 282 -23.77 -7.82 9.67
C SER E 282 -23.66 -6.42 10.28
N GLY E 283 -23.71 -6.39 11.62
CA GLY E 283 -23.70 -5.17 12.40
C GLY E 283 -23.10 -5.44 13.78
N VAL E 284 -22.64 -4.37 14.42
CA VAL E 284 -21.86 -4.55 15.63
C VAL E 284 -22.76 -4.94 16.82
N ALA E 285 -24.08 -4.77 16.71
CA ALA E 285 -24.98 -5.27 17.75
C ALA E 285 -25.11 -6.79 17.71
N GLY E 286 -24.52 -7.45 16.70
CA GLY E 286 -24.64 -8.88 16.56
C GLY E 286 -25.73 -9.33 15.61
N GLY E 287 -26.37 -8.42 14.91
CA GLY E 287 -27.33 -8.81 13.89
C GLY E 287 -26.64 -9.24 12.60
N ILE E 288 -27.28 -10.20 11.92
CA ILE E 288 -26.94 -10.55 10.52
C ILE E 288 -28.26 -10.59 9.74
N LEU E 289 -28.49 -9.59 8.91
CA LEU E 289 -29.62 -9.57 7.99
C LEU E 289 -29.28 -10.44 6.77
N LEU E 290 -30.06 -11.50 6.55
CA LEU E 290 -29.76 -12.51 5.55
C LEU E 290 -30.89 -12.64 4.53
N VAL E 291 -30.53 -12.69 3.25
CA VAL E 291 -31.52 -12.73 2.18
C VAL E 291 -31.29 -13.99 1.35
N VAL E 292 -32.33 -14.80 1.18
CA VAL E 292 -32.34 -15.90 0.22
C VAL E 292 -33.28 -15.48 -0.91
N PRO E 293 -32.74 -14.97 -2.02
CA PRO E 293 -33.58 -14.35 -3.06
C PRO E 293 -34.70 -15.28 -3.52
N ASN E 294 -35.90 -14.72 -3.67
CA ASN E 294 -37.11 -15.42 -4.07
C ASN E 294 -37.54 -16.52 -3.10
N VAL E 295 -36.93 -16.60 -1.92
CA VAL E 295 -37.30 -17.62 -0.96
C VAL E 295 -37.70 -16.98 0.37
N MET E 296 -36.77 -16.26 1.02
CA MET E 296 -37.07 -15.75 2.35
C MET E 296 -36.05 -14.70 2.76
N GLY E 297 -36.44 -13.93 3.78
CA GLY E 297 -35.54 -13.08 4.52
C GLY E 297 -35.38 -13.63 5.93
N MET E 298 -34.22 -13.38 6.52
CA MET E 298 -33.93 -13.81 7.88
C MET E 298 -33.16 -12.73 8.61
N MET E 299 -33.34 -12.67 9.92
CA MET E 299 -32.49 -11.90 10.81
C MET E 299 -32.02 -12.84 11.93
N CYS E 300 -30.71 -12.97 12.04
CA CYS E 300 -30.05 -13.68 13.13
C CYS E 300 -29.44 -12.64 14.06
N TRP E 301 -29.44 -12.94 15.35
CA TRP E 301 -28.93 -11.96 16.29
C TRP E 301 -28.37 -12.65 17.52
N SER E 302 -27.09 -12.41 17.76
CA SER E 302 -26.42 -12.79 18.99
C SER E 302 -25.25 -11.83 19.20
N PRO E 303 -25.24 -11.09 20.32
CA PRO E 303 -24.30 -9.96 20.51
C PRO E 303 -22.82 -10.31 20.46
N PRO E 304 -22.36 -11.50 20.88
CA PRO E 304 -20.90 -11.73 20.87
C PRO E 304 -20.34 -11.84 19.45
N LEU E 305 -19.29 -11.08 19.17
CA LEU E 305 -18.71 -10.94 17.83
C LEU E 305 -17.37 -11.66 17.73
N ASP E 306 -17.04 -12.14 16.52
CA ASP E 306 -15.68 -12.63 16.31
C ASP E 306 -14.74 -11.45 16.07
N LYS E 307 -13.47 -11.78 15.84
CA LYS E 307 -12.44 -10.75 15.63
C LYS E 307 -12.73 -9.87 14.41
N MET E 308 -13.50 -10.36 13.45
CA MET E 308 -13.83 -9.53 12.30
C MET E 308 -15.12 -8.74 12.48
N GLY E 309 -15.79 -8.84 13.63
CA GLY E 309 -16.98 -8.04 13.86
C GLY E 309 -18.30 -8.70 13.52
N ASN E 310 -18.30 -9.98 13.19
CA ASN E 310 -19.53 -10.69 12.86
C ASN E 310 -19.96 -11.58 14.03
N SER E 311 -21.28 -11.69 14.20
CA SER E 311 -21.85 -12.53 15.27
C SER E 311 -21.39 -13.97 15.15
N VAL E 312 -20.81 -14.50 16.24
CA VAL E 312 -20.26 -15.85 16.23
C VAL E 312 -21.35 -16.89 15.94
N LYS E 313 -22.46 -16.82 16.67
CA LYS E 313 -23.56 -17.77 16.45
C LYS E 313 -24.21 -17.57 15.09
N GLY E 314 -24.38 -16.31 14.68
CA GLY E 314 -24.98 -16.03 13.39
C GLY E 314 -24.16 -16.60 12.24
N ILE E 315 -22.84 -16.44 12.30
CA ILE E 315 -21.97 -16.97 11.25
C ILE E 315 -22.07 -18.49 11.21
N HIS E 316 -22.01 -19.13 12.38
CA HIS E 316 -22.14 -20.59 12.44
C HIS E 316 -23.47 -21.04 11.86
N PHE E 317 -24.55 -20.34 12.21
CA PHE E 317 -25.88 -20.65 11.68
C PHE E 317 -25.93 -20.50 10.16
N CYS E 318 -25.36 -19.43 9.62
CA CYS E 318 -25.40 -19.22 8.17
C CYS E 318 -24.68 -20.33 7.42
N HIS E 319 -23.53 -20.79 7.94
CA HIS E 319 -22.82 -21.89 7.30
C HIS E 319 -23.65 -23.16 7.30
N ASP E 320 -24.24 -23.50 8.45
CA ASP E 320 -25.07 -24.70 8.56
C ASP E 320 -26.29 -24.61 7.67
N LEU E 321 -26.89 -23.42 7.57
CA LEU E 321 -28.11 -23.26 6.77
C LEU E 321 -27.87 -23.66 5.31
N VAL E 322 -26.78 -23.17 4.71
CA VAL E 322 -26.56 -23.46 3.30
C VAL E 322 -26.07 -24.88 3.10
N SER E 323 -25.34 -25.42 4.07
CA SER E 323 -24.86 -26.80 4.02
C SER E 323 -25.96 -27.80 4.34
N LEU E 324 -27.20 -27.36 4.43
CA LEU E 324 -28.35 -28.20 4.70
C LEU E 324 -29.44 -28.07 3.65
N CYS E 325 -29.71 -26.85 3.20
CA CYS E 325 -30.80 -26.58 2.27
C CYS E 325 -30.33 -26.25 0.87
N ASN E 326 -29.02 -26.27 0.62
CA ASN E 326 -28.45 -25.94 -0.68
C ASN E 326 -28.97 -24.59 -1.19
N PHE E 327 -28.87 -23.58 -0.33
CA PHE E 327 -29.29 -22.23 -0.65
C PHE E 327 -28.19 -21.40 -1.31
N HIS E 328 -26.96 -21.92 -1.40
CA HIS E 328 -25.85 -21.20 -2.01
C HIS E 328 -26.23 -20.70 -3.39
N ASN E 329 -25.78 -19.48 -3.71
CA ASN E 329 -26.07 -18.85 -4.99
C ASN E 329 -25.83 -19.79 -6.17
N TYR E 330 -24.74 -20.54 -6.15
CA TYR E 330 -24.34 -21.40 -7.27
C TYR E 330 -24.46 -22.87 -6.93
N ASP E 331 -25.47 -23.22 -6.12
CA ASP E 331 -25.72 -24.60 -5.74
C ASP E 331 -26.59 -25.32 -6.77
N GLY F 18 -35.83 53.59 -15.39
CA GLY F 18 -34.53 53.76 -16.02
C GLY F 18 -33.99 52.47 -16.61
N SER F 19 -34.20 52.30 -17.92
CA SER F 19 -33.81 51.07 -18.63
C SER F 19 -32.66 51.37 -19.58
N MET F 20 -31.47 51.57 -19.00
CA MET F 20 -30.24 51.67 -19.77
C MET F 20 -29.65 50.29 -20.07
N ILE F 21 -30.08 49.27 -19.34
CA ILE F 21 -29.62 47.90 -19.53
C ILE F 21 -30.85 47.02 -19.78
N PRO F 22 -31.25 46.84 -21.05
CA PRO F 22 -32.42 46.01 -21.34
C PRO F 22 -32.19 44.54 -21.00
N ASP F 23 -31.06 43.99 -21.45
CA ASP F 23 -30.71 42.58 -21.27
C ASP F 23 -29.45 42.51 -20.40
N PHE F 24 -29.61 42.16 -19.12
CA PHE F 24 -28.47 42.09 -18.23
C PHE F 24 -27.45 41.07 -18.70
N MET F 25 -27.91 39.95 -19.26
CA MET F 25 -26.97 38.90 -19.66
C MET F 25 -26.12 39.32 -20.85
N SER F 26 -26.69 40.10 -21.78
CA SER F 26 -25.85 40.62 -22.85
C SER F 26 -24.91 41.70 -22.33
N PHE F 27 -25.35 42.44 -21.32
CA PHE F 27 -24.49 43.46 -20.72
C PHE F 27 -23.28 42.83 -20.05
N THR F 28 -23.49 41.79 -19.24
CA THR F 28 -22.34 41.11 -18.61
C THR F 28 -21.43 40.49 -19.66
N SER F 29 -21.99 40.05 -20.79
CA SER F 29 -21.15 39.59 -21.89
C SER F 29 -20.24 40.69 -22.39
N HIS F 30 -20.73 41.93 -22.40
CA HIS F 30 -19.87 43.04 -22.81
C HIS F 30 -18.88 43.42 -21.69
N ILE F 31 -19.30 43.32 -20.43
CA ILE F 31 -18.36 43.53 -19.32
C ILE F 31 -17.18 42.59 -19.46
N ASP F 32 -17.47 41.30 -19.70
CA ASP F 32 -16.40 40.30 -19.83
C ASP F 32 -15.45 40.63 -20.96
N GLU F 33 -15.97 41.14 -22.08
CA GLU F 33 -15.09 41.47 -23.19
C GLU F 33 -14.20 42.67 -22.86
N LEU F 34 -14.77 43.70 -22.22
CA LEU F 34 -13.97 44.82 -21.75
C LEU F 34 -12.93 44.37 -20.73
N TYR F 35 -13.33 43.47 -19.81
CA TYR F 35 -12.39 42.88 -18.87
C TYR F 35 -11.20 42.26 -19.60
N GLU F 36 -11.47 41.45 -20.64
CA GLU F 36 -10.39 40.79 -21.35
C GLU F 36 -9.50 41.80 -22.08
N SER F 37 -10.11 42.84 -22.66
CA SER F 37 -9.32 43.87 -23.33
C SER F 37 -8.41 44.58 -22.34
N ALA F 38 -8.95 44.99 -21.19
CA ALA F 38 -8.12 45.63 -20.17
C ALA F 38 -7.01 44.71 -19.67
N LYS F 39 -7.26 43.39 -19.66
CA LYS F 39 -6.29 42.44 -19.14
C LYS F 39 -4.94 42.53 -19.85
N LYS F 40 -4.94 42.94 -21.12
CA LYS F 40 -3.71 43.04 -21.90
C LYS F 40 -2.87 44.27 -21.54
N GLN F 41 -3.45 45.26 -20.86
CA GLN F 41 -2.73 46.47 -20.47
C GLN F 41 -1.84 46.15 -19.26
N SER F 42 -0.55 45.90 -19.52
CA SER F 42 0.35 45.44 -18.48
C SER F 42 1.19 46.54 -17.87
N GLY F 43 1.04 47.79 -18.29
CA GLY F 43 1.85 48.87 -17.76
C GLY F 43 1.53 49.20 -16.30
N GLY F 44 2.30 50.15 -15.77
CA GLY F 44 2.05 50.65 -14.43
C GLY F 44 2.96 50.01 -13.39
N LYS F 45 2.95 50.59 -12.21
CA LYS F 45 3.79 50.14 -11.12
C LYS F 45 2.94 49.92 -9.88
N VAL F 46 3.12 48.75 -9.25
CA VAL F 46 2.46 48.47 -7.98
C VAL F 46 3.05 49.38 -6.93
N ALA F 47 2.20 49.99 -6.11
CA ALA F 47 2.67 50.87 -5.05
C ALA F 47 3.58 50.09 -4.10
N ASP F 48 4.69 50.72 -3.70
CA ASP F 48 5.63 49.99 -2.87
C ASP F 48 6.16 50.81 -1.70
N TYR F 49 5.46 51.86 -1.27
CA TYR F 49 6.01 52.64 -0.17
C TYR F 49 5.82 51.93 1.18
N ILE F 50 4.87 51.00 1.29
CA ILE F 50 4.87 50.04 2.41
C ILE F 50 4.88 48.61 1.90
N PRO F 51 5.42 47.66 2.67
CA PRO F 51 5.46 46.27 2.20
C PRO F 51 4.09 45.66 1.94
N GLN F 52 3.07 46.05 2.72
CA GLN F 52 1.75 45.48 2.52
C GLN F 52 1.15 45.83 1.15
N LEU F 53 1.64 46.88 0.48
CA LEU F 53 1.21 47.13 -0.88
C LEU F 53 2.15 46.51 -1.91
N ALA F 54 3.45 46.57 -1.66
CA ALA F 54 4.41 46.01 -2.61
C ALA F 54 4.23 44.51 -2.81
N LYS F 55 3.58 43.83 -1.86
CA LYS F 55 3.34 42.39 -1.93
C LYS F 55 2.53 42.01 -3.16
N PHE F 56 1.62 42.87 -3.58
CA PHE F 56 0.52 42.43 -4.43
C PHE F 56 1.04 42.13 -5.82
N SER F 57 0.49 41.07 -6.42
CA SER F 57 0.85 40.71 -7.79
C SER F 57 0.36 41.76 -8.79
N PRO F 58 1.18 42.13 -9.77
CA PRO F 58 0.71 43.03 -10.83
C PRO F 58 -0.37 42.43 -11.71
N ASP F 59 -0.60 41.12 -11.64
CA ASP F 59 -1.54 40.46 -12.55
C ASP F 59 -2.93 40.29 -11.96
N LEU F 60 -3.13 40.61 -10.69
CA LEU F 60 -4.48 40.59 -10.14
C LEU F 60 -5.34 41.64 -10.85
N TRP F 61 -6.56 41.24 -11.22
CA TRP F 61 -7.43 42.10 -12.02
C TRP F 61 -8.86 41.59 -11.83
N GLY F 62 -9.71 42.41 -11.19
CA GLY F 62 -11.08 42.03 -10.97
C GLY F 62 -12.08 43.15 -11.25
N VAL F 63 -13.26 42.80 -11.78
CA VAL F 63 -14.37 43.73 -11.99
C VAL F 63 -15.63 43.10 -11.42
N SER F 64 -16.30 43.82 -10.53
CA SER F 64 -17.60 43.42 -10.02
C SER F 64 -18.61 44.51 -10.31
N VAL F 65 -19.83 44.09 -10.66
CA VAL F 65 -20.94 44.97 -10.95
C VAL F 65 -22.09 44.58 -10.04
N CYS F 66 -22.77 45.59 -9.48
CA CYS F 66 -24.03 45.40 -8.77
C CYS F 66 -25.00 46.48 -9.26
N THR F 67 -26.09 46.06 -9.91
CA THR F 67 -27.06 47.02 -10.41
C THR F 67 -27.93 47.53 -9.28
N VAL F 68 -28.72 48.57 -9.59
CA VAL F 68 -29.64 49.09 -8.58
C VAL F 68 -30.77 48.11 -8.34
N ASP F 69 -31.01 47.18 -9.28
CA ASP F 69 -31.90 46.05 -9.07
C ASP F 69 -31.37 45.08 -8.03
N GLY F 70 -30.06 44.90 -7.97
CA GLY F 70 -29.46 43.85 -7.19
C GLY F 70 -28.87 42.73 -8.01
N GLN F 71 -28.83 42.87 -9.33
CA GLN F 71 -28.19 41.85 -10.15
C GLN F 71 -26.68 42.00 -10.04
N ARG F 72 -25.98 40.86 -10.06
CA ARG F 72 -24.55 40.82 -9.77
C ARG F 72 -23.80 40.18 -10.92
N HIS F 73 -22.55 40.61 -11.10
CA HIS F 73 -21.65 39.96 -12.04
C HIS F 73 -20.21 40.29 -11.66
N SER F 74 -19.37 39.26 -11.65
CA SER F 74 -17.95 39.44 -11.38
C SER F 74 -17.15 38.70 -12.44
N THR F 75 -15.94 39.18 -12.70
CA THR F 75 -14.99 38.49 -13.54
C THR F 75 -13.60 38.77 -12.99
N GLY F 76 -12.74 37.75 -12.98
CA GLY F 76 -11.40 37.90 -12.46
C GLY F 76 -11.33 37.75 -10.94
N ASP F 77 -10.38 38.47 -10.35
CA ASP F 77 -9.98 38.27 -8.95
C ASP F 77 -10.85 39.12 -8.01
N THR F 78 -12.11 38.71 -7.87
CA THR F 78 -13.10 39.55 -7.22
C THR F 78 -13.36 39.15 -5.77
N LYS F 79 -12.65 38.17 -5.24
CA LYS F 79 -12.79 37.76 -3.84
C LYS F 79 -11.49 37.88 -3.07
N VAL F 80 -10.49 38.55 -3.65
CA VAL F 80 -9.21 38.79 -2.99
C VAL F 80 -9.30 40.10 -2.22
N PRO F 81 -9.18 40.09 -0.89
CA PRO F 81 -9.29 41.34 -0.13
C PRO F 81 -8.14 42.30 -0.42
N PHE F 82 -8.46 43.60 -0.37
CA PHE F 82 -7.48 44.66 -0.52
C PHE F 82 -7.98 45.90 0.22
N CYS F 83 -7.06 46.81 0.53
CA CYS F 83 -7.40 47.96 1.35
C CYS F 83 -8.09 49.04 0.54
N LEU F 84 -9.08 49.67 1.15
CA LEU F 84 -9.79 50.77 0.51
C LEU F 84 -8.84 51.91 0.16
N GLN F 85 -7.96 52.28 1.10
CA GLN F 85 -7.06 53.45 0.96
C GLN F 85 -7.96 54.64 0.63
N SER F 86 -7.65 55.44 -0.42
CA SER F 86 -8.42 56.65 -0.67
C SER F 86 -9.85 56.34 -1.09
N CYS F 87 -10.13 55.12 -1.54
CA CYS F 87 -11.50 54.74 -1.85
C CYS F 87 -12.43 54.93 -0.65
N VAL F 88 -11.89 54.94 0.57
CA VAL F 88 -12.78 55.17 1.71
C VAL F 88 -13.18 56.64 1.86
N LYS F 89 -12.48 57.57 1.19
CA LYS F 89 -12.72 58.99 1.46
C LYS F 89 -14.15 59.42 1.13
N PRO F 90 -14.72 59.08 -0.03
CA PRO F 90 -16.14 59.42 -0.27
C PRO F 90 -17.08 58.79 0.73
N LEU F 91 -16.75 57.60 1.23
CA LEU F 91 -17.65 56.92 2.16
C LEU F 91 -17.67 57.60 3.51
N LYS F 92 -16.51 58.02 4.03
CA LYS F 92 -16.58 58.69 5.33
C LYS F 92 -17.14 60.12 5.18
N TYR F 93 -16.93 60.77 4.03
CA TYR F 93 -17.60 62.06 3.81
C TYR F 93 -19.12 61.88 3.78
N ALA F 94 -19.59 60.81 3.13
CA ALA F 94 -21.03 60.54 3.10
C ALA F 94 -21.57 60.34 4.51
N ILE F 95 -20.85 59.60 5.36
CA ILE F 95 -21.28 59.41 6.75
C ILE F 95 -21.36 60.75 7.47
N ALA F 96 -20.34 61.60 7.27
CA ALA F 96 -20.33 62.89 7.94
C ALA F 96 -21.52 63.75 7.52
N VAL F 97 -21.78 63.84 6.21
CA VAL F 97 -22.93 64.64 5.74
C VAL F 97 -24.23 64.02 6.22
N ASN F 98 -24.32 62.69 6.19
CA ASN F 98 -25.51 61.99 6.66
C ASN F 98 -25.86 62.35 8.10
N ASP F 99 -24.86 62.35 8.99
CA ASP F 99 -25.11 62.62 10.40
C ASP F 99 -25.17 64.10 10.73
N LEU F 100 -24.50 64.96 9.96
CA LEU F 100 -24.29 66.34 10.37
C LEU F 100 -24.82 67.38 9.40
N GLY F 101 -25.10 67.04 8.15
CA GLY F 101 -25.64 67.97 7.16
C GLY F 101 -24.56 68.69 6.37
N THR F 102 -24.92 69.09 5.14
CA THR F 102 -23.99 69.74 4.21
C THR F 102 -23.32 70.96 4.84
N GLU F 103 -24.10 71.81 5.51
CA GLU F 103 -23.61 73.11 5.93
C GLU F 103 -22.53 72.98 7.02
N TYR F 104 -22.80 72.17 8.04
CA TYR F 104 -21.80 71.96 9.10
C TYR F 104 -20.51 71.38 8.53
N VAL F 105 -20.60 70.32 7.73
CA VAL F 105 -19.37 69.69 7.22
C VAL F 105 -18.54 70.70 6.45
N HIS F 106 -19.19 71.52 5.62
CA HIS F 106 -18.42 72.43 4.78
C HIS F 106 -18.06 73.73 5.48
N ARG F 107 -18.31 73.84 6.79
CA ARG F 107 -17.57 74.81 7.58
C ARG F 107 -16.10 74.44 7.71
N TYR F 108 -15.78 73.15 7.56
CA TYR F 108 -14.43 72.66 7.81
C TYR F 108 -13.68 72.26 6.55
N VAL F 109 -14.36 72.06 5.43
CA VAL F 109 -13.71 71.55 4.23
C VAL F 109 -14.39 72.15 3.01
N GLY F 110 -13.60 72.41 1.96
CA GLY F 110 -14.09 73.00 0.74
C GLY F 110 -14.84 72.00 -0.13
N LYS F 111 -15.17 72.46 -1.33
CA LYS F 111 -16.14 71.79 -2.19
C LYS F 111 -15.69 71.68 -3.63
N GLU F 112 -14.41 71.86 -3.93
CA GLU F 112 -14.08 71.88 -5.34
C GLU F 112 -12.66 71.42 -5.56
N PRO F 113 -12.30 71.06 -6.80
CA PRO F 113 -10.93 70.64 -7.10
C PRO F 113 -9.90 71.73 -6.78
N SER F 114 -8.68 71.27 -6.54
CA SER F 114 -7.60 72.17 -6.14
C SER F 114 -7.16 73.09 -7.29
N GLY F 115 -6.91 72.58 -8.50
CA GLY F 115 -6.76 71.17 -8.85
C GLY F 115 -5.48 70.97 -9.66
N ASN F 119 -1.51 69.09 -6.56
CA ASN F 119 -1.32 70.24 -5.67
C ASN F 119 -0.66 69.89 -4.34
N LYS F 120 0.35 70.68 -3.97
CA LYS F 120 1.15 70.44 -2.79
C LYS F 120 0.65 71.19 -1.56
N LEU F 121 -0.28 72.14 -1.73
CA LEU F 121 -0.74 72.97 -0.63
C LEU F 121 -1.76 72.24 0.23
N PHE F 122 -1.63 72.39 1.55
CA PHE F 122 -2.57 71.72 2.46
C PHE F 122 -3.92 72.44 2.53
N LEU F 123 -3.95 73.77 2.34
CA LEU F 123 -5.18 74.54 2.57
C LEU F 123 -5.46 75.49 1.41
N ASN F 124 -6.75 75.75 1.19
CA ASN F 124 -7.11 76.77 0.22
C ASN F 124 -7.03 78.17 0.84
N GLU F 125 -7.47 79.16 0.07
CA GLU F 125 -7.40 80.57 0.46
C GLU F 125 -8.18 80.85 1.73
N ASP F 126 -9.25 80.10 1.99
CA ASP F 126 -10.04 80.26 3.20
C ASP F 126 -9.50 79.46 4.39
N ASP F 127 -8.27 78.97 4.33
CA ASP F 127 -7.69 78.14 5.39
C ASP F 127 -8.53 76.88 5.64
N LYS F 128 -9.13 76.32 4.60
CA LYS F 128 -9.79 75.03 4.70
C LYS F 128 -9.18 74.10 3.67
N PRO F 129 -9.15 72.78 3.94
CA PRO F 129 -8.67 71.84 2.92
C PRO F 129 -9.57 71.91 1.70
N HIS F 130 -8.99 71.69 0.52
CA HIS F 130 -9.68 72.03 -0.73
C HIS F 130 -10.99 71.27 -0.87
N ASN F 131 -11.02 69.99 -0.46
CA ASN F 131 -12.20 69.15 -0.63
C ASN F 131 -12.00 67.84 0.15
N PRO F 132 -13.04 67.04 0.34
CA PRO F 132 -12.88 65.81 1.15
C PRO F 132 -12.06 64.71 0.48
N MET F 133 -11.74 64.81 -0.82
CA MET F 133 -11.03 63.76 -1.52
C MET F 133 -9.51 63.86 -1.44
N VAL F 134 -8.95 64.96 -0.93
CA VAL F 134 -7.51 65.05 -0.73
C VAL F 134 -7.23 64.72 0.73
N ASN F 135 -5.96 64.39 1.03
CA ASN F 135 -5.64 63.87 2.37
C ASN F 135 -6.03 64.85 3.47
N ALA F 136 -5.72 66.14 3.28
CA ALA F 136 -6.03 67.12 4.33
C ALA F 136 -7.52 67.21 4.57
N GLY F 137 -8.31 67.11 3.50
CA GLY F 137 -9.76 67.13 3.67
C GLY F 137 -10.28 65.88 4.34
N ALA F 138 -9.73 64.71 3.97
CA ALA F 138 -10.19 63.47 4.59
C ALA F 138 -9.85 63.44 6.08
N ILE F 139 -8.71 64.02 6.47
CA ILE F 139 -8.34 64.10 7.87
C ILE F 139 -9.32 64.98 8.63
N VAL F 140 -9.68 66.15 8.08
CA VAL F 140 -10.66 66.99 8.76
C VAL F 140 -12.01 66.30 8.83
N VAL F 141 -12.42 65.63 7.74
CA VAL F 141 -13.70 64.92 7.76
C VAL F 141 -13.70 63.84 8.85
N THR F 142 -12.58 63.12 8.98
CA THR F 142 -12.44 62.11 10.03
C THR F 142 -12.68 62.71 11.40
N SER F 143 -12.17 63.92 11.65
CA SER F 143 -12.38 64.57 12.94
C SER F 143 -13.83 64.96 13.20
N LEU F 144 -14.70 64.92 12.20
CA LEU F 144 -16.08 65.33 12.41
C LEU F 144 -17.00 64.17 12.80
N ILE F 145 -16.60 62.91 12.57
CA ILE F 145 -17.52 61.79 12.72
C ILE F 145 -17.58 61.36 14.18
N LYS F 146 -18.81 61.21 14.70
CA LYS F 146 -19.05 60.61 16.01
C LYS F 146 -18.17 61.24 17.09
N GLN F 147 -18.22 62.57 17.17
CA GLN F 147 -17.35 63.28 18.09
C GLN F 147 -17.71 62.95 19.54
N GLY F 148 -16.70 62.91 20.40
CA GLY F 148 -16.90 62.72 21.82
C GLY F 148 -16.68 61.30 22.31
N VAL F 149 -16.84 60.30 21.45
CA VAL F 149 -16.60 58.92 21.85
C VAL F 149 -15.14 58.57 21.57
N ASN F 150 -14.66 57.48 22.16
CA ASN F 150 -13.28 57.10 21.94
C ASN F 150 -13.11 56.48 20.55
N ASN F 151 -11.83 56.25 20.19
CA ASN F 151 -11.51 55.79 18.85
C ASN F 151 -12.10 54.41 18.56
N ALA F 152 -12.09 53.52 19.55
CA ALA F 152 -12.65 52.18 19.32
C ALA F 152 -14.13 52.27 18.92
N GLU F 153 -14.88 53.14 19.61
CA GLU F 153 -16.29 53.31 19.26
C GLU F 153 -16.48 54.04 17.93
N LYS F 154 -15.61 55.01 17.62
CA LYS F 154 -15.68 55.66 16.31
C LYS F 154 -15.51 54.64 15.20
N PHE F 155 -14.49 53.79 15.32
CA PHE F 155 -14.22 52.78 14.30
C PHE F 155 -15.38 51.81 14.16
N ASP F 156 -15.91 51.30 15.29
CA ASP F 156 -17.06 50.40 15.23
C ASP F 156 -18.24 51.06 14.54
N TYR F 157 -18.45 52.34 14.82
CA TYR F 157 -19.54 53.08 14.20
C TYR F 157 -19.39 53.11 12.68
N VAL F 158 -18.19 53.42 12.19
CA VAL F 158 -17.99 53.45 10.73
C VAL F 158 -18.09 52.05 10.16
N MET F 159 -17.56 51.05 10.89
CA MET F 159 -17.59 49.67 10.40
C MET F 159 -19.03 49.21 10.17
N GLN F 160 -19.91 49.46 11.15
CA GLN F 160 -21.30 49.09 11.00
C GLN F 160 -21.93 49.83 9.83
N PHE F 161 -21.53 51.09 9.63
CA PHE F 161 -22.03 51.82 8.47
C PHE F 161 -21.59 51.17 7.16
N LEU F 162 -20.30 50.82 7.04
CA LEU F 162 -19.83 50.18 5.81
C LEU F 162 -20.50 48.82 5.60
N ASN F 163 -20.77 48.08 6.69
CA ASN F 163 -21.52 46.83 6.56
C ASN F 163 -22.88 47.06 5.91
N LYS F 164 -23.59 48.11 6.33
CA LYS F 164 -24.88 48.41 5.72
C LYS F 164 -24.72 48.78 4.25
N MET F 165 -23.70 49.57 3.93
CA MET F 165 -23.47 49.97 2.54
C MET F 165 -23.22 48.75 1.67
N ALA F 166 -22.46 47.78 2.19
CA ALA F 166 -22.11 46.58 1.44
C ALA F 166 -23.12 45.46 1.60
N GLY F 167 -24.28 45.73 2.18
CA GLY F 167 -25.26 44.68 2.47
C GLY F 167 -24.65 43.48 3.16
N ASN F 168 -23.77 43.73 4.14
CA ASN F 168 -23.15 42.70 4.99
C ASN F 168 -22.18 41.79 4.25
N GLU F 169 -21.73 42.17 3.07
CA GLU F 169 -20.67 41.41 2.44
C GLU F 169 -19.32 41.83 3.04
N TYR F 170 -18.23 41.29 2.49
CA TYR F 170 -16.89 41.37 3.07
C TYR F 170 -16.44 42.80 3.40
N VAL F 171 -16.32 43.10 4.68
CA VAL F 171 -15.63 44.29 5.15
C VAL F 171 -14.66 43.84 6.23
N GLY F 172 -13.37 43.90 5.95
CA GLY F 172 -12.36 43.52 6.92
C GLY F 172 -11.45 44.65 7.34
N PHE F 173 -10.32 44.28 7.94
CA PHE F 173 -9.35 45.24 8.46
C PHE F 173 -7.96 44.64 8.37
N SER F 174 -7.01 45.43 7.87
CA SER F 174 -5.62 44.99 7.74
C SER F 174 -4.78 45.72 8.80
N ASN F 175 -4.51 45.02 9.90
CA ASN F 175 -3.67 45.58 10.96
C ASN F 175 -2.26 45.85 10.48
N ALA F 176 -1.73 44.99 9.59
CA ALA F 176 -0.38 45.21 9.07
C ALA F 176 -0.30 46.50 8.25
N THR F 177 -1.32 46.78 7.42
CA THR F 177 -1.32 48.04 6.67
C THR F 177 -1.44 49.23 7.62
N PHE F 178 -2.34 49.14 8.61
CA PHE F 178 -2.49 50.20 9.59
C PHE F 178 -1.17 50.53 10.30
N GLN F 179 -0.47 49.51 10.80
CA GLN F 179 0.80 49.76 11.49
C GLN F 179 1.83 50.37 10.55
N SER F 180 1.90 49.89 9.29
CA SER F 180 2.87 50.46 8.37
C SER F 180 2.49 51.87 7.94
N GLU F 181 1.19 52.13 7.73
CA GLU F 181 0.77 53.46 7.29
C GLU F 181 1.11 54.51 8.34
N ARG F 182 0.78 54.20 9.59
CA ARG F 182 1.04 55.15 10.67
C ARG F 182 2.52 55.40 10.86
N GLU F 183 3.32 54.33 10.85
CA GLU F 183 4.75 54.46 11.07
C GLU F 183 5.46 55.22 9.95
N SER F 184 4.92 55.22 8.73
CA SER F 184 5.58 55.91 7.63
C SER F 184 4.80 57.13 7.13
N GLY F 185 3.77 57.56 7.84
CA GLY F 185 2.94 58.65 7.36
C GLY F 185 3.41 60.03 7.79
N ASP F 186 4.68 60.37 7.53
CA ASP F 186 5.19 61.68 7.92
C ASP F 186 4.42 62.81 7.26
N ARG F 187 4.03 62.65 6.00
CA ARG F 187 3.30 63.73 5.33
C ARG F 187 1.94 63.96 5.96
N ASN F 188 1.28 62.88 6.40
CA ASN F 188 -0.02 63.05 7.07
C ASN F 188 0.14 63.66 8.46
N PHE F 189 1.25 63.40 9.15
CA PHE F 189 1.50 64.10 10.41
C PHE F 189 1.83 65.57 10.16
N ALA F 190 2.52 65.86 9.05
CA ALA F 190 2.78 67.26 8.70
C ALA F 190 1.48 67.98 8.46
N ILE F 191 0.54 67.33 7.77
CA ILE F 191 -0.79 67.90 7.56
C ILE F 191 -1.51 68.08 8.89
N GLY F 192 -1.47 67.05 9.75
CA GLY F 192 -2.17 67.14 11.02
C GLY F 192 -1.74 68.34 11.83
N TYR F 193 -0.42 68.53 12.00
CA TYR F 193 0.09 69.67 12.76
C TYR F 193 -0.27 71.00 12.09
N TYR F 194 -0.19 71.08 10.76
CA TYR F 194 -0.55 72.32 10.09
C TYR F 194 -2.03 72.66 10.30
N LEU F 195 -2.90 71.66 10.22
CA LEU F 195 -4.34 71.88 10.41
C LEU F 195 -4.64 72.31 11.84
N LYS F 196 -3.92 71.74 12.80
CA LYS F 196 -4.06 72.15 14.19
C LYS F 196 -3.63 73.60 14.36
N GLU F 197 -2.51 73.97 13.75
CA GLU F 197 -2.00 75.34 13.86
C GLU F 197 -2.97 76.35 13.25
N LYS F 198 -3.60 76.01 12.13
CA LYS F 198 -4.55 76.90 11.49
C LYS F 198 -5.98 76.74 12.01
N LYS F 199 -6.17 76.01 13.11
CA LYS F 199 -7.45 75.88 13.80
C LYS F 199 -8.53 75.27 12.90
N CYS F 200 -8.14 74.25 12.12
CA CYS F 200 -9.06 73.61 11.18
C CYS F 200 -9.95 72.55 11.81
N PHE F 201 -9.63 72.07 13.00
CA PHE F 201 -10.43 71.04 13.64
C PHE F 201 -11.50 71.65 14.53
N PRO F 202 -12.59 70.92 14.79
CA PRO F 202 -13.51 71.37 15.86
C PRO F 202 -12.77 71.41 17.18
N GLU F 203 -13.15 72.37 18.03
CA GLU F 203 -12.47 72.51 19.32
C GLU F 203 -12.59 71.22 20.14
N GLY F 204 -11.52 70.92 20.87
CA GLY F 204 -11.44 69.69 21.62
C GLY F 204 -10.84 68.52 20.88
N THR F 205 -10.46 68.68 19.62
CA THR F 205 -9.94 67.57 18.84
C THR F 205 -8.56 67.15 19.34
N ASP F 206 -8.37 65.85 19.57
CA ASP F 206 -7.04 65.29 19.80
C ASP F 206 -6.48 64.89 18.44
N MET F 207 -5.54 65.70 17.93
CA MET F 207 -5.14 65.56 16.52
C MET F 207 -4.45 64.22 16.26
N VAL F 208 -3.52 63.84 17.15
CA VAL F 208 -2.82 62.56 16.97
C VAL F 208 -3.81 61.39 16.97
N GLY F 209 -4.82 61.46 17.84
CA GLY F 209 -5.85 60.43 17.85
C GLY F 209 -6.69 60.42 16.59
N ILE F 210 -6.92 61.59 15.99
CA ILE F 210 -7.60 61.63 14.72
C ILE F 210 -6.77 60.98 13.62
N LEU F 211 -5.45 61.22 13.62
CA LEU F 211 -4.59 60.58 12.63
C LEU F 211 -4.63 59.05 12.77
N ASP F 212 -4.66 58.55 14.00
CA ASP F 212 -4.82 57.11 14.23
C ASP F 212 -6.09 56.58 13.56
N PHE F 213 -7.22 57.24 13.85
CA PHE F 213 -8.49 56.85 13.27
C PHE F 213 -8.42 56.90 11.74
N TYR F 214 -7.76 57.93 11.21
CA TYR F 214 -7.61 58.08 9.77
C TYR F 214 -6.82 56.92 9.16
N PHE F 215 -5.69 56.57 9.76
CA PHE F 215 -4.90 55.43 9.28
C PHE F 215 -5.72 54.13 9.34
N GLN F 216 -6.50 53.95 10.41
CA GLN F 216 -7.36 52.78 10.51
C GLN F 216 -8.36 52.69 9.36
N LEU F 217 -9.08 53.80 9.09
CA LEU F 217 -10.08 53.79 8.02
C LEU F 217 -9.45 53.46 6.68
N CYS F 218 -8.26 53.99 6.41
CA CYS F 218 -7.55 53.67 5.18
C CYS F 218 -7.21 52.18 5.10
N SER F 219 -7.15 51.49 6.24
CA SER F 219 -6.74 50.08 6.29
C SER F 219 -7.93 49.12 6.30
N ILE F 220 -9.15 49.61 6.14
CA ILE F 220 -10.30 48.73 5.99
C ILE F 220 -10.22 47.99 4.65
N GLU F 221 -10.53 46.69 4.68
CA GLU F 221 -10.40 45.80 3.53
C GLU F 221 -11.76 45.44 2.97
N VAL F 222 -11.83 45.34 1.65
CA VAL F 222 -13.01 44.90 0.92
C VAL F 222 -12.55 43.97 -0.18
N THR F 223 -13.51 43.38 -0.87
CA THR F 223 -13.26 42.73 -2.16
C THR F 223 -13.94 43.53 -3.25
N CYS F 224 -13.64 43.19 -4.50
CA CYS F 224 -14.38 43.78 -5.61
C CYS F 224 -15.88 43.57 -5.42
N GLU F 225 -16.27 42.38 -4.96
CA GLU F 225 -17.68 42.07 -4.83
C GLU F 225 -18.37 42.92 -3.77
N SER F 226 -17.77 43.02 -2.58
CA SER F 226 -18.45 43.79 -1.54
C SER F 226 -18.40 45.29 -1.83
N ALA F 227 -17.31 45.74 -2.46
CA ALA F 227 -17.20 47.16 -2.76
C ALA F 227 -18.20 47.59 -3.82
N SER F 228 -18.43 46.74 -4.83
CA SER F 228 -19.38 47.09 -5.87
C SER F 228 -20.77 47.30 -5.29
N VAL F 229 -21.09 46.61 -4.20
CA VAL F 229 -22.37 46.83 -3.53
C VAL F 229 -22.37 48.19 -2.83
N MET F 230 -21.25 48.57 -2.23
CA MET F 230 -21.14 49.93 -1.67
C MET F 230 -21.39 50.98 -2.75
N ALA F 231 -20.73 50.83 -3.90
CA ALA F 231 -20.95 51.78 -5.00
C ALA F 231 -22.40 51.75 -5.47
N ALA F 232 -23.02 50.56 -5.47
CA ALA F 232 -24.40 50.43 -5.90
C ALA F 232 -25.35 51.14 -4.93
N THR F 233 -25.00 51.16 -3.64
CA THR F 233 -25.78 51.94 -2.70
C THR F 233 -25.75 53.42 -3.06
N LEU F 234 -24.58 53.93 -3.49
CA LEU F 234 -24.48 55.31 -3.93
C LEU F 234 -25.25 55.53 -5.23
N ALA F 235 -25.22 54.55 -6.13
CA ALA F 235 -25.95 54.66 -7.38
C ALA F 235 -27.46 54.61 -7.17
N ASN F 236 -27.91 54.09 -6.04
CA ASN F 236 -29.32 53.83 -5.77
C ASN F 236 -29.88 54.81 -4.74
N GLY F 237 -29.43 56.06 -4.80
CA GLY F 237 -29.97 57.10 -3.93
C GLY F 237 -29.83 56.82 -2.45
N GLY F 238 -28.83 56.05 -2.04
CA GLY F 238 -28.62 55.79 -0.63
C GLY F 238 -29.29 54.53 -0.10
N PHE F 239 -29.92 53.74 -0.96
CA PHE F 239 -30.57 52.49 -0.57
C PHE F 239 -29.70 51.31 -1.01
N CYS F 240 -29.38 50.43 -0.08
CA CYS F 240 -28.59 49.26 -0.44
C CYS F 240 -29.42 48.35 -1.34
N PRO F 241 -28.96 48.05 -2.55
CA PRO F 241 -29.80 47.30 -3.50
C PRO F 241 -30.02 45.84 -3.16
N ILE F 242 -29.23 45.25 -2.25
CA ILE F 242 -29.42 43.84 -1.93
C ILE F 242 -30.05 43.62 -0.58
N THR F 243 -30.38 44.70 0.15
CA THR F 243 -31.16 44.61 1.38
C THR F 243 -32.37 45.54 1.40
N GLY F 244 -32.47 46.49 0.46
CA GLY F 244 -33.49 47.52 0.52
C GLY F 244 -33.34 48.52 1.64
N GLU F 245 -32.34 48.37 2.50
CA GLU F 245 -32.16 49.25 3.64
C GLU F 245 -31.75 50.66 3.21
N ARG F 246 -32.30 51.67 3.89
CA ARG F 246 -31.84 53.04 3.71
C ARG F 246 -30.58 53.26 4.54
N VAL F 247 -29.48 53.61 3.89
CA VAL F 247 -28.18 53.71 4.53
C VAL F 247 -27.70 55.15 4.63
N LEU F 248 -27.87 55.92 3.57
CA LEU F 248 -27.41 57.31 3.52
C LEU F 248 -28.54 58.21 3.06
N SER F 249 -28.56 59.43 3.60
CA SER F 249 -29.55 60.41 3.18
C SER F 249 -29.36 60.81 1.71
N PRO F 250 -30.44 61.23 1.04
CA PRO F 250 -30.29 61.72 -0.34
C PRO F 250 -29.28 62.85 -0.47
N GLU F 251 -29.20 63.71 0.55
CA GLU F 251 -28.24 64.81 0.54
C GLU F 251 -26.80 64.28 0.57
N ALA F 252 -26.51 63.34 1.47
CA ALA F 252 -25.18 62.73 1.52
C ALA F 252 -24.79 62.16 0.18
N VAL F 253 -25.70 61.40 -0.45
CA VAL F 253 -25.36 60.76 -1.71
C VAL F 253 -25.06 61.80 -2.77
N ARG F 254 -25.93 62.81 -2.90
CA ARG F 254 -25.75 63.82 -3.94
C ARG F 254 -24.42 64.54 -3.80
N ASN F 255 -24.09 64.97 -2.57
CA ASN F 255 -22.82 65.65 -2.33
C ASN F 255 -21.63 64.75 -2.67
N THR F 256 -21.69 63.49 -2.21
CA THR F 256 -20.58 62.57 -2.45
C THR F 256 -20.36 62.35 -3.93
N LEU F 257 -21.44 62.17 -4.69
CA LEU F 257 -21.28 61.93 -6.12
C LEU F 257 -20.70 63.16 -6.82
N SER F 258 -21.09 64.36 -6.38
CA SER F 258 -20.57 65.57 -7.04
C SER F 258 -19.06 65.68 -6.86
N LEU F 259 -18.60 65.46 -5.63
CA LEU F 259 -17.17 65.57 -5.35
C LEU F 259 -16.37 64.41 -5.94
N MET F 260 -16.98 63.21 -6.02
CA MET F 260 -16.31 62.12 -6.74
C MET F 260 -16.20 62.47 -8.20
N HIS F 261 -17.23 63.12 -8.77
CA HIS F 261 -17.19 63.47 -10.18
C HIS F 261 -16.01 64.40 -10.48
N SER F 262 -15.74 65.34 -9.58
CA SER F 262 -14.77 66.39 -9.87
C SER F 262 -13.42 66.20 -9.21
N CYS F 263 -13.33 65.45 -8.11
CA CYS F 263 -12.10 65.39 -7.33
C CYS F 263 -11.63 63.95 -7.05
N GLY F 264 -12.21 62.95 -7.71
CA GLY F 264 -12.07 61.57 -7.27
C GLY F 264 -10.90 60.78 -7.81
N MET F 265 -10.20 61.28 -8.84
CA MET F 265 -9.15 60.56 -9.54
C MET F 265 -7.81 61.28 -9.46
N TYR F 266 -7.49 61.86 -8.29
CA TYR F 266 -6.25 62.59 -8.09
C TYR F 266 -6.04 63.64 -9.19
N ASP F 267 -4.81 63.79 -9.69
CA ASP F 267 -4.54 64.79 -10.74
C ASP F 267 -5.17 64.45 -12.07
N PHE F 268 -5.71 63.25 -12.24
CA PHE F 268 -6.42 62.88 -13.46
C PHE F 268 -7.91 63.26 -13.41
N SER F 269 -8.37 63.86 -12.28
CA SER F 269 -9.81 64.09 -12.09
C SER F 269 -10.43 64.92 -13.21
N GLY F 270 -9.76 65.97 -13.65
CA GLY F 270 -10.34 66.81 -14.70
C GLY F 270 -10.46 66.09 -16.02
N GLN F 271 -9.44 65.33 -16.39
CA GLN F 271 -9.54 64.56 -17.64
C GLN F 271 -10.58 63.45 -17.52
N PHE F 272 -10.70 62.85 -16.35
CA PHE F 272 -11.66 61.77 -16.19
C PHE F 272 -13.08 62.32 -16.24
N ALA F 273 -13.34 63.44 -15.57
CA ALA F 273 -14.65 64.07 -15.69
C ALA F 273 -15.00 64.37 -17.15
N PHE F 274 -14.01 64.79 -17.93
CA PHE F 274 -14.31 65.20 -19.31
C PHE F 274 -14.56 64.00 -20.22
N HIS F 275 -13.68 62.97 -20.17
CA HIS F 275 -13.79 61.84 -21.09
C HIS F 275 -14.70 60.71 -20.60
N VAL F 276 -14.87 60.56 -19.30
CA VAL F 276 -15.66 59.46 -18.74
C VAL F 276 -16.94 59.97 -18.12
N GLY F 277 -16.87 61.04 -17.34
CA GLY F 277 -18.07 61.71 -16.86
C GLY F 277 -18.89 60.92 -15.86
N LEU F 278 -18.26 60.05 -15.09
CA LEU F 278 -18.94 59.31 -14.04
C LEU F 278 -18.30 59.63 -12.69
N PRO F 279 -19.07 59.61 -11.61
CA PRO F 279 -18.46 59.71 -10.28
C PRO F 279 -17.61 58.47 -10.00
N ALA F 280 -16.34 58.69 -9.65
CA ALA F 280 -15.41 57.59 -9.40
C ALA F 280 -14.41 58.02 -8.34
N LYS F 281 -13.84 57.02 -7.65
CA LYS F 281 -12.80 57.27 -6.66
C LYS F 281 -11.75 56.18 -6.74
N SER F 282 -10.51 56.57 -6.99
CA SER F 282 -9.40 55.64 -7.03
C SER F 282 -8.67 55.61 -5.68
N GLY F 283 -7.76 54.63 -5.56
CA GLY F 283 -6.99 54.41 -4.35
C GLY F 283 -5.68 53.72 -4.70
N VAL F 284 -4.73 53.81 -3.78
CA VAL F 284 -3.38 53.40 -4.11
C VAL F 284 -3.23 51.87 -4.13
N ALA F 285 -4.20 51.14 -3.58
CA ALA F 285 -4.24 49.69 -3.73
C ALA F 285 -4.59 49.26 -5.14
N GLY F 286 -5.02 50.18 -6.00
CA GLY F 286 -5.43 49.86 -7.35
C GLY F 286 -6.92 49.73 -7.54
N GLY F 287 -7.71 50.04 -6.50
CA GLY F 287 -9.14 50.04 -6.65
C GLY F 287 -9.65 51.29 -7.35
N ILE F 288 -10.73 51.13 -8.11
CA ILE F 288 -11.53 52.26 -8.60
C ILE F 288 -12.99 51.97 -8.30
N LEU F 289 -13.55 52.69 -7.33
CA LEU F 289 -14.97 52.66 -7.04
C LEU F 289 -15.70 53.53 -8.05
N LEU F 290 -16.58 52.93 -8.88
CA LEU F 290 -17.28 53.65 -9.96
C LEU F 290 -18.79 53.58 -9.76
N VAL F 291 -19.46 54.70 -9.99
CA VAL F 291 -20.91 54.80 -9.82
C VAL F 291 -21.53 55.26 -11.14
N VAL F 292 -22.50 54.49 -11.63
CA VAL F 292 -23.36 54.92 -12.72
C VAL F 292 -24.72 55.23 -12.11
N PRO F 293 -25.03 56.50 -11.88
CA PRO F 293 -26.23 56.83 -11.08
C PRO F 293 -27.49 56.20 -11.68
N ASN F 294 -28.35 55.68 -10.80
CA ASN F 294 -29.59 55.00 -11.14
C ASN F 294 -29.39 53.78 -12.02
N VAL F 295 -28.16 53.29 -12.19
CA VAL F 295 -27.95 52.10 -12.99
C VAL F 295 -27.20 51.05 -12.19
N MET F 296 -25.98 51.35 -11.72
CA MET F 296 -25.17 50.32 -11.10
C MET F 296 -23.98 50.93 -10.37
N GLY F 297 -23.43 50.14 -9.45
CA GLY F 297 -22.13 50.39 -8.86
C GLY F 297 -21.13 49.36 -9.35
N MET F 298 -19.86 49.75 -9.38
CA MET F 298 -18.79 48.87 -9.79
C MET F 298 -17.56 49.11 -8.93
N MET F 299 -16.73 48.07 -8.84
CA MET F 299 -15.38 48.17 -8.31
C MET F 299 -14.45 47.44 -9.27
N CYS F 300 -13.48 48.17 -9.84
CA CYS F 300 -12.38 47.60 -10.61
C CYS F 300 -11.16 47.58 -9.72
N TRP F 301 -10.33 46.55 -9.87
CA TRP F 301 -9.16 46.47 -9.03
C TRP F 301 -8.02 45.83 -9.79
N SER F 302 -6.93 46.57 -9.91
CA SER F 302 -5.68 46.05 -10.42
C SER F 302 -4.54 46.88 -9.84
N PRO F 303 -3.63 46.25 -9.09
CA PRO F 303 -2.62 46.98 -8.29
C PRO F 303 -1.71 47.91 -9.07
N PRO F 304 -1.28 47.61 -10.30
CA PRO F 304 -0.30 48.52 -10.95
C PRO F 304 -0.94 49.87 -11.28
N LEU F 305 -0.24 50.94 -10.92
CA LEU F 305 -0.75 52.30 -11.01
C LEU F 305 0.00 53.08 -12.09
N ASP F 306 -0.70 54.04 -12.72
CA ASP F 306 0.02 54.96 -13.59
C ASP F 306 0.71 56.02 -12.74
N LYS F 307 1.38 56.95 -13.43
CA LYS F 307 2.13 58.02 -12.78
C LYS F 307 1.25 58.93 -11.95
N MET F 308 -0.04 59.02 -12.22
CA MET F 308 -0.92 59.83 -11.40
C MET F 308 -1.55 59.05 -10.24
N GLY F 309 -1.24 57.76 -10.09
CA GLY F 309 -1.76 57.02 -8.97
C GLY F 309 -3.05 56.26 -9.23
N ASN F 310 -3.49 56.15 -10.48
CA ASN F 310 -4.70 55.43 -10.81
C ASN F 310 -4.37 54.09 -11.46
N SER F 311 -5.17 53.07 -11.15
CA SER F 311 -4.98 51.74 -11.73
C SER F 311 -4.98 51.79 -13.25
N VAL F 312 -3.91 51.27 -13.87
CA VAL F 312 -3.79 51.28 -15.33
C VAL F 312 -4.93 50.51 -15.97
N LYS F 313 -5.19 49.29 -15.49
CA LYS F 313 -6.27 48.49 -16.08
C LYS F 313 -7.63 49.12 -15.83
N GLY F 314 -7.85 49.63 -14.62
CA GLY F 314 -9.14 50.23 -14.30
C GLY F 314 -9.44 51.44 -15.16
N ILE F 315 -8.44 52.29 -15.37
CA ILE F 315 -8.63 53.47 -16.21
C ILE F 315 -9.00 53.05 -17.64
N HIS F 316 -8.23 52.12 -18.20
CA HIS F 316 -8.54 51.61 -19.54
C HIS F 316 -9.96 51.06 -19.59
N PHE F 317 -10.35 50.28 -18.57
CA PHE F 317 -11.70 49.72 -18.52
C PHE F 317 -12.77 50.81 -18.43
N CYS F 318 -12.55 51.84 -17.60
CA CYS F 318 -13.55 52.91 -17.49
C CYS F 318 -13.74 53.62 -18.82
N HIS F 319 -12.66 53.89 -19.55
CA HIS F 319 -12.79 54.53 -20.85
C HIS F 319 -13.62 53.68 -21.81
N ASP F 320 -13.28 52.38 -21.89
CA ASP F 320 -13.99 51.48 -22.80
C ASP F 320 -15.45 51.35 -22.42
N LEU F 321 -15.74 51.33 -21.11
CA LEU F 321 -17.11 51.14 -20.64
C LEU F 321 -18.02 52.26 -21.14
N VAL F 322 -17.55 53.51 -21.05
CA VAL F 322 -18.37 54.66 -21.42
C VAL F 322 -18.50 54.76 -22.93
N SER F 323 -17.43 54.44 -23.65
CA SER F 323 -17.39 54.39 -25.10
C SER F 323 -18.18 53.21 -25.69
N LEU F 324 -18.91 52.46 -24.87
CA LEU F 324 -19.68 51.31 -25.35
C LEU F 324 -21.13 51.34 -24.91
N CYS F 325 -21.41 51.72 -23.66
CA CYS F 325 -22.78 51.78 -23.14
C CYS F 325 -23.36 53.19 -23.14
N ASN F 326 -22.59 54.21 -23.54
CA ASN F 326 -23.05 55.59 -23.48
C ASN F 326 -23.52 55.97 -22.08
N PHE F 327 -22.66 55.68 -21.10
CA PHE F 327 -22.93 55.99 -19.70
C PHE F 327 -22.45 57.38 -19.28
N HIS F 328 -21.73 58.11 -20.16
CA HIS F 328 -21.24 59.44 -19.83
C HIS F 328 -22.39 60.32 -19.35
N ASN F 329 -22.10 61.13 -18.33
CA ASN F 329 -23.10 61.98 -17.70
C ASN F 329 -23.89 62.82 -18.70
N TYR F 330 -23.26 63.27 -19.79
CA TYR F 330 -23.87 64.16 -20.78
C TYR F 330 -23.96 63.47 -22.14
N ASP F 331 -24.18 62.15 -22.12
CA ASP F 331 -24.33 61.37 -23.36
C ASP F 331 -25.76 61.40 -23.90
N GLY G 18 -15.09 12.24 62.47
CA GLY G 18 -15.39 11.09 63.28
C GLY G 18 -15.76 9.82 62.52
N SER G 19 -15.37 9.75 61.25
CA SER G 19 -15.63 8.58 60.42
C SER G 19 -14.45 7.61 60.50
N MET G 20 -14.73 6.37 60.89
CA MET G 20 -13.69 5.39 61.20
C MET G 20 -13.41 4.44 60.04
N ILE G 21 -13.10 5.04 58.90
CA ILE G 21 -12.28 4.39 57.88
C ILE G 21 -10.92 5.08 58.01
N PRO G 22 -10.00 4.54 58.83
CA PRO G 22 -8.72 5.21 59.05
C PRO G 22 -7.90 5.39 57.78
N ASP G 23 -7.64 4.31 57.04
CA ASP G 23 -6.90 4.37 55.78
C ASP G 23 -7.84 4.02 54.64
N PHE G 24 -8.22 5.03 53.84
CA PHE G 24 -9.15 4.81 52.74
C PHE G 24 -8.59 3.81 51.74
N MET G 25 -7.28 3.85 51.50
CA MET G 25 -6.68 2.96 50.50
C MET G 25 -6.73 1.50 50.96
N SER G 26 -6.51 1.26 52.26
CA SER G 26 -6.66 -0.12 52.75
C SER G 26 -8.12 -0.56 52.70
N PHE G 27 -9.05 0.37 52.91
CA PHE G 27 -10.47 0.06 52.80
C PHE G 27 -10.84 -0.32 51.37
N THR G 28 -10.40 0.48 50.38
CA THR G 28 -10.72 0.13 49.00
C THR G 28 -10.11 -1.20 48.61
N SER G 29 -8.95 -1.54 49.16
CA SER G 29 -8.37 -2.85 48.93
C SER G 29 -9.28 -3.95 49.44
N HIS G 30 -9.97 -3.71 50.56
CA HIS G 30 -10.93 -4.69 51.06
C HIS G 30 -12.20 -4.72 50.21
N ILE G 31 -12.66 -3.55 49.74
CA ILE G 31 -13.80 -3.52 48.83
C ILE G 31 -13.53 -4.39 47.62
N ASP G 32 -12.32 -4.26 47.04
CA ASP G 32 -11.97 -5.03 45.84
C ASP G 32 -12.01 -6.53 46.12
N GLU G 33 -11.48 -6.96 47.28
CA GLU G 33 -11.50 -8.39 47.61
C GLU G 33 -12.92 -8.92 47.73
N LEU G 34 -13.79 -8.16 48.40
CA LEU G 34 -15.20 -8.54 48.51
C LEU G 34 -15.87 -8.52 47.14
N TYR G 35 -15.57 -7.50 46.33
CA TYR G 35 -16.04 -7.47 44.95
C TYR G 35 -15.69 -8.78 44.24
N GLU G 36 -14.43 -9.23 44.38
CA GLU G 36 -13.99 -10.42 43.68
C GLU G 36 -14.67 -11.67 44.22
N SER G 37 -14.86 -11.74 45.54
CA SER G 37 -15.57 -12.86 46.12
C SER G 37 -17.00 -12.94 45.61
N ALA G 38 -17.73 -11.81 45.65
CA ALA G 38 -19.10 -11.79 45.14
C ALA G 38 -19.16 -12.18 43.68
N LYS G 39 -18.11 -11.89 42.91
CA LYS G 39 -18.10 -12.12 41.47
C LYS G 39 -18.35 -13.58 41.13
N LYS G 40 -17.93 -14.50 42.01
CA LYS G 40 -18.12 -15.93 41.78
C LYS G 40 -19.56 -16.38 41.99
N GLN G 41 -20.42 -15.56 42.59
CA GLN G 41 -21.82 -15.93 42.83
C GLN G 41 -22.60 -15.74 41.53
N SER G 42 -22.80 -16.84 40.80
CA SER G 42 -23.39 -16.77 39.48
C SER G 42 -24.88 -17.08 39.45
N GLY G 43 -25.50 -17.41 40.59
CA GLY G 43 -26.90 -17.75 40.62
C GLY G 43 -27.79 -16.55 40.34
N GLY G 44 -29.10 -16.83 40.35
CA GLY G 44 -30.08 -15.77 40.17
C GLY G 44 -30.55 -15.66 38.73
N LYS G 45 -31.61 -14.88 38.55
CA LYS G 45 -32.24 -14.72 37.25
C LYS G 45 -32.40 -13.24 36.93
N VAL G 46 -31.97 -12.85 35.73
CA VAL G 46 -32.18 -11.50 35.25
C VAL G 46 -33.67 -11.28 35.02
N ALA G 47 -34.19 -10.15 35.49
CA ALA G 47 -35.62 -9.89 35.32
C ALA G 47 -35.96 -9.82 33.83
N ASP G 48 -37.11 -10.40 33.46
CA ASP G 48 -37.41 -10.45 32.04
C ASP G 48 -38.87 -10.10 31.74
N TYR G 49 -39.56 -9.41 32.63
CA TYR G 49 -40.96 -9.09 32.32
C TYR G 49 -41.08 -8.02 31.26
N ILE G 50 -40.08 -7.15 31.10
CA ILE G 50 -39.99 -6.31 29.89
C ILE G 50 -38.67 -6.55 29.17
N PRO G 51 -38.61 -6.34 27.84
CA PRO G 51 -37.35 -6.59 27.12
C PRO G 51 -36.21 -5.70 27.57
N GLN G 52 -36.49 -4.46 27.99
CA GLN G 52 -35.42 -3.57 28.40
C GLN G 52 -34.68 -4.08 29.63
N LEU G 53 -35.28 -4.99 30.41
CA LEU G 53 -34.56 -5.63 31.51
C LEU G 53 -33.95 -6.94 31.09
N ALA G 54 -34.69 -7.72 30.30
CA ALA G 54 -34.21 -9.02 29.85
C ALA G 54 -32.94 -8.91 29.02
N LYS G 55 -32.62 -7.72 28.50
CA LYS G 55 -31.44 -7.55 27.65
C LYS G 55 -30.16 -7.71 28.45
N PHE G 56 -30.20 -7.42 29.74
CA PHE G 56 -28.97 -7.13 30.47
C PHE G 56 -28.19 -8.42 30.69
N SER G 57 -26.86 -8.32 30.59
CA SER G 57 -26.00 -9.47 30.80
C SER G 57 -26.00 -9.88 32.28
N PRO G 58 -26.09 -11.18 32.58
CA PRO G 58 -25.97 -11.62 33.98
C PRO G 58 -24.59 -11.38 34.56
N ASP G 59 -23.59 -11.05 33.76
CA ASP G 59 -22.22 -10.94 34.24
C ASP G 59 -21.82 -9.52 34.60
N LEU G 60 -22.64 -8.52 34.29
CA LEU G 60 -22.36 -7.16 34.75
C LEU G 60 -22.37 -7.10 36.28
N TRP G 61 -21.39 -6.41 36.87
CA TRP G 61 -21.22 -6.39 38.32
C TRP G 61 -20.38 -5.17 38.65
N GLY G 62 -20.96 -4.20 39.36
CA GLY G 62 -20.26 -2.98 39.71
C GLY G 62 -20.52 -2.59 41.16
N VAL G 63 -19.50 -2.01 41.80
CA VAL G 63 -19.58 -1.47 43.15
C VAL G 63 -18.90 -0.10 43.15
N SER G 64 -19.64 0.92 43.55
CA SER G 64 -19.08 2.25 43.76
C SER G 64 -19.34 2.68 45.20
N VAL G 65 -18.34 3.31 45.82
CA VAL G 65 -18.46 3.89 47.14
C VAL G 65 -18.12 5.37 47.03
N CYS G 66 -18.85 6.18 47.80
CA CYS G 66 -18.55 7.60 47.94
C CYS G 66 -18.68 7.92 49.43
N THR G 67 -17.57 8.30 50.07
CA THR G 67 -17.59 8.56 51.50
C THR G 67 -18.22 9.92 51.77
N VAL G 68 -18.49 10.19 53.06
CA VAL G 68 -19.03 11.49 53.44
C VAL G 68 -17.97 12.57 53.28
N ASP G 69 -16.68 12.18 53.20
CA ASP G 69 -15.58 13.07 52.85
C ASP G 69 -15.62 13.50 51.39
N GLY G 70 -16.16 12.65 50.52
CA GLY G 70 -16.03 12.85 49.09
C GLY G 70 -15.03 11.95 48.42
N GLN G 71 -14.44 11.00 49.15
CA GLN G 71 -13.53 10.06 48.51
C GLN G 71 -14.33 9.03 47.73
N ARG G 72 -13.78 8.60 46.58
CA ARG G 72 -14.48 7.75 45.63
C ARG G 72 -13.68 6.49 45.37
N HIS G 73 -14.41 5.41 45.06
CA HIS G 73 -13.78 4.18 44.60
C HIS G 73 -14.82 3.34 43.88
N SER G 74 -14.45 2.85 42.69
CA SER G 74 -15.32 1.97 41.93
C SER G 74 -14.53 0.75 41.48
N THR G 75 -15.25 -0.36 41.33
CA THR G 75 -14.70 -1.59 40.76
C THR G 75 -15.76 -2.25 39.91
N GLY G 76 -15.35 -2.74 38.74
CA GLY G 76 -16.27 -3.40 37.83
C GLY G 76 -17.03 -2.41 36.96
N ASP G 77 -18.28 -2.78 36.61
CA ASP G 77 -19.04 -2.09 35.57
C ASP G 77 -19.83 -0.92 36.15
N THR G 78 -19.10 0.13 36.52
CA THR G 78 -19.65 1.23 37.29
C THR G 78 -20.07 2.42 36.45
N LYS G 79 -19.95 2.34 35.12
CA LYS G 79 -20.36 3.42 34.24
C LYS G 79 -21.40 2.97 33.24
N VAL G 80 -21.96 1.78 33.41
CA VAL G 80 -23.02 1.27 32.55
C VAL G 80 -24.35 1.76 33.12
N PRO G 81 -25.12 2.57 32.39
CA PRO G 81 -26.38 3.09 32.94
C PRO G 81 -27.42 2.00 33.10
N PHE G 82 -28.27 2.15 34.11
CA PHE G 82 -29.36 1.22 34.37
C PHE G 82 -30.47 1.97 35.11
N CYS G 83 -31.68 1.41 35.07
CA CYS G 83 -32.83 2.11 35.65
C CYS G 83 -32.88 1.95 37.17
N LEU G 84 -33.24 3.03 37.84
CA LEU G 84 -33.40 3.00 39.28
C LEU G 84 -34.46 1.96 39.69
N GLN G 85 -35.60 1.94 38.99
CA GLN G 85 -36.74 1.08 39.37
C GLN G 85 -37.06 1.39 40.83
N SER G 86 -37.21 0.39 41.71
CA SER G 86 -37.64 0.67 43.09
C SER G 86 -36.59 1.47 43.87
N CYS G 87 -35.34 1.47 43.41
CA CYS G 87 -34.31 2.29 44.06
C CYS G 87 -34.70 3.75 44.10
N VAL G 88 -35.60 4.21 43.20
CA VAL G 88 -36.01 5.61 43.28
C VAL G 88 -37.00 5.86 44.42
N LYS G 89 -37.62 4.81 44.98
CA LYS G 89 -38.70 5.06 45.94
C LYS G 89 -38.24 5.82 47.19
N PRO G 90 -37.11 5.49 47.82
CA PRO G 90 -36.66 6.32 48.97
C PRO G 90 -36.33 7.74 48.58
N LEU G 91 -35.87 7.96 47.34
CA LEU G 91 -35.51 9.30 46.91
C LEU G 91 -36.74 10.18 46.71
N LYS G 92 -37.81 9.67 46.08
CA LYS G 92 -38.97 10.55 45.96
C LYS G 92 -39.70 10.70 47.29
N TYR G 93 -39.63 9.72 48.18
CA TYR G 93 -40.17 9.91 49.53
C TYR G 93 -39.41 11.02 50.25
N ALA G 94 -38.07 11.03 50.13
CA ALA G 94 -37.27 12.09 50.72
C ALA G 94 -37.68 13.46 50.17
N ILE G 95 -37.86 13.57 48.86
CA ILE G 95 -38.31 14.84 48.27
C ILE G 95 -39.65 15.25 48.86
N ALA G 96 -40.58 14.29 49.00
CA ALA G 96 -41.90 14.64 49.51
C ALA G 96 -41.82 15.12 50.96
N VAL G 97 -41.05 14.41 51.80
CA VAL G 97 -40.91 14.84 53.20
C VAL G 97 -40.19 16.19 53.25
N ASN G 98 -39.18 16.36 52.40
CA ASN G 98 -38.42 17.60 52.37
C ASN G 98 -39.30 18.81 52.11
N ASP G 99 -40.21 18.70 51.14
CA ASP G 99 -41.08 19.80 50.76
C ASP G 99 -42.31 19.93 51.65
N LEU G 100 -42.83 18.83 52.21
CA LEU G 100 -44.14 18.85 52.83
C LEU G 100 -44.15 18.50 54.32
N GLY G 101 -43.10 17.88 54.85
CA GLY G 101 -43.04 17.51 56.26
C GLY G 101 -43.58 16.12 56.53
N THR G 102 -43.04 15.51 57.61
CA THR G 102 -43.40 14.14 57.98
C THR G 102 -44.91 13.97 58.11
N GLU G 103 -45.57 14.90 58.83
CA GLU G 103 -46.95 14.69 59.24
C GLU G 103 -47.89 14.67 58.03
N TYR G 104 -47.73 15.64 57.12
CA TYR G 104 -48.56 15.66 55.92
C TYR G 104 -48.35 14.40 55.08
N VAL G 105 -47.10 14.02 54.83
CA VAL G 105 -46.85 12.84 53.98
C VAL G 105 -47.51 11.61 54.60
N HIS G 106 -47.40 11.45 55.92
CA HIS G 106 -47.91 10.23 56.52
C HIS G 106 -49.39 10.30 56.87
N ARG G 107 -50.09 11.37 56.45
CA ARG G 107 -51.54 11.28 56.30
C ARG G 107 -51.93 10.34 55.18
N TYR G 108 -51.05 10.11 54.21
CA TYR G 108 -51.38 9.34 53.02
C TYR G 108 -50.71 7.98 52.96
N VAL G 109 -49.69 7.73 53.78
CA VAL G 109 -48.94 6.49 53.63
C VAL G 109 -48.43 6.06 55.00
N GLY G 110 -48.40 4.74 55.21
CA GLY G 110 -47.97 4.18 56.47
C GLY G 110 -46.47 4.30 56.69
N LYS G 111 -46.02 3.70 57.79
CA LYS G 111 -44.66 3.88 58.30
C LYS G 111 -43.98 2.57 58.65
N GLU G 112 -44.48 1.42 58.20
CA GLU G 112 -43.88 0.20 58.71
C GLU G 112 -44.07 -0.93 57.71
N PRO G 113 -43.30 -2.02 57.86
CA PRO G 113 -43.45 -3.19 56.99
C PRO G 113 -44.85 -3.80 57.08
N SER G 114 -45.22 -4.51 56.02
CA SER G 114 -46.55 -5.12 55.95
C SER G 114 -46.70 -6.37 56.85
N GLY G 115 -45.72 -7.27 56.94
CA GLY G 115 -44.56 -7.42 56.09
C GLY G 115 -44.57 -8.82 55.50
N ASN G 119 -46.24 -9.40 50.61
CA ASN G 119 -47.65 -9.13 50.89
C ASN G 119 -48.43 -8.68 49.65
N LYS G 120 -49.63 -9.21 49.51
CA LYS G 120 -50.43 -8.98 48.31
C LYS G 120 -51.46 -7.87 48.47
N LEU G 121 -51.71 -7.40 49.70
CA LEU G 121 -52.74 -6.40 49.93
C LEU G 121 -52.26 -5.00 49.56
N PHE G 122 -53.15 -4.22 48.95
CA PHE G 122 -52.81 -2.85 48.57
C PHE G 122 -52.79 -1.88 49.75
N LEU G 123 -53.60 -2.13 50.79
CA LEU G 123 -53.79 -1.15 51.86
C LEU G 123 -53.73 -1.82 53.22
N ASN G 124 -53.24 -1.08 54.21
CA ASN G 124 -53.31 -1.55 55.57
C ASN G 124 -54.72 -1.31 56.14
N GLU G 125 -54.91 -1.71 57.39
CA GLU G 125 -56.19 -1.57 58.10
C GLU G 125 -56.69 -0.13 58.12
N ASP G 126 -55.79 0.85 58.14
CA ASP G 126 -56.18 2.25 58.09
C ASP G 126 -56.48 2.76 56.68
N ASP G 127 -56.62 1.88 55.68
CA ASP G 127 -56.83 2.27 54.28
C ASP G 127 -55.71 3.17 53.74
N LYS G 128 -54.49 2.97 54.22
CA LYS G 128 -53.34 3.64 53.64
C LYS G 128 -52.36 2.57 53.17
N PRO G 129 -51.58 2.85 52.10
CA PRO G 129 -50.52 1.91 51.72
C PRO G 129 -49.54 1.74 52.87
N HIS G 130 -48.99 0.53 52.99
CA HIS G 130 -48.27 0.18 54.23
C HIS G 130 -47.09 1.09 54.48
N ASN G 131 -46.38 1.48 53.42
CA ASN G 131 -45.19 2.31 53.57
C ASN G 131 -44.74 2.79 52.20
N PRO G 132 -43.82 3.77 52.12
CA PRO G 132 -43.42 4.31 50.80
C PRO G 132 -42.59 3.37 49.95
N MET G 133 -42.09 2.25 50.49
CA MET G 133 -41.23 1.35 49.73
C MET G 133 -41.98 0.28 48.95
N VAL G 134 -43.29 0.15 49.11
CA VAL G 134 -44.05 -0.79 48.28
C VAL G 134 -44.77 0.02 47.20
N ASN G 135 -45.20 -0.67 46.13
CA ASN G 135 -45.69 0.03 44.95
C ASN G 135 -46.86 0.96 45.28
N ALA G 136 -47.83 0.48 46.08
CA ALA G 136 -48.98 1.33 46.42
C ALA G 136 -48.54 2.59 47.16
N GLY G 137 -47.56 2.47 48.05
CA GLY G 137 -47.07 3.65 48.76
C GLY G 137 -46.30 4.60 47.85
N ALA G 138 -45.47 4.05 46.96
CA ALA G 138 -44.72 4.91 46.06
C ALA G 138 -45.66 5.66 45.12
N ILE G 139 -46.77 5.03 44.72
CA ILE G 139 -47.73 5.71 43.87
C ILE G 139 -48.39 6.87 44.60
N VAL G 140 -48.79 6.67 45.87
CA VAL G 140 -49.38 7.78 46.62
C VAL G 140 -48.34 8.88 46.85
N VAL G 141 -47.11 8.50 47.18
CA VAL G 141 -46.06 9.50 47.39
C VAL G 141 -45.85 10.33 46.13
N THR G 142 -45.85 9.65 44.96
CA THR G 142 -45.76 10.37 43.69
C THR G 142 -46.85 11.42 43.55
N SER G 143 -48.07 11.11 43.99
CA SER G 143 -49.16 12.08 43.90
C SER G 143 -48.96 13.28 44.82
N LEU G 144 -48.03 13.22 45.77
CA LEU G 144 -47.87 14.34 46.70
C LEU G 144 -46.88 15.39 46.20
N ILE G 145 -46.03 15.07 45.23
CA ILE G 145 -44.90 15.93 44.88
C ILE G 145 -45.34 17.02 43.91
N LYS G 146 -44.99 18.26 44.23
CA LYS G 146 -45.17 19.40 43.32
C LYS G 146 -46.58 19.42 42.72
N GLN G 147 -47.57 19.36 43.60
CA GLN G 147 -48.96 19.30 43.15
C GLN G 147 -49.34 20.58 42.43
N GLY G 148 -50.25 20.46 41.47
CA GLY G 148 -50.68 21.64 40.73
C GLY G 148 -50.06 21.78 39.35
N VAL G 149 -48.74 21.62 39.23
CA VAL G 149 -48.09 21.80 37.94
C VAL G 149 -48.31 20.56 37.10
N ASN G 150 -48.03 20.65 35.80
CA ASN G 150 -48.24 19.52 34.91
C ASN G 150 -47.11 18.51 35.07
N ASN G 151 -47.26 17.38 34.36
CA ASN G 151 -46.32 16.27 34.53
C ASN G 151 -44.92 16.63 34.06
N ALA G 152 -44.79 17.35 32.94
CA ALA G 152 -43.46 17.70 32.46
C ALA G 152 -42.71 18.48 33.52
N GLU G 153 -43.43 19.38 34.20
CA GLU G 153 -42.79 20.21 35.20
C GLU G 153 -42.54 19.43 36.49
N LYS G 154 -43.43 18.49 36.83
CA LYS G 154 -43.16 17.57 37.95
C LYS G 154 -41.87 16.78 37.70
N PHE G 155 -41.73 16.21 36.51
CA PHE G 155 -40.56 15.42 36.19
C PHE G 155 -39.28 16.26 36.25
N ASP G 156 -39.30 17.45 35.63
CA ASP G 156 -38.13 18.33 35.67
C ASP G 156 -37.75 18.66 37.11
N TYR G 157 -38.75 18.88 37.96
CA TYR G 157 -38.51 19.17 39.37
C TYR G 157 -37.74 18.05 40.05
N VAL G 158 -38.18 16.81 39.86
CA VAL G 158 -37.49 15.69 40.51
C VAL G 158 -36.12 15.49 39.88
N MET G 159 -36.01 15.66 38.56
CA MET G 159 -34.71 15.51 37.91
C MET G 159 -33.70 16.50 38.49
N GLN G 160 -34.11 17.75 38.71
CA GLN G 160 -33.24 18.73 39.34
C GLN G 160 -32.79 18.26 40.71
N PHE G 161 -33.73 17.70 41.48
CA PHE G 161 -33.39 17.20 42.80
C PHE G 161 -32.40 16.05 42.73
N LEU G 162 -32.63 15.08 41.83
CA LEU G 162 -31.70 13.96 41.70
C LEU G 162 -30.32 14.42 41.23
N ASN G 163 -30.29 15.45 40.37
CA ASN G 163 -28.99 16.02 39.97
C ASN G 163 -28.24 16.55 41.19
N LYS G 164 -28.92 17.29 42.08
CA LYS G 164 -28.28 17.77 43.29
C LYS G 164 -27.82 16.61 44.18
N MET G 165 -28.65 15.58 44.32
CA MET G 165 -28.26 14.44 45.14
C MET G 165 -27.03 13.76 44.59
N ALA G 166 -26.93 13.64 43.26
CA ALA G 166 -25.81 12.98 42.62
C ALA G 166 -24.64 13.93 42.35
N GLY G 167 -24.69 15.16 42.86
CA GLY G 167 -23.65 16.13 42.57
C GLY G 167 -23.39 16.29 41.10
N ASN G 168 -24.46 16.30 40.30
CA ASN G 168 -24.44 16.54 38.85
C ASN G 168 -23.77 15.43 38.06
N GLU G 169 -23.61 14.25 38.64
CA GLU G 169 -23.14 13.11 37.87
C GLU G 169 -24.32 12.48 37.12
N TYR G 170 -24.08 11.34 36.47
CA TYR G 170 -25.00 10.76 35.50
C TYR G 170 -26.42 10.54 36.05
N VAL G 171 -27.39 11.29 35.54
CA VAL G 171 -28.80 11.00 35.73
C VAL G 171 -29.45 11.07 34.35
N GLY G 172 -29.87 9.92 33.83
CA GLY G 172 -30.55 9.90 32.56
C GLY G 172 -31.98 9.43 32.62
N PHE G 173 -32.51 9.06 31.45
CA PHE G 173 -33.88 8.63 31.31
C PHE G 173 -33.96 7.58 30.21
N SER G 174 -34.59 6.45 30.50
CA SER G 174 -34.82 5.40 29.51
C SER G 174 -36.25 5.46 29.02
N ASN G 175 -36.44 6.05 27.83
CA ASN G 175 -37.77 6.13 27.25
C ASN G 175 -38.31 4.75 26.92
N ALA G 176 -37.45 3.81 26.52
CA ALA G 176 -37.92 2.48 26.16
C ALA G 176 -38.43 1.73 27.40
N THR G 177 -37.77 1.88 28.54
CA THR G 177 -38.26 1.27 29.76
C THR G 177 -39.60 1.87 30.17
N PHE G 178 -39.69 3.21 30.13
CA PHE G 178 -40.94 3.89 30.44
C PHE G 178 -42.10 3.38 29.58
N GLN G 179 -41.89 3.29 28.26
CA GLN G 179 -42.98 2.82 27.39
C GLN G 179 -43.37 1.39 27.71
N SER G 180 -42.39 0.51 27.96
CA SER G 180 -42.72 -0.88 28.25
C SER G 180 -43.37 -1.02 29.64
N GLU G 181 -42.90 -0.23 30.62
CA GLU G 181 -43.45 -0.34 31.96
C GLU G 181 -44.92 0.05 31.98
N ARG G 182 -45.24 1.19 31.36
CA ARG G 182 -46.63 1.62 31.28
C ARG G 182 -47.50 0.62 30.53
N GLU G 183 -47.03 0.13 29.37
CA GLU G 183 -47.84 -0.79 28.59
C GLU G 183 -48.13 -2.09 29.31
N SER G 184 -47.23 -2.58 30.16
CA SER G 184 -47.43 -3.86 30.80
C SER G 184 -47.77 -3.76 32.29
N GLY G 185 -47.99 -2.55 32.82
CA GLY G 185 -48.14 -2.42 34.25
C GLY G 185 -49.55 -2.58 34.78
N ASP G 186 -50.22 -3.70 34.44
CA ASP G 186 -51.61 -3.87 34.85
C ASP G 186 -51.75 -3.86 36.37
N ARG G 187 -50.78 -4.43 37.09
CA ARG G 187 -50.90 -4.44 38.54
C ARG G 187 -50.87 -3.03 39.11
N ASN G 188 -50.05 -2.15 38.53
CA ASN G 188 -50.01 -0.77 39.00
C ASN G 188 -51.29 -0.01 38.66
N PHE G 189 -51.92 -0.31 37.53
CA PHE G 189 -53.21 0.30 37.25
C PHE G 189 -54.29 -0.25 38.18
N ALA G 190 -54.20 -1.53 38.55
CA ALA G 190 -55.14 -2.07 39.52
C ALA G 190 -54.98 -1.36 40.86
N ILE G 191 -53.73 -1.11 41.26
CA ILE G 191 -53.47 -0.34 42.47
C ILE G 191 -54.01 1.08 42.33
N GLY G 192 -53.78 1.70 41.17
CA GLY G 192 -54.23 3.08 40.98
C GLY G 192 -55.73 3.22 41.15
N TYR G 193 -56.50 2.32 40.51
CA TYR G 193 -57.95 2.38 40.63
C TYR G 193 -58.43 2.05 42.04
N TYR G 194 -57.77 1.11 42.73
CA TYR G 194 -58.16 0.80 44.10
C TYR G 194 -57.90 1.98 45.03
N LEU G 195 -56.75 2.63 44.90
CA LEU G 195 -56.45 3.81 45.71
C LEU G 195 -57.43 4.94 45.44
N LYS G 196 -57.80 5.13 44.18
CA LYS G 196 -58.77 6.16 43.84
C LYS G 196 -60.11 5.85 44.50
N GLU G 197 -60.55 4.60 44.44
CA GLU G 197 -61.82 4.21 45.01
C GLU G 197 -61.84 4.38 46.54
N LYS G 198 -60.73 4.06 47.21
CA LYS G 198 -60.62 4.21 48.65
C LYS G 198 -60.19 5.63 49.06
N LYS G 199 -60.16 6.57 48.12
CA LYS G 199 -59.91 7.98 48.41
C LYS G 199 -58.54 8.21 49.05
N CYS G 200 -57.51 7.51 48.53
CA CYS G 200 -56.17 7.63 49.08
C CYS G 200 -55.37 8.80 48.52
N PHE G 201 -55.81 9.42 47.44
CA PHE G 201 -55.03 10.48 46.84
C PHE G 201 -55.46 11.83 47.38
N PRO G 202 -54.57 12.83 47.32
CA PRO G 202 -55.02 14.20 47.61
C PRO G 202 -56.15 14.58 46.68
N GLU G 203 -57.12 15.27 47.27
CA GLU G 203 -58.18 16.01 46.60
C GLU G 203 -57.73 16.57 45.24
N GLY G 204 -58.40 16.18 44.17
CA GLY G 204 -58.10 16.72 42.84
C GLY G 204 -57.06 15.97 42.01
N THR G 205 -56.72 14.74 42.38
CA THR G 205 -55.65 14.01 41.70
C THR G 205 -56.15 13.38 40.40
N ASP G 206 -55.40 13.55 39.32
CA ASP G 206 -55.62 12.81 38.08
C ASP G 206 -54.83 11.50 38.18
N MET G 207 -55.53 10.39 38.44
CA MET G 207 -54.86 9.14 38.80
C MET G 207 -54.05 8.58 37.64
N VAL G 208 -54.63 8.54 36.44
CA VAL G 208 -53.89 8.04 35.28
C VAL G 208 -52.62 8.88 35.04
N GLY G 209 -52.73 10.20 35.21
CA GLY G 209 -51.55 11.05 35.07
C GLY G 209 -50.50 10.76 36.13
N ILE G 210 -50.93 10.39 37.34
CA ILE G 210 -49.97 10.05 38.39
C ILE G 210 -49.23 8.77 38.02
N LEU G 211 -49.95 7.76 37.50
CA LEU G 211 -49.28 6.53 37.10
C LEU G 211 -48.22 6.78 36.02
N ASP G 212 -48.52 7.67 35.06
CA ASP G 212 -47.52 8.06 34.06
C ASP G 212 -46.26 8.61 34.72
N PHE G 213 -46.45 9.56 35.62
CA PHE G 213 -45.33 10.17 36.32
C PHE G 213 -44.55 9.10 37.10
N TYR G 214 -45.29 8.15 37.70
CA TYR G 214 -44.67 7.06 38.43
C TYR G 214 -43.82 6.16 37.51
N PHE G 215 -44.37 5.75 36.37
CA PHE G 215 -43.58 4.97 35.41
C PHE G 215 -42.33 5.73 34.96
N GLN G 216 -42.46 7.04 34.74
CA GLN G 216 -41.32 7.87 34.35
C GLN G 216 -40.22 7.84 35.39
N LEU G 217 -40.56 8.06 36.68
CA LEU G 217 -39.57 8.08 37.74
C LEU G 217 -38.85 6.76 37.86
N CYS G 218 -39.58 5.65 37.70
CA CYS G 218 -38.98 4.32 37.70
C CYS G 218 -37.99 4.16 36.56
N SER G 219 -38.12 4.96 35.50
CA SER G 219 -37.30 4.82 34.30
C SER G 219 -36.09 5.76 34.28
N ILE G 220 -35.85 6.49 35.37
CA ILE G 220 -34.65 7.31 35.46
C ILE G 220 -33.42 6.41 35.56
N GLU G 221 -32.38 6.75 34.80
CA GLU G 221 -31.17 5.95 34.70
C GLU G 221 -30.04 6.59 35.51
N VAL G 222 -29.21 5.75 36.10
CA VAL G 222 -28.02 6.17 36.82
C VAL G 222 -26.91 5.19 36.46
N THR G 223 -25.71 5.50 36.92
CA THR G 223 -24.65 4.49 36.99
C THR G 223 -24.38 4.19 38.46
N CYS G 224 -23.58 3.13 38.70
CA CYS G 224 -23.11 2.86 40.06
C CYS G 224 -22.44 4.08 40.64
N GLU G 225 -21.65 4.79 39.83
CA GLU G 225 -20.89 5.93 40.32
C GLU G 225 -21.81 7.09 40.73
N SER G 226 -22.76 7.45 39.88
CA SER G 226 -23.61 8.56 40.25
C SER G 226 -24.55 8.19 41.40
N ALA G 227 -25.00 6.93 41.43
CA ALA G 227 -25.95 6.53 42.47
C ALA G 227 -25.27 6.49 43.83
N SER G 228 -24.00 6.08 43.88
CA SER G 228 -23.27 6.06 45.15
C SER G 228 -23.18 7.44 45.76
N VAL G 229 -23.13 8.47 44.91
CA VAL G 229 -23.14 9.84 45.42
C VAL G 229 -24.51 10.19 46.01
N MET G 230 -25.60 9.74 45.36
CA MET G 230 -26.91 9.93 45.94
C MET G 230 -27.00 9.28 47.32
N ALA G 231 -26.50 8.04 47.44
CA ALA G 231 -26.51 7.36 48.73
C ALA G 231 -25.64 8.09 49.74
N ALA G 232 -24.51 8.65 49.29
CA ALA G 232 -23.62 9.37 50.19
C ALA G 232 -24.26 10.65 50.70
N THR G 233 -25.13 11.27 49.89
CA THR G 233 -25.88 12.42 50.37
C THR G 233 -26.78 12.02 51.54
N LEU G 234 -27.40 10.83 51.46
CA LEU G 234 -28.21 10.34 52.57
C LEU G 234 -27.34 9.97 53.76
N ALA G 235 -26.16 9.41 53.51
CA ALA G 235 -25.25 9.09 54.60
C ALA G 235 -24.71 10.34 55.28
N ASN G 236 -24.78 11.49 54.61
CA ASN G 236 -24.15 12.73 55.06
C ASN G 236 -25.18 13.75 55.53
N GLY G 237 -26.27 13.28 56.13
CA GLY G 237 -27.27 14.18 56.69
C GLY G 237 -27.94 15.10 55.70
N GLY G 238 -27.98 14.72 54.43
CA GLY G 238 -28.63 15.54 53.43
C GLY G 238 -27.73 16.51 52.70
N PHE G 239 -26.42 16.47 52.94
CA PHE G 239 -25.46 17.31 52.24
C PHE G 239 -24.72 16.48 51.21
N CYS G 240 -24.73 16.94 49.96
CA CYS G 240 -23.99 16.24 48.93
C CYS G 240 -22.50 16.30 49.23
N PRO G 241 -21.80 15.17 49.34
CA PRO G 241 -20.39 15.20 49.78
C PRO G 241 -19.41 15.72 48.74
N ILE G 242 -19.79 15.85 47.48
CA ILE G 242 -18.85 16.34 46.47
C ILE G 242 -19.18 17.75 46.02
N THR G 243 -20.22 18.38 46.59
CA THR G 243 -20.51 19.78 46.35
C THR G 243 -20.73 20.59 47.62
N GLY G 244 -20.89 19.94 48.77
CA GLY G 244 -21.25 20.62 50.00
C GLY G 244 -22.66 21.21 50.02
N GLU G 245 -23.43 21.05 48.95
CA GLU G 245 -24.77 21.60 48.87
C GLU G 245 -25.72 20.86 49.83
N ARG G 246 -26.61 21.61 50.46
CA ARG G 246 -27.69 21.01 51.23
C ARG G 246 -28.81 20.63 50.28
N VAL G 247 -29.12 19.34 50.22
CA VAL G 247 -30.11 18.82 49.28
C VAL G 247 -31.41 18.44 49.98
N LEU G 248 -31.32 17.80 51.13
CA LEU G 248 -32.49 17.31 51.84
C LEU G 248 -32.44 17.75 53.30
N SER G 249 -33.61 18.06 53.85
CA SER G 249 -33.70 18.38 55.27
C SER G 249 -33.26 17.19 56.13
N PRO G 250 -32.75 17.46 57.33
CA PRO G 250 -32.45 16.35 58.26
C PRO G 250 -33.65 15.46 58.51
N GLU G 251 -34.86 16.02 58.54
CA GLU G 251 -36.07 15.24 58.75
C GLU G 251 -36.29 14.24 57.61
N ALA G 252 -36.18 14.72 56.37
CA ALA G 252 -36.31 13.84 55.21
C ALA G 252 -35.31 12.69 55.30
N VAL G 253 -34.05 13.00 55.59
CA VAL G 253 -33.02 11.95 55.62
C VAL G 253 -33.34 10.91 56.67
N ARG G 254 -33.63 11.36 57.90
CA ARG G 254 -33.88 10.43 59.00
C ARG G 254 -35.04 9.50 58.68
N ASN G 255 -36.16 10.06 58.19
CA ASN G 255 -37.33 9.26 57.84
C ASN G 255 -36.98 8.25 56.74
N THR G 256 -36.28 8.72 55.70
CA THR G 256 -35.94 7.85 54.57
C THR G 256 -35.06 6.69 55.03
N LEU G 257 -34.06 6.98 55.87
CA LEU G 257 -33.19 5.90 56.33
C LEU G 257 -33.96 4.88 57.16
N SER G 258 -34.91 5.34 57.99
CA SER G 258 -35.63 4.40 58.87
C SER G 258 -36.44 3.40 58.05
N LEU G 259 -37.14 3.90 57.03
CA LEU G 259 -37.97 3.03 56.20
C LEU G 259 -37.11 2.18 55.25
N MET G 260 -35.96 2.68 54.80
CA MET G 260 -35.02 1.82 54.08
C MET G 260 -34.52 0.70 54.98
N HIS G 261 -34.27 1.02 56.26
CA HIS G 261 -33.78 0.00 57.17
C HIS G 261 -34.77 -1.16 57.30
N SER G 262 -36.08 -0.84 57.34
CA SER G 262 -37.07 -1.84 57.65
C SER G 262 -37.88 -2.34 56.46
N CYS G 263 -37.98 -1.57 55.37
CA CYS G 263 -38.88 -1.93 54.28
C CYS G 263 -38.16 -1.98 52.93
N GLY G 264 -36.83 -1.92 52.90
CA GLY G 264 -36.13 -1.61 51.67
C GLY G 264 -35.74 -2.75 50.76
N MET G 265 -35.83 -4.00 51.24
CA MET G 265 -35.34 -5.17 50.52
C MET G 265 -36.47 -6.15 50.21
N TYR G 266 -37.67 -5.63 49.90
CA TYR G 266 -38.83 -6.49 49.60
C TYR G 266 -39.10 -7.48 50.74
N ASP G 267 -39.43 -8.74 50.43
CA ASP G 267 -39.69 -9.70 51.50
C ASP G 267 -38.44 -10.12 52.26
N PHE G 268 -37.25 -9.76 51.79
CA PHE G 268 -36.03 -10.03 52.53
C PHE G 268 -35.73 -8.94 53.56
N SER G 269 -36.58 -7.91 53.68
CA SER G 269 -36.25 -6.74 54.49
C SER G 269 -36.00 -7.13 55.96
N GLY G 270 -36.80 -8.02 56.51
CA GLY G 270 -36.62 -8.41 57.91
C GLY G 270 -35.30 -9.14 58.14
N GLN G 271 -34.98 -10.10 57.25
CA GLN G 271 -33.69 -10.78 57.37
C GLN G 271 -32.54 -9.80 57.19
N PHE G 272 -32.69 -8.84 56.30
CA PHE G 272 -31.58 -7.95 55.99
C PHE G 272 -31.32 -6.98 57.15
N ALA G 273 -32.40 -6.43 57.71
CA ALA G 273 -32.24 -5.63 58.93
C ALA G 273 -31.54 -6.41 60.03
N PHE G 274 -31.87 -7.70 60.19
CA PHE G 274 -31.28 -8.46 61.29
C PHE G 274 -29.80 -8.77 61.04
N HIS G 275 -29.46 -9.29 59.85
CA HIS G 275 -28.09 -9.73 59.59
C HIS G 275 -27.16 -8.63 59.08
N VAL G 276 -27.68 -7.61 58.43
CA VAL G 276 -26.86 -6.55 57.86
C VAL G 276 -27.04 -5.24 58.62
N GLY G 277 -28.29 -4.87 58.90
CA GLY G 277 -28.53 -3.74 59.78
C GLY G 277 -28.13 -2.41 59.20
N LEU G 278 -28.16 -2.26 57.88
CA LEU G 278 -27.91 -0.99 57.24
C LEU G 278 -29.13 -0.57 56.42
N PRO G 279 -29.40 0.73 56.29
CA PRO G 279 -30.46 1.16 55.39
C PRO G 279 -30.05 0.86 53.94
N ALA G 280 -30.91 0.14 53.22
CA ALA G 280 -30.65 -0.24 51.84
C ALA G 280 -31.95 -0.29 51.07
N LYS G 281 -31.85 -0.17 49.74
CA LYS G 281 -33.01 -0.26 48.86
C LYS G 281 -32.61 -0.99 47.60
N SER G 282 -33.29 -2.10 47.31
CA SER G 282 -33.04 -2.82 46.07
C SER G 282 -34.05 -2.43 44.99
N GLY G 283 -33.78 -2.93 43.77
CA GLY G 283 -34.55 -2.62 42.58
C GLY G 283 -34.45 -3.76 41.58
N VAL G 284 -35.43 -3.83 40.68
CA VAL G 284 -35.51 -5.00 39.82
C VAL G 284 -34.43 -5.00 38.73
N ALA G 285 -33.76 -3.86 38.51
CA ALA G 285 -32.59 -3.82 37.63
C ALA G 285 -31.37 -4.51 38.24
N GLY G 286 -31.43 -4.89 39.51
CA GLY G 286 -30.28 -5.45 40.19
C GLY G 286 -29.48 -4.44 40.98
N GLY G 287 -29.95 -3.21 41.09
CA GLY G 287 -29.30 -2.25 41.96
C GLY G 287 -29.62 -2.50 43.43
N ILE G 288 -28.64 -2.20 44.29
CA ILE G 288 -28.85 -2.08 45.74
C ILE G 288 -28.17 -0.78 46.17
N LEU G 289 -28.98 0.23 46.48
CA LEU G 289 -28.52 1.47 47.06
C LEU G 289 -28.31 1.27 48.56
N LEU G 290 -27.07 1.43 49.04
CA LEU G 290 -26.68 1.08 50.41
C LEU G 290 -26.11 2.30 51.13
N VAL G 291 -26.53 2.53 52.38
CA VAL G 291 -26.11 3.70 53.15
C VAL G 291 -25.47 3.23 54.45
N VAL G 292 -24.26 3.73 54.71
CA VAL G 292 -23.61 3.59 56.01
C VAL G 292 -23.61 4.97 56.65
N PRO G 293 -24.56 5.26 57.55
CA PRO G 293 -24.73 6.63 58.05
C PRO G 293 -23.44 7.20 58.61
N ASN G 294 -23.17 8.47 58.29
CA ASN G 294 -21.97 9.20 58.68
C ASN G 294 -20.68 8.57 58.17
N VAL G 295 -20.75 7.61 57.26
CA VAL G 295 -19.53 7.01 56.73
C VAL G 295 -19.52 7.11 55.20
N MET G 296 -20.46 6.47 54.53
CA MET G 296 -20.40 6.40 53.08
C MET G 296 -21.73 5.97 52.48
N GLY G 297 -21.88 6.25 51.19
CA GLY G 297 -22.92 5.67 50.37
C GLY G 297 -22.30 4.70 49.37
N MET G 298 -23.07 3.68 49.00
CA MET G 298 -22.64 2.72 47.99
C MET G 298 -23.80 2.40 47.06
N MET G 299 -23.45 2.00 45.85
CA MET G 299 -24.37 1.38 44.90
C MET G 299 -23.73 0.10 44.39
N CYS G 300 -24.40 -1.02 44.64
CA CYS G 300 -24.05 -2.33 44.09
C CYS G 300 -25.00 -2.63 42.95
N TRP G 301 -24.49 -3.24 41.89
CA TRP G 301 -25.36 -3.52 40.75
C TRP G 301 -24.93 -4.80 40.05
N SER G 302 -25.85 -5.77 40.02
CA SER G 302 -25.69 -6.97 39.23
C SER G 302 -27.08 -7.49 38.88
N PRO G 303 -27.42 -7.59 37.59
CA PRO G 303 -28.81 -7.84 37.17
C PRO G 303 -29.44 -9.13 37.65
N PRO G 304 -28.72 -10.25 37.85
CA PRO G 304 -29.42 -11.48 38.26
C PRO G 304 -29.97 -11.36 39.69
N LEU G 305 -31.24 -11.70 39.86
CA LEU G 305 -31.97 -11.52 41.11
C LEU G 305 -32.30 -12.86 41.75
N ASP G 306 -32.36 -12.88 43.09
CA ASP G 306 -32.85 -14.07 43.75
C ASP G 306 -34.38 -14.11 43.69
N LYS G 307 -34.94 -15.17 44.29
CA LYS G 307 -36.37 -15.40 44.30
C LYS G 307 -37.13 -14.25 44.97
N MET G 308 -36.51 -13.53 45.88
CA MET G 308 -37.18 -12.39 46.50
C MET G 308 -36.99 -11.09 45.73
N GLY G 309 -36.24 -11.09 44.62
CA GLY G 309 -36.10 -9.88 43.83
C GLY G 309 -34.89 -9.04 44.15
N ASN G 310 -33.94 -9.54 44.93
CA ASN G 310 -32.74 -8.79 45.26
C ASN G 310 -31.55 -9.35 44.50
N SER G 311 -30.63 -8.46 44.12
CA SER G 311 -29.43 -8.88 43.37
C SER G 311 -28.64 -9.92 44.15
N VAL G 312 -28.38 -11.08 43.51
CA VAL G 312 -27.65 -12.15 44.18
C VAL G 312 -26.25 -11.70 44.62
N LYS G 313 -25.51 -11.09 43.69
CA LYS G 313 -24.16 -10.63 44.02
C LYS G 313 -24.19 -9.50 45.05
N GLY G 314 -25.11 -8.55 44.89
CA GLY G 314 -25.20 -7.45 45.82
C GLY G 314 -25.51 -7.90 47.24
N ILE G 315 -26.39 -8.89 47.38
CA ILE G 315 -26.74 -9.40 48.70
C ILE G 315 -25.53 -10.07 49.34
N HIS G 316 -24.83 -10.89 48.56
CA HIS G 316 -23.62 -11.55 49.06
C HIS G 316 -22.59 -10.51 49.49
N PHE G 317 -22.39 -9.48 48.67
CA PHE G 317 -21.47 -8.40 49.01
C PHE G 317 -21.88 -7.67 50.30
N CYS G 318 -23.16 -7.33 50.44
CA CYS G 318 -23.60 -6.63 51.65
C CYS G 318 -23.33 -7.44 52.91
N HIS G 319 -23.57 -8.75 52.86
CA HIS G 319 -23.30 -9.60 54.01
C HIS G 319 -21.81 -9.61 54.35
N ASP G 320 -20.95 -9.75 53.33
CA ASP G 320 -19.51 -9.75 53.54
C ASP G 320 -19.02 -8.41 54.07
N LEU G 321 -19.58 -7.31 53.56
CA LEU G 321 -19.13 -5.98 53.97
C LEU G 321 -19.30 -5.79 55.47
N VAL G 322 -20.45 -6.21 56.01
CA VAL G 322 -20.73 -5.99 57.43
C VAL G 322 -19.91 -6.94 58.29
N SER G 323 -19.72 -8.17 57.83
CA SER G 323 -18.89 -9.18 58.49
C SER G 323 -17.38 -8.90 58.37
N LEU G 324 -16.99 -7.72 57.93
CA LEU G 324 -15.59 -7.34 57.75
C LEU G 324 -15.26 -6.00 58.40
N CYS G 325 -16.12 -5.00 58.25
CA CYS G 325 -15.86 -3.67 58.77
C CYS G 325 -16.70 -3.35 59.99
N ASN G 326 -17.52 -4.29 60.47
CA ASN G 326 -18.39 -4.08 61.61
C ASN G 326 -19.21 -2.81 61.45
N PHE G 327 -19.87 -2.71 60.29
CA PHE G 327 -20.73 -1.59 59.94
C PHE G 327 -22.17 -1.76 60.40
N HIS G 328 -22.53 -2.94 60.93
CA HIS G 328 -23.89 -3.19 61.40
C HIS G 328 -24.33 -2.10 62.38
N ASN G 329 -25.60 -1.70 62.25
CA ASN G 329 -26.17 -0.63 63.08
C ASN G 329 -25.88 -0.82 64.57
N TYR G 330 -25.97 -2.06 65.07
CA TYR G 330 -25.81 -2.36 66.48
C TYR G 330 -24.54 -3.16 66.77
N ASP G 331 -23.49 -2.94 65.96
CA ASP G 331 -22.20 -3.60 66.17
C ASP G 331 -21.36 -2.87 67.22
N GLY H 18 29.30 -3.66 -58.89
CA GLY H 18 28.66 -2.46 -59.42
C GLY H 18 27.14 -2.52 -59.32
N SER H 19 26.54 -1.54 -58.65
CA SER H 19 25.12 -1.62 -58.27
C SER H 19 24.38 -0.36 -58.66
N MET H 20 23.04 -0.51 -58.69
CA MET H 20 22.10 0.56 -58.97
C MET H 20 21.56 1.20 -57.71
N ILE H 21 22.21 0.97 -56.57
CA ILE H 21 21.83 1.57 -55.30
C ILE H 21 23.08 2.28 -54.77
N PRO H 22 23.32 3.53 -55.17
CA PRO H 22 24.48 4.25 -54.63
C PRO H 22 24.40 4.52 -53.13
N ASP H 23 23.27 5.06 -52.65
CA ASP H 23 23.10 5.41 -51.24
C ASP H 23 21.98 4.54 -50.65
N PHE H 24 22.37 3.52 -49.88
CA PHE H 24 21.38 2.59 -49.32
C PHE H 24 20.40 3.31 -48.41
N MET H 25 20.86 4.32 -47.66
CA MET H 25 19.95 4.99 -46.74
C MET H 25 18.93 5.85 -47.47
N SER H 26 19.30 6.42 -48.61
CA SER H 26 18.31 7.13 -49.41
C SER H 26 17.34 6.16 -50.07
N PHE H 27 17.82 4.96 -50.42
CA PHE H 27 16.95 3.95 -50.99
C PHE H 27 15.92 3.46 -49.97
N THR H 28 16.36 3.14 -48.74
CA THR H 28 15.40 2.73 -47.71
C THR H 28 14.41 3.84 -47.40
N SER H 29 14.84 5.10 -47.52
CA SER H 29 13.90 6.20 -47.37
C SER H 29 12.80 6.13 -48.42
N HIS H 30 13.14 5.75 -49.65
CA HIS H 30 12.12 5.60 -50.69
C HIS H 30 11.26 4.36 -50.45
N ILE H 31 11.87 3.27 -49.98
CA ILE H 31 11.08 2.08 -49.65
C ILE H 31 9.98 2.44 -48.64
N ASP H 32 10.35 3.18 -47.60
CA ASP H 32 9.38 3.58 -46.58
C ASP H 32 8.25 4.41 -47.18
N GLU H 33 8.58 5.34 -48.09
CA GLU H 33 7.53 6.12 -48.75
C GLU H 33 6.59 5.23 -49.53
N LEU H 34 7.13 4.27 -50.28
CA LEU H 34 6.28 3.33 -51.03
C LEU H 34 5.45 2.47 -50.09
N TYR H 35 6.08 1.99 -49.00
CA TYR H 35 5.34 1.29 -47.95
C TYR H 35 4.13 2.10 -47.50
N GLU H 36 4.32 3.39 -47.22
CA GLU H 36 3.22 4.20 -46.72
C GLU H 36 2.13 4.39 -47.78
N SER H 37 2.54 4.60 -49.03
CA SER H 37 1.56 4.72 -50.11
C SER H 37 0.72 3.46 -50.24
N ALA H 38 1.38 2.30 -50.29
CA ALA H 38 0.66 1.03 -50.39
C ALA H 38 -0.27 0.82 -49.19
N LYS H 39 0.11 1.35 -48.02
CA LYS H 39 -0.66 1.12 -46.80
C LYS H 39 -2.10 1.60 -46.94
N LYS H 40 -2.32 2.62 -47.75
CA LYS H 40 -3.66 3.16 -47.97
C LYS H 40 -4.55 2.28 -48.85
N GLN H 41 -3.97 1.31 -49.57
CA GLN H 41 -4.75 0.44 -50.45
C GLN H 41 -5.42 -0.64 -49.60
N SER H 42 -6.68 -0.41 -49.26
CA SER H 42 -7.38 -1.24 -48.28
C SER H 42 -8.23 -2.35 -48.91
N GLY H 43 -8.30 -2.44 -50.24
CA GLY H 43 -9.14 -3.42 -50.87
C GLY H 43 -8.63 -4.84 -50.72
N GLY H 44 -9.40 -5.77 -51.27
CA GLY H 44 -9.00 -7.16 -51.28
C GLY H 44 -9.68 -7.96 -50.17
N LYS H 45 -9.50 -9.27 -50.24
CA LYS H 45 -10.15 -10.19 -49.32
C LYS H 45 -9.11 -11.15 -48.76
N VAL H 46 -9.07 -11.27 -47.43
CA VAL H 46 -8.21 -12.26 -46.78
C VAL H 46 -8.74 -13.64 -47.12
N ALA H 47 -7.82 -14.56 -47.46
CA ALA H 47 -8.23 -15.91 -47.81
C ALA H 47 -8.92 -16.57 -46.62
N ASP H 48 -10.01 -17.31 -46.89
CA ASP H 48 -10.73 -17.89 -45.78
C ASP H 48 -11.17 -19.33 -46.02
N TYR H 49 -10.53 -20.06 -46.92
CA TYR H 49 -10.97 -21.44 -47.12
C TYR H 49 -10.54 -22.36 -45.99
N ILE H 50 -9.51 -21.99 -45.22
CA ILE H 50 -9.25 -22.65 -43.92
C ILE H 50 -9.20 -21.61 -42.81
N PRO H 51 -9.52 -21.98 -41.56
CA PRO H 51 -9.52 -20.98 -40.48
C PRO H 51 -8.16 -20.36 -40.24
N GLN H 52 -7.08 -21.13 -40.44
CA GLN H 52 -5.74 -20.61 -40.17
C GLN H 52 -5.36 -19.45 -41.07
N LEU H 53 -6.04 -19.28 -42.21
CA LEU H 53 -5.83 -18.10 -43.04
C LEU H 53 -6.86 -17.02 -42.74
N ALA H 54 -8.11 -17.43 -42.56
CA ALA H 54 -9.16 -16.48 -42.25
C ALA H 54 -8.87 -15.68 -40.97
N LYS H 55 -8.01 -16.19 -40.08
CA LYS H 55 -7.72 -15.49 -38.82
C LYS H 55 -7.05 -14.15 -39.07
N PHE H 56 -6.30 -14.03 -40.17
CA PHE H 56 -5.30 -12.98 -40.25
C PHE H 56 -5.96 -11.62 -40.43
N SER H 57 -5.39 -10.61 -39.77
CA SER H 57 -5.88 -9.24 -39.90
C SER H 57 -5.64 -8.70 -41.32
N PRO H 58 -6.62 -8.02 -41.91
CA PRO H 58 -6.39 -7.36 -43.20
C PRO H 58 -5.39 -6.24 -43.12
N ASP H 59 -5.06 -5.74 -41.92
CA ASP H 59 -4.23 -4.56 -41.80
C ASP H 59 -2.75 -4.88 -41.64
N LEU H 60 -2.39 -6.15 -41.45
CA LEU H 60 -0.99 -6.52 -41.42
C LEU H 60 -0.33 -6.21 -42.76
N TRP H 61 0.84 -5.58 -42.73
CA TRP H 61 1.53 -5.11 -43.93
C TRP H 61 3.01 -4.97 -43.59
N GLY H 62 3.85 -5.77 -44.24
CA GLY H 62 5.29 -5.72 -44.00
C GLY H 62 6.12 -5.79 -45.26
N VAL H 63 7.22 -5.04 -45.32
CA VAL H 63 8.19 -5.11 -46.42
C VAL H 63 9.58 -5.27 -45.83
N SER H 64 10.30 -6.29 -46.26
CA SER H 64 11.71 -6.48 -45.89
C SER H 64 12.56 -6.54 -47.14
N VAL H 65 13.74 -5.94 -47.06
CA VAL H 65 14.72 -5.92 -48.14
C VAL H 65 16.03 -6.49 -47.59
N CYS H 66 16.65 -7.36 -48.38
CA CYS H 66 18.02 -7.81 -48.14
C CYS H 66 18.79 -7.70 -49.44
N THR H 67 19.80 -6.82 -49.48
CA THR H 67 20.59 -6.64 -50.69
C THR H 67 21.57 -7.79 -50.85
N VAL H 68 22.18 -7.85 -52.04
CA VAL H 68 23.19 -8.88 -52.28
C VAL H 68 24.46 -8.61 -51.48
N ASP H 69 24.62 -7.37 -51.00
CA ASP H 69 25.68 -7.02 -50.04
C ASP H 69 25.42 -7.60 -48.66
N GLY H 70 24.16 -7.76 -48.29
CA GLY H 70 23.80 -8.11 -46.94
C GLY H 70 23.22 -6.97 -46.13
N GLN H 71 22.93 -5.83 -46.76
CA GLN H 71 22.28 -4.75 -46.05
C GLN H 71 20.79 -5.06 -45.91
N ARG H 72 20.21 -4.65 -44.79
CA ARG H 72 18.85 -5.02 -44.43
C ARG H 72 18.01 -3.78 -44.17
N HIS H 73 16.71 -3.90 -44.43
CA HIS H 73 15.76 -2.87 -44.05
C HIS H 73 14.37 -3.48 -44.01
N SER H 74 13.64 -3.21 -42.92
CA SER H 74 12.26 -3.67 -42.80
C SER H 74 11.39 -2.50 -42.40
N THR H 75 10.10 -2.59 -42.76
CA THR H 75 9.10 -1.62 -42.35
C THR H 75 7.79 -2.36 -42.17
N GLY H 76 7.08 -2.05 -41.08
CA GLY H 76 5.81 -2.68 -40.80
C GLY H 76 5.97 -4.03 -40.10
N ASP H 77 5.05 -4.95 -40.39
CA ASP H 77 4.88 -6.18 -39.63
C ASP H 77 5.79 -7.29 -40.17
N THR H 78 7.09 -7.11 -39.98
CA THR H 78 8.08 -7.95 -40.63
C THR H 78 8.56 -9.11 -39.77
N LYS H 79 8.02 -9.27 -38.56
CA LYS H 79 8.40 -10.40 -37.70
C LYS H 79 7.20 -11.26 -37.32
N VAL H 80 6.07 -11.08 -37.99
CA VAL H 80 4.88 -11.90 -37.76
C VAL H 80 4.97 -13.11 -38.69
N PRO H 81 5.04 -14.34 -38.17
CA PRO H 81 5.19 -15.50 -39.04
C PRO H 81 3.92 -15.76 -39.85
N PHE H 82 4.12 -16.30 -41.06
CA PHE H 82 3.02 -16.67 -41.92
C PHE H 82 3.50 -17.80 -42.84
N CYS H 83 2.54 -18.53 -43.42
CA CYS H 83 2.88 -19.70 -44.21
C CYS H 83 3.33 -19.30 -45.61
N LEU H 84 4.36 -19.97 -46.10
CA LEU H 84 4.84 -19.73 -47.46
C LEU H 84 3.74 -19.98 -48.48
N GLN H 85 3.01 -21.09 -48.34
CA GLN H 85 1.98 -21.49 -49.32
C GLN H 85 2.68 -21.56 -50.67
N SER H 86 2.13 -20.97 -51.74
CA SER H 86 2.76 -21.11 -53.06
C SER H 86 4.14 -20.48 -53.15
N CYS H 87 4.47 -19.57 -52.23
CA CYS H 87 5.82 -19.01 -52.20
C CYS H 87 6.87 -20.09 -52.05
N VAL H 88 6.52 -21.26 -51.53
CA VAL H 88 7.53 -22.31 -51.42
C VAL H 88 7.80 -22.99 -52.77
N LYS H 89 6.94 -22.80 -53.76
CA LYS H 89 7.05 -23.57 -55.00
C LYS H 89 8.36 -23.29 -55.75
N PRO H 90 8.80 -22.04 -55.92
CA PRO H 90 10.12 -21.84 -56.56
C PRO H 90 11.26 -22.42 -55.74
N LEU H 91 11.12 -22.44 -54.41
CA LEU H 91 12.20 -22.94 -53.57
C LEU H 91 12.36 -24.44 -53.70
N LYS H 92 11.26 -25.20 -53.67
CA LYS H 92 11.46 -26.64 -53.81
C LYS H 92 11.85 -27.01 -55.24
N TYR H 93 11.43 -26.22 -56.24
CA TYR H 93 11.92 -26.47 -57.61
C TYR H 93 13.43 -26.24 -57.69
N ALA H 94 13.92 -25.16 -57.08
CA ALA H 94 15.35 -24.90 -57.05
C ALA H 94 16.11 -26.06 -56.40
N ILE H 95 15.58 -26.60 -55.30
CA ILE H 95 16.22 -27.75 -54.66
C ILE H 95 16.27 -28.94 -55.61
N ALA H 96 15.17 -29.21 -56.30
CA ALA H 96 15.13 -30.34 -57.22
C ALA H 96 16.14 -30.17 -58.35
N VAL H 97 16.21 -28.97 -58.94
CA VAL H 97 17.18 -28.75 -60.02
C VAL H 97 18.59 -28.81 -59.48
N ASN H 98 18.81 -28.25 -58.27
CA ASN H 98 20.12 -28.29 -57.63
C ASN H 98 20.62 -29.71 -57.47
N ASP H 99 19.75 -30.63 -57.01
CA ASP H 99 20.18 -32.00 -56.74
C ASP H 99 20.18 -32.87 -57.99
N LEU H 100 19.33 -32.58 -58.98
CA LEU H 100 19.06 -33.54 -60.04
C LEU H 100 19.33 -33.02 -61.45
N GLY H 101 19.48 -31.72 -61.65
CA GLY H 101 19.75 -31.11 -62.94
C GLY H 101 18.49 -30.78 -63.73
N THR H 102 18.62 -29.79 -64.61
CA THR H 102 17.49 -29.31 -65.43
C THR H 102 16.81 -30.44 -66.18
N GLU H 103 17.60 -31.30 -66.85
CA GLU H 103 17.04 -32.24 -67.81
C GLU H 103 16.18 -33.29 -67.13
N TYR H 104 16.65 -33.85 -66.02
CA TYR H 104 15.86 -34.82 -65.28
C TYR H 104 14.56 -34.22 -64.77
N VAL H 105 14.64 -33.06 -64.11
CA VAL H 105 13.43 -32.45 -63.55
C VAL H 105 12.40 -32.21 -64.65
N HIS H 106 12.84 -31.75 -65.82
CA HIS H 106 11.86 -31.40 -66.83
C HIS H 106 11.45 -32.57 -67.71
N ARG H 107 11.89 -33.79 -67.39
CA ARG H 107 11.18 -34.98 -67.87
C ARG H 107 9.80 -35.10 -67.26
N TYR H 108 9.59 -34.49 -66.09
CA TYR H 108 8.35 -34.65 -65.34
C TYR H 108 7.47 -33.42 -65.36
N VAL H 109 8.00 -32.24 -65.68
CA VAL H 109 7.24 -31.01 -65.57
C VAL H 109 7.63 -30.05 -66.68
N GLY H 110 6.63 -29.30 -67.15
CA GLY H 110 6.84 -28.34 -68.23
C GLY H 110 7.60 -27.11 -67.79
N LYS H 111 7.71 -26.17 -68.72
CA LYS H 111 8.60 -25.02 -68.59
C LYS H 111 7.95 -23.70 -68.96
N GLU H 112 6.63 -23.62 -69.04
CA GLU H 112 6.09 -22.36 -69.54
C GLU H 112 4.69 -22.13 -68.98
N PRO H 113 4.20 -20.89 -69.05
CA PRO H 113 2.82 -20.59 -68.62
C PRO H 113 1.78 -21.41 -69.35
N SER H 114 0.64 -21.58 -68.67
CA SER H 114 -0.44 -22.41 -69.18
C SER H 114 -1.13 -21.79 -70.40
N GLY H 115 -1.53 -20.51 -70.37
CA GLY H 115 -1.64 -19.64 -69.20
C GLY H 115 -3.09 -19.35 -68.87
N ASN H 119 -6.04 -21.54 -65.70
CA ASN H 119 -5.48 -22.89 -65.86
C ASN H 119 -6.32 -23.95 -65.13
N LYS H 120 -7.41 -24.37 -65.77
CA LYS H 120 -8.24 -25.41 -65.16
C LYS H 120 -7.70 -26.82 -65.42
N LEU H 121 -6.90 -27.00 -66.47
CA LEU H 121 -6.40 -28.33 -66.84
C LEU H 121 -5.22 -28.73 -65.96
N PHE H 122 -5.17 -30.01 -65.62
CA PHE H 122 -4.07 -30.52 -64.82
C PHE H 122 -2.79 -30.74 -65.62
N LEU H 123 -2.88 -31.08 -66.93
CA LEU H 123 -1.72 -31.47 -67.71
C LEU H 123 -1.72 -30.78 -69.07
N ASN H 124 -0.52 -30.50 -69.59
CA ASN H 124 -0.37 -29.97 -70.95
C ASN H 124 -0.52 -31.12 -71.96
N GLU H 125 -0.29 -30.83 -73.25
CA GLU H 125 -0.47 -31.84 -74.30
C GLU H 125 0.53 -32.98 -74.18
N ASP H 126 1.69 -32.75 -73.59
CA ASP H 126 2.64 -33.82 -73.35
C ASP H 126 2.34 -34.66 -72.11
N ASP H 127 1.15 -34.53 -71.52
CA ASP H 127 0.81 -35.21 -70.26
C ASP H 127 1.79 -34.86 -69.14
N LYS H 128 2.28 -33.62 -69.14
CA LYS H 128 3.06 -33.13 -68.02
C LYS H 128 2.38 -31.88 -67.45
N PRO H 129 2.51 -31.64 -66.14
CA PRO H 129 1.99 -30.38 -65.59
C PRO H 129 2.71 -29.21 -66.24
N HIS H 130 1.99 -28.09 -66.40
CA HIS H 130 2.48 -27.04 -67.30
C HIS H 130 3.82 -26.47 -66.84
N ASN H 131 4.02 -26.34 -65.52
CA ASN H 131 5.24 -25.74 -64.99
C ASN H 131 5.27 -25.93 -63.46
N PRO H 132 6.41 -25.72 -62.79
CA PRO H 132 6.48 -26.00 -61.35
C PRO H 132 5.71 -25.02 -60.47
N MET H 133 5.17 -23.94 -61.03
CA MET H 133 4.49 -22.92 -60.24
C MET H 133 2.99 -23.16 -60.07
N VAL H 134 2.40 -24.11 -60.79
CA VAL H 134 1.01 -24.47 -60.57
C VAL H 134 0.97 -25.73 -59.71
N ASN H 135 -0.20 -25.99 -59.10
CA ASN H 135 -0.29 -27.05 -58.09
C ASN H 135 0.16 -28.41 -58.63
N ALA H 136 -0.29 -28.79 -59.83
CA ALA H 136 0.08 -30.09 -60.38
C ALA H 136 1.58 -30.20 -60.58
N GLY H 137 2.21 -29.10 -61.01
CA GLY H 137 3.66 -29.12 -61.15
C GLY H 137 4.40 -29.18 -59.83
N ALA H 138 3.92 -28.42 -58.83
CA ALA H 138 4.56 -28.47 -57.52
C ALA H 138 4.46 -29.86 -56.92
N ILE H 139 3.33 -30.54 -57.15
CA ILE H 139 3.16 -31.89 -56.62
C ILE H 139 4.16 -32.85 -57.27
N VAL H 140 4.32 -32.78 -58.60
CA VAL H 140 5.31 -33.66 -59.24
C VAL H 140 6.72 -33.32 -58.78
N VAL H 141 7.04 -32.03 -58.66
CA VAL H 141 8.36 -31.63 -58.19
C VAL H 141 8.62 -32.19 -56.79
N THR H 142 7.60 -32.13 -55.92
CA THR H 142 7.73 -32.70 -54.59
C THR H 142 8.10 -34.18 -54.64
N SER H 143 7.52 -34.93 -55.60
CA SER H 143 7.85 -36.35 -55.74
C SER H 143 9.29 -36.58 -56.19
N LEU H 144 10.00 -35.56 -56.65
CA LEU H 144 11.35 -35.78 -57.14
C LEU H 144 12.42 -35.61 -56.06
N ILE H 145 12.10 -34.97 -54.93
CA ILE H 145 13.13 -34.55 -53.99
C ILE H 145 13.47 -35.70 -53.04
N LYS H 146 14.76 -36.01 -52.93
CA LYS H 146 15.26 -36.94 -51.92
C LYS H 146 14.48 -38.26 -51.92
N GLN H 147 14.40 -38.87 -53.11
CA GLN H 147 13.60 -40.07 -53.26
C GLN H 147 14.23 -41.22 -52.49
N GLY H 148 13.38 -42.16 -52.06
CA GLY H 148 13.88 -43.31 -51.34
C GLY H 148 13.78 -43.22 -49.82
N VAL H 149 13.92 -42.02 -49.25
CA VAL H 149 13.85 -41.88 -47.79
C VAL H 149 12.43 -41.59 -47.38
N ASN H 150 12.14 -41.73 -46.09
CA ASN H 150 10.80 -41.51 -45.57
C ASN H 150 10.47 -40.02 -45.51
N ASN H 151 9.21 -39.73 -45.23
CA ASN H 151 8.72 -38.35 -45.31
C ASN H 151 9.39 -37.46 -44.25
N ALA H 152 9.57 -37.97 -43.03
CA ALA H 152 10.21 -37.15 -42.01
C ALA H 152 11.61 -36.72 -42.43
N GLU H 153 12.34 -37.64 -43.06
CA GLU H 153 13.68 -37.32 -43.56
C GLU H 153 13.62 -36.39 -44.76
N LYS H 154 12.64 -36.58 -45.65
CA LYS H 154 12.43 -35.64 -46.75
C LYS H 154 12.20 -34.22 -46.22
N PHE H 155 11.35 -34.10 -45.20
CA PHE H 155 11.03 -32.80 -44.65
C PHE H 155 12.25 -32.15 -43.99
N ASP H 156 12.99 -32.91 -43.18
CA ASP H 156 14.19 -32.36 -42.54
C ASP H 156 15.19 -31.90 -43.59
N TYR H 157 15.33 -32.66 -44.67
CA TYR H 157 16.23 -32.29 -45.75
C TYR H 157 15.86 -30.92 -46.34
N VAL H 158 14.57 -30.71 -46.63
CA VAL H 158 14.17 -29.42 -47.18
C VAL H 158 14.30 -28.31 -46.14
N MET H 159 14.00 -28.62 -44.87
CA MET H 159 14.13 -27.62 -43.82
C MET H 159 15.57 -27.13 -43.70
N GLN H 160 16.52 -28.08 -43.72
CA GLN H 160 17.94 -27.73 -43.74
C GLN H 160 18.25 -26.78 -44.89
N PHE H 161 17.72 -27.09 -46.07
CA PHE H 161 17.95 -26.26 -47.22
C PHE H 161 17.39 -24.85 -47.03
N LEU H 162 16.14 -24.75 -46.54
CA LEU H 162 15.56 -23.41 -46.35
C LEU H 162 16.31 -22.62 -45.29
N ASN H 163 16.80 -23.29 -44.24
CA ASN H 163 17.64 -22.62 -43.24
C ASN H 163 18.87 -21.98 -43.90
N LYS H 164 19.55 -22.73 -44.78
CA LYS H 164 20.70 -22.15 -45.48
C LYS H 164 20.28 -20.99 -46.36
N MET H 165 19.14 -21.11 -47.05
CA MET H 165 18.68 -20.02 -47.90
C MET H 165 18.40 -18.77 -47.09
N ALA H 166 17.80 -18.92 -45.91
CA ALA H 166 17.46 -17.80 -45.05
C ALA H 166 18.61 -17.38 -44.13
N GLY H 167 19.81 -17.93 -44.32
CA GLY H 167 20.92 -17.63 -43.43
C GLY H 167 20.58 -17.88 -41.97
N ASN H 168 19.85 -18.96 -41.70
CA ASN H 168 19.46 -19.41 -40.37
C ASN H 168 18.49 -18.49 -39.65
N GLU H 169 17.80 -17.61 -40.38
CA GLU H 169 16.74 -16.82 -39.77
C GLU H 169 15.45 -17.66 -39.73
N TYR H 170 14.35 -17.03 -39.31
CA TYR H 170 13.12 -17.73 -38.93
C TYR H 170 12.60 -18.63 -40.04
N VAL H 171 12.59 -19.94 -39.78
CA VAL H 171 11.85 -20.91 -40.58
C VAL H 171 11.12 -21.82 -39.60
N GLY H 172 9.80 -21.72 -39.56
CA GLY H 172 8.98 -22.53 -38.70
C GLY H 172 8.05 -23.45 -39.48
N PHE H 173 7.06 -23.97 -38.76
CA PHE H 173 6.09 -24.93 -39.30
C PHE H 173 4.77 -24.74 -38.59
N SER H 174 3.68 -24.58 -39.35
CA SER H 174 2.34 -24.45 -38.79
C SER H 174 1.63 -25.79 -38.92
N ASN H 175 1.56 -26.53 -37.80
CA ASN H 175 0.87 -27.82 -37.82
C ASN H 175 -0.62 -27.65 -38.05
N ALA H 176 -1.22 -26.54 -37.59
CA ALA H 176 -2.65 -26.35 -37.80
C ALA H 176 -2.97 -26.09 -39.27
N THR H 177 -2.13 -25.32 -39.96
CA THR H 177 -2.34 -25.14 -41.41
C THR H 177 -2.20 -26.47 -42.14
N PHE H 178 -1.17 -27.23 -41.82
CA PHE H 178 -0.97 -28.54 -42.43
C PHE H 178 -2.19 -29.45 -42.26
N GLN H 179 -2.71 -29.57 -41.03
CA GLN H 179 -3.88 -30.43 -40.82
C GLN H 179 -5.09 -29.92 -41.59
N SER H 180 -5.32 -28.60 -41.59
CA SER H 180 -6.46 -28.06 -42.30
C SER H 180 -6.29 -28.20 -43.82
N GLU H 181 -5.07 -27.97 -44.32
CA GLU H 181 -4.84 -28.05 -45.77
C GLU H 181 -5.12 -29.46 -46.27
N ARG H 182 -4.60 -30.46 -45.57
CA ARG H 182 -4.78 -31.83 -45.99
C ARG H 182 -6.24 -32.25 -45.91
N GLU H 183 -6.92 -31.94 -44.80
CA GLU H 183 -8.30 -32.38 -44.66
C GLU H 183 -9.25 -31.69 -45.64
N SER H 184 -8.91 -30.52 -46.16
CA SER H 184 -9.79 -29.84 -47.10
C SER H 184 -9.25 -29.82 -48.53
N GLY H 185 -8.16 -30.53 -48.82
CA GLY H 185 -7.52 -30.40 -50.11
C GLY H 185 -8.02 -31.36 -51.19
N ASP H 186 -9.34 -31.37 -51.43
CA ASP H 186 -9.90 -32.30 -52.39
C ASP H 186 -9.34 -32.07 -53.79
N ARG H 187 -9.14 -30.82 -54.19
CA ARG H 187 -8.63 -30.56 -55.53
C ARG H 187 -7.22 -31.12 -55.69
N ASN H 188 -6.40 -31.03 -54.63
CA ASN H 188 -5.05 -31.57 -54.71
C ASN H 188 -5.05 -33.10 -54.74
N PHE H 189 -6.01 -33.73 -54.07
CA PHE H 189 -6.14 -35.18 -54.20
C PHE H 189 -6.63 -35.56 -55.59
N ALA H 190 -7.51 -34.75 -56.17
CA ALA H 190 -7.95 -35.01 -57.54
C ALA H 190 -6.78 -34.94 -58.49
N ILE H 191 -5.90 -33.94 -58.31
CA ILE H 191 -4.69 -33.84 -59.11
C ILE H 191 -3.78 -35.04 -58.86
N GLY H 192 -3.63 -35.44 -57.60
CA GLY H 192 -2.74 -36.56 -57.29
C GLY H 192 -3.15 -37.84 -57.98
N TYR H 193 -4.45 -38.17 -57.92
CA TYR H 193 -4.93 -39.38 -58.60
C TYR H 193 -4.83 -39.26 -60.11
N TYR H 194 -5.11 -38.08 -60.68
CA TYR H 194 -4.99 -37.92 -62.13
C TYR H 194 -3.54 -38.09 -62.59
N LEU H 195 -2.59 -37.54 -61.83
CA LEU H 195 -1.17 -37.68 -62.18
C LEU H 195 -0.72 -39.15 -62.07
N LYS H 196 -1.26 -39.86 -61.09
CA LYS H 196 -0.97 -41.29 -60.97
C LYS H 196 -1.53 -42.04 -62.18
N GLU H 197 -2.77 -41.74 -62.55
CA GLU H 197 -3.40 -42.33 -63.73
C GLU H 197 -2.55 -42.15 -64.98
N LYS H 198 -2.04 -40.94 -65.20
CA LYS H 198 -1.27 -40.63 -66.39
C LYS H 198 0.23 -40.90 -66.23
N LYS H 199 0.63 -41.60 -65.15
CA LYS H 199 2.01 -42.04 -64.96
C LYS H 199 2.99 -40.86 -64.94
N CYS H 200 2.62 -39.78 -64.24
CA CYS H 200 3.47 -38.60 -64.14
C CYS H 200 4.53 -38.69 -63.05
N PHE H 201 4.42 -39.63 -62.14
CA PHE H 201 5.41 -39.70 -61.06
C PHE H 201 6.53 -40.67 -61.43
N PRO H 202 7.73 -40.49 -60.86
CA PRO H 202 8.75 -41.55 -60.96
C PRO H 202 8.18 -42.84 -60.38
N GLU H 203 8.55 -43.97 -60.98
CA GLU H 203 8.01 -45.23 -60.51
C GLU H 203 8.43 -45.49 -59.06
N GLY H 204 7.59 -46.20 -58.33
CA GLY H 204 7.77 -46.39 -56.90
C GLY H 204 7.17 -45.30 -56.02
N THR H 205 6.57 -44.26 -56.61
CA THR H 205 6.04 -43.17 -55.81
C THR H 205 4.78 -43.59 -55.05
N ASP H 206 4.75 -43.31 -53.76
CA ASP H 206 3.53 -43.41 -52.96
C ASP H 206 2.82 -42.06 -53.04
N MET H 207 1.73 -42.00 -53.83
CA MET H 207 1.13 -40.72 -54.17
C MET H 207 0.54 -40.03 -52.93
N VAL H 208 -0.22 -40.76 -52.12
CA VAL H 208 -0.78 -40.18 -50.89
C VAL H 208 0.33 -39.62 -50.00
N GLY H 209 1.46 -40.35 -49.90
CA GLY H 209 2.59 -39.84 -49.13
C GLY H 209 3.21 -38.59 -49.72
N ILE H 210 3.20 -38.46 -51.05
CA ILE H 210 3.69 -37.23 -51.66
C ILE H 210 2.76 -36.06 -51.34
N LEU H 211 1.45 -36.29 -51.35
CA LEU H 211 0.53 -35.20 -51.04
C LEU H 211 0.73 -34.71 -49.60
N ASP H 212 0.97 -35.64 -48.67
CA ASP H 212 1.30 -35.29 -47.29
C ASP H 212 2.51 -34.37 -47.24
N PHE H 213 3.61 -34.79 -47.87
CA PHE H 213 4.82 -34.00 -47.91
C PHE H 213 4.54 -32.62 -48.52
N TYR H 214 3.72 -32.60 -49.57
CA TYR H 214 3.36 -31.35 -50.24
C TYR H 214 2.60 -30.40 -49.31
N PHE H 215 1.59 -30.91 -48.61
CA PHE H 215 0.86 -30.09 -47.64
C PHE H 215 1.79 -29.55 -46.56
N GLN H 216 2.75 -30.36 -46.11
CA GLN H 216 3.72 -29.93 -45.13
C GLN H 216 4.57 -28.76 -45.62
N LEU H 217 5.11 -28.88 -46.84
CA LEU H 217 5.95 -27.81 -47.38
C LEU H 217 5.15 -26.51 -47.51
N CYS H 218 3.88 -26.60 -47.92
CA CYS H 218 3.03 -25.42 -47.99
C CYS H 218 2.85 -24.78 -46.62
N SER H 219 3.03 -25.55 -45.54
CA SER H 219 2.77 -25.08 -44.18
C SER H 219 4.02 -24.61 -43.46
N ILE H 220 5.15 -24.49 -44.15
CA ILE H 220 6.34 -23.89 -43.57
C ILE H 220 6.12 -22.40 -43.39
N GLU H 221 6.56 -21.88 -42.24
CA GLU H 221 6.36 -20.50 -41.84
C GLU H 221 7.65 -19.71 -41.95
N VAL H 222 7.53 -18.45 -42.32
CA VAL H 222 8.64 -17.51 -42.39
C VAL H 222 8.15 -16.19 -41.85
N THR H 223 9.06 -15.25 -41.70
CA THR H 223 8.68 -13.84 -41.59
C THR H 223 9.13 -13.13 -42.86
N CYS H 224 8.65 -11.88 -43.00
CA CYS H 224 9.16 -11.02 -44.08
C CYS H 224 10.68 -10.95 -44.03
N GLU H 225 11.25 -10.90 -42.83
CA GLU H 225 12.69 -10.71 -42.68
C GLU H 225 13.45 -11.94 -43.12
N SER H 226 13.02 -13.13 -42.69
CA SER H 226 13.78 -14.30 -43.11
C SER H 226 13.52 -14.63 -44.58
N ALA H 227 12.32 -14.33 -45.08
CA ALA H 227 12.01 -14.64 -46.47
C ALA H 227 12.81 -13.76 -47.42
N SER H 228 12.97 -12.48 -47.07
CA SER H 228 13.74 -11.57 -47.92
C SER H 228 15.17 -12.06 -48.10
N VAL H 229 15.70 -12.74 -47.07
CA VAL H 229 17.04 -13.34 -47.20
C VAL H 229 17.01 -14.50 -48.19
N MET H 230 15.96 -15.33 -48.14
CA MET H 230 15.80 -16.37 -49.15
C MET H 230 15.78 -15.77 -50.56
N ALA H 231 14.99 -14.72 -50.76
CA ALA H 231 14.94 -14.06 -52.06
C ALA H 231 16.28 -13.48 -52.45
N ALA H 232 17.03 -12.96 -51.46
CA ALA H 232 18.34 -12.38 -51.75
C ALA H 232 19.34 -13.46 -52.14
N THR H 233 19.18 -14.68 -51.63
CA THR H 233 20.02 -15.77 -52.09
C THR H 233 19.79 -16.05 -53.58
N LEU H 234 18.53 -15.96 -54.03
CA LEU H 234 18.23 -16.10 -55.45
C LEU H 234 18.76 -14.91 -56.25
N ALA H 235 18.68 -13.71 -55.68
CA ALA H 235 19.22 -12.53 -56.36
C ALA H 235 20.73 -12.56 -56.44
N ASN H 236 21.40 -13.36 -55.61
CA ASN H 236 22.85 -13.37 -55.47
C ASN H 236 23.48 -14.61 -56.08
N GLY H 237 22.89 -15.13 -57.16
CA GLY H 237 23.48 -16.28 -57.85
C GLY H 237 23.56 -17.54 -57.03
N GLY H 238 22.71 -17.69 -56.03
CA GLY H 238 22.73 -18.89 -55.20
C GLY H 238 23.58 -18.80 -53.95
N PHE H 239 24.16 -17.65 -53.65
CA PHE H 239 24.97 -17.46 -52.45
C PHE H 239 24.16 -16.69 -51.41
N CYS H 240 24.06 -17.22 -50.20
CA CYS H 240 23.36 -16.50 -49.15
C CYS H 240 24.13 -15.24 -48.80
N PRO H 241 23.54 -14.05 -48.92
CA PRO H 241 24.31 -12.81 -48.73
C PRO H 241 24.71 -12.54 -47.28
N ILE H 242 24.12 -13.19 -46.29
CA ILE H 242 24.48 -12.89 -44.91
C ILE H 242 25.32 -13.99 -44.28
N THR H 243 25.64 -15.05 -45.03
CA THR H 243 26.60 -16.05 -44.59
C THR H 243 27.69 -16.33 -45.61
N GLY H 244 27.53 -15.89 -46.86
CA GLY H 244 28.45 -16.23 -47.93
C GLY H 244 28.39 -17.67 -48.39
N GLU H 245 27.58 -18.51 -47.76
CA GLU H 245 27.52 -19.92 -48.12
C GLU H 245 26.91 -20.12 -49.50
N ARG H 246 27.43 -21.10 -50.25
CA ARG H 246 26.83 -21.51 -51.51
C ARG H 246 25.67 -22.45 -51.21
N VAL H 247 24.46 -22.08 -51.64
CA VAL H 247 23.24 -22.81 -51.30
C VAL H 247 22.66 -23.52 -52.52
N LEU H 248 22.58 -22.82 -53.64
CA LEU H 248 21.97 -23.35 -54.84
C LEU H 248 22.94 -23.21 -56.01
N SER H 249 22.93 -24.19 -56.90
CA SER H 249 23.73 -24.12 -58.12
C SER H 249 23.30 -22.94 -59.01
N PRO H 250 24.22 -22.41 -59.82
CA PRO H 250 23.81 -21.38 -60.81
C PRO H 250 22.69 -21.84 -61.72
N GLU H 251 22.70 -23.12 -62.11
CA GLU H 251 21.65 -23.67 -62.95
C GLU H 251 20.30 -23.58 -62.24
N ALA H 252 20.24 -24.02 -60.99
CA ALA H 252 18.99 -23.96 -60.24
C ALA H 252 18.46 -22.53 -60.16
N VAL H 253 19.33 -21.57 -59.86
CA VAL H 253 18.88 -20.20 -59.70
C VAL H 253 18.31 -19.65 -61.00
N ARG H 254 19.06 -19.81 -62.10
CA ARG H 254 18.63 -19.28 -63.39
C ARG H 254 17.27 -19.85 -63.80
N ASN H 255 17.11 -21.18 -63.70
CA ASN H 255 15.83 -21.82 -64.00
C ASN H 255 14.71 -21.26 -63.13
N THR H 256 14.95 -21.18 -61.83
CA THR H 256 13.91 -20.72 -60.90
C THR H 256 13.49 -19.30 -61.23
N LEU H 257 14.46 -18.42 -61.50
CA LEU H 257 14.10 -17.04 -61.81
C LEU H 257 13.29 -16.94 -63.10
N SER H 258 13.65 -17.72 -64.12
CA SER H 258 12.93 -17.64 -65.40
C SER H 258 11.46 -18.00 -65.22
N LEU H 259 11.20 -19.08 -64.47
CA LEU H 259 9.81 -19.51 -64.27
C LEU H 259 9.07 -18.59 -63.30
N MET H 260 9.76 -18.00 -62.33
CA MET H 260 9.11 -16.98 -61.51
C MET H 260 8.75 -15.78 -62.37
N HIS H 261 9.61 -15.42 -63.32
CA HIS H 261 9.33 -14.29 -64.19
C HIS H 261 8.03 -14.48 -64.95
N SER H 262 7.77 -15.72 -65.40
CA SER H 262 6.70 -15.97 -66.34
C SER H 262 5.48 -16.66 -65.73
N CYS H 263 5.62 -17.40 -64.64
CA CYS H 263 4.50 -18.17 -64.11
C CYS H 263 4.23 -17.89 -62.63
N GLY H 264 4.81 -16.84 -62.05
CA GLY H 264 4.85 -16.74 -60.60
C GLY H 264 3.72 -16.01 -59.92
N MET H 265 2.84 -15.35 -60.67
CA MET H 265 1.79 -14.52 -60.11
C MET H 265 0.40 -15.00 -60.52
N TYR H 266 0.20 -16.32 -60.56
CA TYR H 266 -1.10 -16.91 -60.94
C TYR H 266 -1.53 -16.36 -62.30
N ASP H 267 -2.83 -16.05 -62.48
CA ASP H 267 -3.31 -15.52 -63.75
C ASP H 267 -2.87 -14.11 -64.03
N PHE H 268 -2.24 -13.44 -63.07
CA PHE H 268 -1.69 -12.11 -63.30
C PHE H 268 -0.25 -12.16 -63.85
N SER H 269 0.31 -13.36 -64.05
CA SER H 269 1.74 -13.48 -64.37
C SER H 269 2.12 -12.73 -65.65
N GLY H 270 1.29 -12.84 -66.70
CA GLY H 270 1.61 -12.15 -67.94
C GLY H 270 1.61 -10.64 -67.78
N GLN H 271 0.60 -10.11 -67.10
CA GLN H 271 0.56 -8.66 -66.82
C GLN H 271 1.75 -8.23 -65.98
N PHE H 272 2.11 -9.05 -64.99
CA PHE H 272 3.19 -8.68 -64.09
C PHE H 272 4.53 -8.68 -64.82
N ALA H 273 4.79 -9.72 -65.60
CA ALA H 273 5.99 -9.74 -66.43
C ALA H 273 6.06 -8.49 -67.31
N PHE H 274 4.93 -8.05 -67.88
CA PHE H 274 4.96 -6.92 -68.79
C PHE H 274 5.20 -5.60 -68.06
N HIS H 275 4.45 -5.34 -66.98
CA HIS H 275 4.53 -4.04 -66.31
C HIS H 275 5.61 -3.95 -65.23
N VAL H 276 6.01 -5.06 -64.64
CA VAL H 276 6.98 -5.06 -63.54
C VAL H 276 8.30 -5.68 -63.97
N GLY H 277 8.25 -6.83 -64.64
CA GLY H 277 9.44 -7.39 -65.24
C GLY H 277 10.47 -7.93 -64.26
N LEU H 278 10.04 -8.37 -63.10
CA LEU H 278 10.91 -8.98 -62.10
C LEU H 278 10.44 -10.39 -61.80
N PRO H 279 11.35 -11.30 -61.48
CA PRO H 279 10.91 -12.61 -60.98
C PRO H 279 10.26 -12.43 -59.61
N ALA H 280 9.04 -12.94 -59.46
CA ALA H 280 8.29 -12.84 -58.21
C ALA H 280 7.41 -14.07 -58.07
N LYS H 281 7.02 -14.38 -56.83
CA LYS H 281 6.11 -15.49 -56.56
C LYS H 281 5.15 -15.09 -55.45
N SER H 282 3.86 -15.14 -55.73
CA SER H 282 2.86 -14.85 -54.71
C SER H 282 2.34 -16.14 -54.05
N GLY H 283 1.58 -15.94 -52.97
CA GLY H 283 1.04 -17.02 -52.17
C GLY H 283 -0.25 -16.56 -51.51
N VAL H 284 -1.09 -17.52 -51.15
CA VAL H 284 -2.43 -17.18 -50.67
C VAL H 284 -2.41 -16.57 -49.27
N ALA H 285 -1.29 -16.68 -48.53
CA ALA H 285 -1.15 -15.97 -47.27
C ALA H 285 -0.98 -14.47 -47.46
N GLY H 286 -0.79 -14.01 -48.70
CA GLY H 286 -0.53 -12.60 -48.96
C GLY H 286 0.94 -12.27 -49.13
N GLY H 287 1.82 -13.26 -49.13
CA GLY H 287 3.22 -13.01 -49.41
C GLY H 287 3.47 -12.81 -50.90
N ILE H 288 4.46 -11.96 -51.21
CA ILE H 288 5.05 -11.85 -52.54
C ILE H 288 6.58 -11.87 -52.37
N LEU H 289 7.20 -12.97 -52.74
CA LEU H 289 8.65 -13.10 -52.78
C LEU H 289 9.16 -12.44 -54.06
N LEU H 290 9.96 -11.38 -53.94
CA LEU H 290 10.38 -10.56 -55.07
C LEU H 290 11.89 -10.56 -55.20
N VAL H 291 12.40 -10.77 -56.41
CA VAL H 291 13.83 -10.83 -56.66
C VAL H 291 14.20 -9.73 -57.65
N VAL H 292 15.21 -8.93 -57.29
CA VAL H 292 15.87 -8.00 -58.22
C VAL H 292 17.26 -8.56 -58.47
N PRO H 293 17.48 -9.26 -59.58
CA PRO H 293 18.74 -9.99 -59.77
C PRO H 293 19.96 -9.07 -59.63
N ASN H 294 20.96 -9.55 -58.90
CA ASN H 294 22.22 -8.84 -58.62
C ASN H 294 22.01 -7.59 -57.78
N VAL H 295 20.82 -7.35 -57.23
CA VAL H 295 20.61 -6.16 -56.43
C VAL H 295 20.08 -6.55 -55.04
N MET H 296 18.95 -7.25 -54.98
CA MET H 296 18.32 -7.49 -53.68
C MET H 296 17.21 -8.52 -53.81
N GLY H 297 16.87 -9.11 -52.67
CA GLY H 297 15.65 -9.88 -52.49
C GLY H 297 14.71 -9.11 -51.58
N MET H 298 13.41 -9.32 -51.78
CA MET H 298 12.39 -8.70 -50.95
C MET H 298 11.27 -9.68 -50.67
N MET H 299 10.60 -9.48 -49.54
CA MET H 299 9.35 -10.14 -49.22
C MET H 299 8.35 -9.08 -48.79
N CYS H 300 7.24 -8.98 -49.52
CA CYS H 300 6.11 -8.14 -49.18
C CYS H 300 5.00 -9.03 -48.66
N TRP H 301 4.27 -8.55 -47.65
CA TRP H 301 3.23 -9.39 -47.07
C TRP H 301 2.06 -8.54 -46.59
N SER H 302 0.90 -8.82 -47.16
CA SER H 302 -0.36 -8.29 -46.68
C SER H 302 -1.47 -9.28 -47.05
N PRO H 303 -2.18 -9.81 -46.06
CA PRO H 303 -3.12 -10.93 -46.28
C PRO H 303 -4.24 -10.67 -47.29
N PRO H 304 -4.79 -9.45 -47.43
CA PRO H 304 -5.94 -9.31 -48.35
C PRO H 304 -5.51 -9.46 -49.82
N LEU H 305 -6.23 -10.32 -50.56
CA LEU H 305 -5.88 -10.70 -51.92
C LEU H 305 -6.87 -10.09 -52.92
N ASP H 306 -6.39 -9.86 -54.16
CA ASP H 306 -7.32 -9.47 -55.21
C ASP H 306 -7.99 -10.71 -55.80
N LYS H 307 -8.82 -10.50 -56.83
CA LYS H 307 -9.54 -11.60 -57.47
C LYS H 307 -8.59 -12.64 -58.06
N MET H 308 -7.39 -12.24 -58.44
CA MET H 308 -6.47 -13.21 -59.00
C MET H 308 -5.65 -13.96 -57.94
N GLY H 309 -5.82 -13.64 -56.65
CA GLY H 309 -5.10 -14.35 -55.63
C GLY H 309 -3.80 -13.70 -55.17
N ASN H 310 -3.52 -12.48 -55.61
CA ASN H 310 -2.29 -11.77 -55.24
C ASN H 310 -2.59 -10.69 -54.22
N SER H 311 -1.64 -10.48 -53.28
CA SER H 311 -1.80 -9.45 -52.26
C SER H 311 -2.02 -8.07 -52.88
N VAL H 312 -3.10 -7.39 -52.47
CA VAL H 312 -3.43 -6.07 -53.05
C VAL H 312 -2.32 -5.07 -52.77
N LYS H 313 -1.86 -4.98 -51.52
CA LYS H 313 -0.82 -4.00 -51.18
C LYS H 313 0.52 -4.36 -51.82
N GLY H 314 0.85 -5.66 -51.83
CA GLY H 314 2.10 -6.08 -52.44
C GLY H 314 2.17 -5.76 -53.92
N ILE H 315 1.05 -5.96 -54.63
CA ILE H 315 1.01 -5.65 -56.07
C ILE H 315 1.18 -4.16 -56.29
N HIS H 316 0.46 -3.34 -55.51
CA HIS H 316 0.61 -1.90 -55.62
C HIS H 316 2.04 -1.48 -55.35
N PHE H 317 2.65 -2.05 -54.32
CA PHE H 317 4.05 -1.75 -53.98
C PHE H 317 5.00 -2.14 -55.11
N CYS H 318 4.84 -3.36 -55.67
CA CYS H 318 5.71 -3.79 -56.75
C CYS H 318 5.65 -2.86 -57.94
N HIS H 319 4.46 -2.38 -58.31
CA HIS H 319 4.33 -1.46 -59.43
C HIS H 319 5.08 -0.16 -59.14
N ASP H 320 4.87 0.41 -57.95
CA ASP H 320 5.53 1.66 -57.57
C ASP H 320 7.04 1.48 -57.52
N LEU H 321 7.51 0.32 -57.08
CA LEU H 321 8.94 0.10 -56.92
C LEU H 321 9.67 0.21 -58.27
N VAL H 322 9.14 -0.43 -59.31
CA VAL H 322 9.84 -0.38 -60.59
C VAL H 322 9.65 0.97 -61.27
N SER H 323 8.53 1.64 -61.02
CA SER H 323 8.29 2.97 -61.57
C SER H 323 9.10 4.06 -60.88
N LEU H 324 9.97 3.70 -59.96
CA LEU H 324 10.77 4.64 -59.20
C LEU H 324 12.26 4.38 -59.33
N CYS H 325 12.67 3.11 -59.21
CA CYS H 325 14.08 2.76 -59.27
C CYS H 325 14.48 2.16 -60.61
N ASN H 326 13.54 2.07 -61.56
CA ASN H 326 13.82 1.53 -62.89
C ASN H 326 14.46 0.15 -62.81
N PHE H 327 13.82 -0.73 -62.02
CA PHE H 327 14.29 -2.08 -61.79
C PHE H 327 13.77 -3.09 -62.82
N HIS H 328 12.82 -2.70 -63.67
CA HIS H 328 12.31 -3.56 -64.75
C HIS H 328 13.47 -4.17 -65.53
N ASN H 329 13.38 -5.48 -65.82
CA ASN H 329 14.49 -6.17 -66.45
C ASN H 329 14.92 -5.54 -67.78
N TYR H 330 14.00 -4.90 -68.50
CA TYR H 330 14.32 -4.27 -69.78
C TYR H 330 14.26 -2.75 -69.71
N ASP H 331 14.47 -2.19 -68.51
CA ASP H 331 14.53 -0.75 -68.32
C ASP H 331 15.90 -0.20 -68.67
C10 63J I . -6.29 6.11 -2.85
C13 63J I . -3.28 4.40 -4.41
C15 63J I . -4.11 3.08 -2.58
C20 63J I . -5.22 6.49 7.82
C21 63J I . -5.31 5.13 7.59
C22 63J I . -4.20 4.36 7.81
C26 63J I . -0.42 2.09 8.85
C28 63J I . 1.37 1.69 7.11
C01 63J I . -6.83 7.55 6.13
C02 63J I . -5.76 8.27 5.35
C03 63J I . -6.36 9.18 4.29
C04 63J I . -6.76 8.44 3.03
N05 63J I . -7.97 7.92 2.81
N06 63J I . -8.15 7.31 1.63
C07 63J I . -7.10 7.27 0.78
N08 63J I . -7.14 6.67 -0.50
C09 63J I . -6.12 6.79 -1.49
C11 63J I . -5.19 5.11 -3.12
C12 63J I . -4.29 5.31 -4.16
C14 63J I . -3.19 3.26 -3.61
N16 63J I . -5.08 4.00 -2.37
O17 63J I . -5.12 7.44 -1.26
S18 63J I . -5.82 8.11 1.61
C19 63J I . -6.43 7.39 7.60
C23 63J I . -3.02 4.95 8.26
N24 63J I . -1.81 4.20 8.49
C25 63J I . -1.75 2.78 8.62
C27 63J I . 0.07 1.49 7.55
C29 63J I . 1.82 1.15 5.90
C30 63J I . 0.96 0.39 5.12
C31 63J I . -0.36 0.19 5.55
C32 63J I . -0.78 0.73 6.76
O33 63J I . -1.24 -0.57 4.76
C34 63J I . -2.09 0.23 3.97
F35 63J I . -1.35 1.03 3.19
F36 63J I . -2.88 0.98 4.76
F37 63J I . -2.85 -0.56 3.20
O38 63J I . -2.75 2.08 8.55
N39 63J I . -2.98 6.28 8.46
N40 63J I . -4.08 7.04 8.24
C10 63J J . 5.03 0.68 -7.33
C13 63J J . 2.11 2.67 -5.89
C15 63J J . 2.44 0.66 -4.63
C20 63J J . 5.67 -9.24 -3.65
C21 63J J . 5.79 -8.44 -2.52
C22 63J J . 4.76 -8.46 -1.59
C26 63J J . 1.33 -8.82 1.31
C28 63J J . -0.15 -7.28 2.70
C01 63J J . 6.87 -7.95 -5.47
C02 63J J . 5.71 -7.78 -6.42
C03 63J J . 6.08 -7.05 -7.70
C04 63J J . 6.31 -5.56 -7.52
N05 63J J . 7.50 -5.00 -7.30
N06 63J J . 7.52 -3.66 -7.17
C07 63J J . 6.35 -3.00 -7.29
N08 63J J . 6.23 -1.58 -7.17
C09 63J J . 5.05 -0.84 -7.51
C11 63J J . 3.86 1.10 -6.46
C12 63J J . 3.18 2.29 -6.69
C14 63J J . 1.74 1.83 -4.84
N16 63J J . 3.47 0.33 -5.43
O17 63J J . 4.08 -1.41 -7.94
S18 63J J . 5.16 -4.24 -7.57
C19 63J J . 6.78 -9.26 -4.69
C23 63J J . 3.65 -9.26 -1.81
N24 63J J . 2.55 -9.27 -0.89
C25 63J J . 2.59 -8.80 0.47
C27 63J J . 0.99 -7.45 1.90
C29 63J J . -0.46 -6.02 3.23
C30 63J J . 0.35 -4.93 2.98
C31 63J J . 1.49 -5.08 2.18
C32 63J J . 1.79 -6.34 1.67
O33 63J J . 2.33 -3.95 1.95
C34 63J J . 2.59 -3.59 0.61
F35 63J J . 1.44 -3.45 -0.05
F36 63J J . 3.36 -4.53 0.04
F37 63J J . 3.25 -2.43 0.60
O38 63J J . 3.63 -8.40 0.95
N39 63J J . 3.56 -9.99 -2.94
N40 63J J . 4.57 -9.99 -3.84
C10 63J K . -2.91 80.42 0.21
C13 63J K . -2.80 81.25 -3.50
C15 63J K . -0.86 79.97 -2.90
C20 63J K . 4.75 72.67 1.02
C21 63J K . 4.30 72.44 -0.27
C22 63J K . 5.13 72.78 -1.32
C26 63J K . 8.10 73.94 -4.53
C28 63J K . 7.55 73.93 -7.01
C01 63J K . 2.59 73.14 2.17
C02 63J K . 2.46 74.23 3.22
C03 63J K . 1.02 74.39 3.69
C04 63J K . 0.17 75.41 2.93
N05 63J K . -1.08 75.23 2.45
N06 63J K . -1.63 76.31 1.82
C07 63J K . -0.89 77.44 1.76
N08 63J K . -1.22 78.70 1.14
C09 63J K . -2.56 79.09 0.88
C11 63J K . -2.46 80.50 -1.24
C12 63J K . -3.21 81.17 -2.19
C14 63J K . -1.60 80.63 -3.87
N16 63J K . -1.29 79.92 -1.63
O17 63J K . -3.45 78.36 1.21
S18 63J K . 0.59 77.03 2.54
C19 63J K . 3.87 72.32 2.21
C23 63J K . 6.38 73.34 -1.06
N24 63J K . 7.28 73.75 -2.10
C25 63J K . 7.11 73.44 -3.49
C27 63J K . 7.34 74.46 -5.74
C29 63J K . 6.82 74.42 -8.10
C30 63J K . 5.88 75.44 -7.91
C31 63J K . 5.66 75.96 -6.65
C32 63J K . 6.41 75.47 -5.57
O33 63J K . 4.71 76.99 -6.45
C34 63J K . 3.44 76.60 -5.98
F35 63J K . 2.88 77.63 -5.33
F36 63J K . 3.54 75.56 -5.12
F37 63J K . 2.66 76.26 -7.01
O38 63J K . 6.17 72.79 -3.89
N39 63J K . 6.76 73.57 0.22
N40 63J K . 5.95 73.23 1.24
C10 63J L . -0.60 87.95 -7.88
C13 63J L . 0.05 84.21 -8.47
C15 63J L . 1.13 84.93 -6.46
C20 63J L . 1.56 84.13 -17.65
C21 63J L . 2.59 83.57 -16.91
C22 63J L . 2.54 82.21 -16.63
C26 63J L . 2.06 77.74 -16.01
C28 63J L . 4.01 76.46 -15.01
C01 63J L . 1.45 86.41 -16.69
C02 63J L . 0.13 87.13 -16.45
C03 63J L . 0.34 88.49 -15.79
C04 63J L . 0.41 88.51 -14.27
N05 63J L . 1.28 89.16 -13.47
N06 63J L . 1.08 89.03 -12.12
C07 63J L . 0.03 88.28 -11.73
N08 63J L . -0.41 87.91 -10.41
C09 63J L . -0.07 88.52 -9.18
C11 63J L . -0.09 86.52 -7.70
C12 63J L . -0.41 85.52 -8.62
C14 63J L . 0.83 83.92 -7.36
N16 63J L . 0.67 86.19 -6.63
O17 63J L . 0.65 89.51 -9.15
S18 63J L . -0.70 87.72 -13.19
C19 63J L . 1.57 85.62 -17.97
C23 63J L . 1.45 81.46 -17.09
N24 63J L . 1.30 80.06 -16.82
C25 63J L . 2.32 79.21 -16.29
C27 63J L . 2.96 77.36 -14.84
C29 63J L . 4.82 76.14 -13.94
C30 63J L . 4.60 76.74 -12.69
C31 63J L . 3.57 77.65 -12.53
C32 63J L . 2.74 77.95 -13.60
O33 63J L . 3.35 78.25 -11.27
C34 63J L . 3.38 79.67 -11.23
F35 63J L . 2.13 80.11 -11.06
F36 63J L . 3.89 80.22 -12.34
F37 63J L . 4.11 80.08 -10.18
O38 63J L . 3.43 79.64 -16.03
N39 63J L . 0.47 82.07 -17.79
N40 63J L . 0.53 83.38 -18.07
#